data_5NBS
#
_entry.id   5NBS
#
_cell.length_a   142.931
_cell.length_b   286.837
_cell.length_c   58.045
_cell.angle_alpha   90.00
_cell.angle_beta   90.00
_cell.angle_gamma   90.00
#
_symmetry.space_group_name_H-M   'P 21 21 2'
#
loop_
_entity.id
_entity.type
_entity.pdbx_description
1 polymer Beta-glucosidase
2 branched alpha-D-mannopyranose-(1-3)-alpha-D-mannopyranose-(1-6)-[alpha-D-mannopyranose-(1-3)]beta-D-mannopyranose-(1-4)-2-acetamido-2-deoxy-beta-D-glucopyranose-(1-4)-2-acetamido-2-deoxy-beta-D-glucopyranose
3 branched alpha-D-mannopyranose-(1-2)-alpha-D-mannopyranose-(1-2)-alpha-D-mannopyranose-(1-3)-[alpha-D-mannopyranose-(1-3)-alpha-D-mannopyranose-(1-6)]beta-D-mannopyranose-(1-4)-2-acetamido-2-deoxy-beta-D-glucopyranose-(1-4)-2-acetamido-2-deoxy-beta-D-glucopyranose
4 branched alpha-D-mannopyranose-(1-3)-beta-D-mannopyranose-(1-4)-2-acetamido-2-deoxy-beta-D-glucopyranose-(1-4)-2-acetamido-2-deoxy-beta-D-glucopyranose
5 branched 2-acetamido-2-deoxy-beta-D-glucopyranose-(1-4)-2-acetamido-2-deoxy-beta-D-glucopyranose
6 branched alpha-D-mannopyranose-(1-2)-alpha-D-mannopyranose-(1-6)-[alpha-D-mannopyranose-(1-3)]alpha-D-mannopyranose-(1-6)-[alpha-D-mannopyranose-(1-2)-alpha-D-mannopyranose-(1-3)]beta-D-mannopyranose-(1-4)-2-acetamido-2-deoxy-beta-D-glucopyranose-(1-4)-2-acetamido-2-deoxy-beta-D-glucopyranose
7 branched beta-D-mannopyranose-(1-4)-2-acetamido-2-deoxy-beta-D-glucopyranose-(1-4)-2-acetamido-2-deoxy-beta-D-glucopyranose
8 branched alpha-D-mannopyranose-(1-2)-alpha-D-mannopyranose-(1-3)-beta-D-mannopyranose-(1-4)-2-acetamido-2-deoxy-beta-D-glucopyranose-(1-4)-2-acetamido-2-deoxy-beta-D-glucopyranose
9 non-polymer 2-acetamido-2-deoxy-beta-D-glucopyranose
10 water water
#
_entity_poly.entity_id   1
_entity_poly.type   'polypeptide(L)'
_entity_poly.pdbx_seq_one_letter_code
;APEPIHPSHQQLNKRSLAYSEPHYPSPWMDPKAIGWEEAYEKAKAFVSQLTLLEKVNLTTGIGWGAEQCVGQTGAIPRLG
LKSMCMQDAPLAIRGTDYNSVFPAGVTTAATFDRGLMYKRGYALGQEAKGKGVTVLLGPVAGPLGRAPEGGRNWEGFSTD
PVLTGIAMAETIKGTQDAGVVACAKHFIGNEQEHFRQVGESQDYGYNISETLSSNIDDKTMHEMYLWPFVDAIRAGVGSF
MCAYTQANNSYSCQNSKLLNNLLKQENGFQGFVMSDWQAHHSGVASAAAGLDMSMPGDTMFNSGRSYWGTNLTLAVLNGT
VPQWRIDDMAMRIMAAFFKVGQTVEDQEPINFSFWTLDTYGPLHWAARKDYQQINWHVNVQGDHGSLIREIAARGTVLLK
NTGSLPLKKPKFLAVIGEDAGPNPLGPNGCADNRCNNGTLGIGWGSGTGNFPYLVTPDQALQARAVQDGSRYESVLRNHA
PTEIKALVSQQDATAIVFVNANSGEGFIEIDGNKGDRLNLTLWNEGDALVKNVSSWCNNTIVVLHTPGPVLLTEWYDNPN
ITAILWAGMPGQESGNSITDVLYGRVNPSGRTPFTWGATRESYGTDVLYEPNNGNEAPQLDYTEGVFIDYRHFDKANASV
LYEFGFGLSYTTFEYSNLKIEKHQVGEYTPTTGQTEAAPTFGNFSESVEDYVFPAAEFPYVYQFIYPYLNSTDMSASSGD
AQYGQTAEEFLPPKANDGSAQPLLRSSGLHHPGGNPALYDIMYTVTADITNTGKVAGDEVPQLYVSLGGPEDPKVVLRGF
DRLRVEPGEKVQFKAVLTRRDVSSWDTVKQDWVITEYAKKVYVGPSSRKLDLEEVLP
;
_entity_poly.pdbx_strand_id   A,B
#
# COMPACT_ATOMS: atom_id res chain seq x y z
N SER A 16 33.35 44.86 -18.19
CA SER A 16 33.33 43.50 -17.56
C SER A 16 31.93 42.94 -17.35
N LEU A 17 30.90 43.78 -17.37
CA LEU A 17 29.52 43.27 -17.31
C LEU A 17 29.23 42.67 -18.68
N ALA A 18 28.79 41.41 -18.68
CA ALA A 18 28.52 40.67 -19.91
C ALA A 18 27.47 41.39 -20.77
N TYR A 19 27.70 41.37 -22.09
CA TYR A 19 26.94 42.17 -23.06
C TYR A 19 26.34 41.28 -24.16
N SER A 20 25.12 41.59 -24.58
CA SER A 20 24.45 40.87 -25.66
C SER A 20 24.29 41.81 -26.85
N GLU A 21 25.00 41.48 -27.94
CA GLU A 21 24.97 42.18 -29.24
C GLU A 21 23.58 42.35 -29.83
N PRO A 22 23.33 43.48 -30.54
CA PRO A 22 22.09 43.62 -31.29
C PRO A 22 22.14 42.83 -32.60
N HIS A 23 21.07 42.09 -32.87
CA HIS A 23 20.91 41.36 -34.11
C HIS A 23 19.49 41.58 -34.66
N TYR A 24 19.42 42.42 -35.71
CA TYR A 24 18.16 42.86 -36.31
C TYR A 24 18.33 42.87 -37.83
N PRO A 25 17.24 42.82 -38.61
CA PRO A 25 15.85 42.70 -38.17
C PRO A 25 15.48 41.28 -37.74
N SER A 26 14.32 41.13 -37.12
CA SER A 26 13.81 39.81 -36.72
C SER A 26 13.43 39.01 -37.96
N PRO A 27 14.13 37.89 -38.22
CA PRO A 27 13.85 37.18 -39.49
C PRO A 27 12.42 36.73 -39.68
N TRP A 28 11.95 36.82 -40.92
CA TRP A 28 10.58 36.45 -41.29
C TRP A 28 10.62 35.04 -41.88
N MET A 29 9.48 34.35 -41.86
CA MET A 29 9.40 32.98 -42.34
C MET A 29 9.79 32.86 -43.81
N ASP A 30 10.39 31.73 -44.16
CA ASP A 30 10.80 31.41 -45.53
C ASP A 30 9.76 30.48 -46.17
N PRO A 31 9.06 30.92 -47.22
CA PRO A 31 8.03 30.07 -47.86
C PRO A 31 8.53 28.74 -48.45
N LYS A 32 9.83 28.63 -48.71
CA LYS A 32 10.45 27.40 -49.22
C LYS A 32 11.18 26.56 -48.16
N ALA A 33 11.07 26.90 -46.87
CA ALA A 33 11.73 26.11 -45.81
C ALA A 33 11.18 24.68 -45.83
N ILE A 34 12.05 23.68 -46.04
CA ILE A 34 11.55 22.29 -46.17
C ILE A 34 10.94 21.81 -44.86
N GLY A 35 9.84 21.08 -44.98
CA GLY A 35 8.99 20.71 -43.85
C GLY A 35 7.87 21.70 -43.59
N TRP A 36 8.05 22.96 -44.00
CA TRP A 36 7.13 24.07 -43.69
C TRP A 36 6.39 24.66 -44.89
N GLU A 37 6.68 24.14 -46.09
CA GLU A 37 6.16 24.74 -47.32
C GLU A 37 4.63 24.73 -47.34
N GLU A 38 4.04 23.58 -47.06
CA GLU A 38 2.58 23.47 -47.01
C GLU A 38 1.96 24.25 -45.83
N ALA A 39 2.60 24.19 -44.66
CA ALA A 39 2.15 24.98 -43.50
C ALA A 39 2.17 26.49 -43.80
N TYR A 40 3.25 26.96 -44.41
CA TYR A 40 3.38 28.35 -44.80
C TYR A 40 2.22 28.84 -45.66
N GLU A 41 1.81 28.05 -46.65
N GLU A 41 1.85 28.03 -46.67
CA GLU A 41 0.74 28.46 -47.55
CA GLU A 41 0.74 28.31 -47.58
C GLU A 41 -0.62 28.51 -46.86
C GLU A 41 -0.59 28.49 -46.85
N LYS A 42 -0.90 27.54 -45.98
CA LYS A 42 -2.12 27.57 -45.18
C LYS A 42 -2.17 28.78 -44.22
N ALA A 43 -1.02 29.07 -43.62
CA ALA A 43 -0.86 30.26 -42.79
C ALA A 43 -1.03 31.54 -43.58
N LYS A 44 -0.46 31.59 -44.79
CA LYS A 44 -0.60 32.76 -45.67
C LYS A 44 -2.06 33.04 -46.06
N ALA A 45 -2.78 31.98 -46.40
CA ALA A 45 -4.19 32.11 -46.79
C ALA A 45 -5.07 32.55 -45.61
N PHE A 46 -4.74 32.09 -44.40
CA PHE A 46 -5.48 32.48 -43.20
C PHE A 46 -5.11 33.90 -42.75
N VAL A 47 -3.81 34.15 -42.57
CA VAL A 47 -3.34 35.44 -42.02
C VAL A 47 -3.71 36.64 -42.90
N SER A 48 -3.69 36.44 -44.22
CA SER A 48 -4.09 37.48 -45.19
C SER A 48 -5.53 37.97 -45.00
N GLN A 49 -6.42 37.12 -44.49
CA GLN A 49 -7.81 37.51 -44.21
C GLN A 49 -8.01 38.32 -42.92
N LEU A 50 -6.96 38.45 -42.09
CA LEU A 50 -7.13 38.96 -40.72
C LEU A 50 -7.01 40.46 -40.58
N THR A 51 -7.84 41.02 -39.70
CA THR A 51 -7.70 42.42 -39.29
C THR A 51 -6.53 42.53 -38.30
N LEU A 52 -6.04 43.74 -38.07
CA LEU A 52 -4.98 43.97 -37.09
C LEU A 52 -5.37 43.48 -35.68
N LEU A 53 -6.59 43.77 -35.25
CA LEU A 53 -7.08 43.31 -33.93
C LEU A 53 -7.04 41.81 -33.79
N GLU A 54 -7.37 41.10 -34.87
CA GLU A 54 -7.35 39.64 -34.90
C GLU A 54 -5.93 39.06 -34.87
N LYS A 55 -4.99 39.70 -35.58
CA LYS A 55 -3.58 39.31 -35.48
C LYS A 55 -3.05 39.51 -34.05
N VAL A 56 -3.39 40.64 -33.43
CA VAL A 56 -3.02 40.94 -32.04
C VAL A 56 -3.62 39.92 -31.06
N ASN A 57 -4.89 39.56 -31.30
CA ASN A 57 -5.54 38.47 -30.57
C ASN A 57 -4.75 37.14 -30.60
N LEU A 58 -4.15 36.79 -31.75
CA LEU A 58 -3.32 35.59 -31.88
C LEU A 58 -2.05 35.65 -31.03
N THR A 59 -1.38 36.79 -31.07
CA THR A 59 -0.09 36.96 -30.44
C THR A 59 -0.12 37.24 -28.93
N THR A 60 -1.28 37.63 -28.40
CA THR A 60 -1.37 38.07 -27.02
C THR A 60 -2.27 37.13 -26.24
N GLY A 61 -1.75 36.63 -25.12
CA GLY A 61 -2.51 35.77 -24.24
C GLY A 61 -3.65 36.54 -23.59
N ILE A 62 -4.67 35.82 -23.17
CA ILE A 62 -5.85 36.48 -22.60
C ILE A 62 -5.71 36.82 -21.12
N GLY A 63 -4.62 36.37 -20.49
CA GLY A 63 -4.32 36.70 -19.09
C GLY A 63 -4.32 35.48 -18.19
N TRP A 64 -3.73 35.62 -17.01
CA TRP A 64 -3.64 34.53 -16.05
C TRP A 64 -5.02 34.30 -15.40
N GLY A 65 -5.50 33.06 -15.52
CA GLY A 65 -6.83 32.69 -15.04
C GLY A 65 -7.99 33.14 -15.89
N ALA A 66 -7.72 33.60 -17.12
CA ALA A 66 -8.76 34.21 -17.95
C ALA A 66 -9.86 33.24 -18.34
N GLU A 67 -9.50 32.02 -18.76
CA GLU A 67 -10.49 31.00 -19.11
C GLU A 67 -10.15 29.61 -18.56
N GLN A 68 -9.65 28.71 -19.41
CA GLN A 68 -9.57 27.28 -19.09
C GLN A 68 -8.16 26.72 -19.01
N CYS A 69 -7.27 27.12 -19.92
CA CYS A 69 -5.93 26.55 -19.98
C CYS A 69 -4.93 27.43 -19.24
N VAL A 70 -3.77 26.85 -18.98
CA VAL A 70 -2.64 27.56 -18.35
C VAL A 70 -2.38 28.88 -19.08
N GLY A 71 -2.43 28.84 -20.40
CA GLY A 71 -2.41 30.04 -21.25
C GLY A 71 -3.34 29.85 -22.43
N GLN A 72 -3.92 30.96 -22.90
CA GLN A 72 -4.81 30.97 -24.07
C GLN A 72 -4.61 32.25 -24.89
N THR A 73 -4.74 32.14 -26.20
CA THR A 73 -4.72 33.31 -27.08
C THR A 73 -6.12 33.87 -27.16
N GLY A 74 -6.23 35.05 -27.77
CA GLY A 74 -7.53 35.54 -28.23
C GLY A 74 -8.06 34.63 -29.33
N ALA A 75 -9.38 34.60 -29.47
CA ALA A 75 -10.04 33.88 -30.55
C ALA A 75 -10.17 34.77 -31.78
N ILE A 76 -10.47 34.16 -32.93
CA ILE A 76 -10.85 34.87 -34.15
C ILE A 76 -12.20 34.30 -34.60
N PRO A 77 -13.28 34.62 -33.88
CA PRO A 77 -14.59 33.98 -34.14
C PRO A 77 -15.24 34.34 -35.48
N ARG A 78 -14.80 35.42 -36.13
CA ARG A 78 -15.24 35.76 -37.49
C ARG A 78 -14.87 34.64 -38.48
N LEU A 79 -13.70 34.02 -38.29
CA LEU A 79 -13.23 32.91 -39.13
C LEU A 79 -13.31 31.53 -38.46
N GLY A 80 -14.06 31.43 -37.35
CA GLY A 80 -14.25 30.16 -36.66
C GLY A 80 -13.04 29.58 -35.94
N LEU A 81 -12.01 30.38 -35.67
CA LEU A 81 -10.84 29.89 -34.91
C LEU A 81 -11.12 30.07 -33.43
N LYS A 82 -11.17 28.96 -32.71
CA LYS A 82 -11.29 28.96 -31.26
C LYS A 82 -9.95 29.28 -30.64
N SER A 83 -9.98 29.85 -29.45
CA SER A 83 -8.76 30.21 -28.72
C SER A 83 -7.78 29.03 -28.58
N MET A 84 -6.50 29.29 -28.83
CA MET A 84 -5.48 28.25 -28.72
C MET A 84 -5.14 27.99 -27.27
N CYS A 85 -5.07 26.71 -26.92
CA CYS A 85 -4.83 26.24 -25.56
C CYS A 85 -3.36 25.81 -25.38
N MET A 86 -2.65 26.52 -24.50
CA MET A 86 -1.26 26.19 -24.13
C MET A 86 -1.31 25.51 -22.78
N GLN A 87 -0.83 24.28 -22.70
CA GLN A 87 -0.97 23.47 -21.49
C GLN A 87 0.32 22.75 -21.17
N ASP A 88 0.79 22.93 -19.94
CA ASP A 88 1.78 22.06 -19.29
C ASP A 88 1.25 20.62 -19.29
N ALA A 89 2.07 19.60 -19.09
CA ALA A 89 3.48 19.64 -18.75
C ALA A 89 4.21 18.70 -19.69
N PRO A 90 5.55 18.66 -19.64
CA PRO A 90 6.30 17.74 -20.48
C PRO A 90 5.99 16.25 -20.31
N LEU A 91 5.54 15.83 -19.12
CA LEU A 91 5.34 14.40 -18.80
C LEU A 91 3.89 14.01 -18.50
N ALA A 92 2.96 14.95 -18.70
CA ALA A 92 1.55 14.76 -18.31
C ALA A 92 0.78 16.00 -18.66
N ILE A 93 -0.52 15.85 -18.90
CA ILE A 93 -1.38 17.01 -19.06
C ILE A 93 -1.64 17.47 -17.63
N ARG A 94 -1.26 18.71 -17.35
CA ARG A 94 -1.30 19.26 -15.99
C ARG A 94 -2.70 19.76 -15.63
N GLY A 95 -3.04 19.60 -14.34
CA GLY A 95 -4.21 20.21 -13.72
C GLY A 95 -5.54 19.72 -14.25
N THR A 96 -5.62 18.43 -14.54
CA THR A 96 -6.89 17.84 -14.97
C THR A 96 -7.05 16.43 -14.44
N ASP A 97 -7.94 15.67 -15.06
CA ASP A 97 -8.30 14.34 -14.60
C ASP A 97 -8.40 13.36 -15.75
N TYR A 98 -8.33 12.07 -15.39
CA TYR A 98 -8.36 10.98 -16.38
C TYR A 98 -7.30 11.14 -17.47
N ASN A 99 -6.10 11.48 -17.00
CA ASN A 99 -4.87 11.53 -17.80
C ASN A 99 -3.85 10.58 -17.18
N SER A 100 -2.76 10.37 -17.90
CA SER A 100 -1.67 9.56 -17.41
C SER A 100 -0.56 10.48 -16.90
N VAL A 101 0.30 9.93 -16.05
CA VAL A 101 1.53 10.61 -15.66
C VAL A 101 2.69 9.72 -16.11
N PHE A 102 3.42 10.21 -17.10
CA PHE A 102 4.52 9.48 -17.73
C PHE A 102 5.80 9.67 -16.92
N PRO A 103 6.83 8.84 -17.20
CA PRO A 103 8.07 9.00 -16.48
C PRO A 103 8.70 10.33 -16.84
N ALA A 104 9.51 10.88 -15.95
CA ALA A 104 10.18 12.14 -16.19
C ALA A 104 11.17 12.00 -17.33
N GLY A 105 11.54 13.15 -17.89
CA GLY A 105 12.56 13.21 -18.93
C GLY A 105 13.84 12.49 -18.54
N VAL A 106 14.34 12.71 -17.33
CA VAL A 106 15.61 12.08 -16.95
C VAL A 106 15.55 10.54 -16.95
N THR A 107 14.41 9.98 -16.57
CA THR A 107 14.19 8.53 -16.62
C THR A 107 14.03 8.05 -18.06
N THR A 108 13.35 8.87 -18.88
CA THR A 108 13.23 8.62 -20.29
C THR A 108 14.61 8.64 -20.99
N ALA A 109 15.44 9.63 -20.65
CA ALA A 109 16.78 9.70 -21.21
C ALA A 109 17.58 8.45 -20.88
N ALA A 110 17.45 7.96 -19.65
CA ALA A 110 18.16 6.76 -19.21
C ALA A 110 17.86 5.45 -20.01
N THR A 111 16.74 5.41 -20.74
CA THR A 111 16.44 4.25 -21.62
C THR A 111 17.41 4.14 -22.80
N PHE A 112 17.96 5.29 -23.23
CA PHE A 112 18.79 5.38 -24.42
C PHE A 112 18.05 4.70 -25.62
N ASP A 113 16.72 4.82 -25.61
CA ASP A 113 15.86 4.08 -26.52
C ASP A 113 14.97 5.04 -27.30
N ARG A 114 15.36 5.26 -28.56
CA ARG A 114 14.68 6.20 -29.47
C ARG A 114 13.19 5.90 -29.65
N GLY A 115 12.85 4.63 -29.82
CA GLY A 115 11.47 4.18 -29.96
C GLY A 115 10.59 4.50 -28.76
N LEU A 116 11.09 4.22 -27.57
CA LEU A 116 10.37 4.59 -26.33
C LEU A 116 10.22 6.10 -26.17
N MET A 117 11.24 6.86 -26.55
CA MET A 117 11.16 8.33 -26.51
C MET A 117 10.05 8.85 -27.43
N TYR A 118 9.98 8.28 -28.64
CA TYR A 118 8.93 8.61 -29.61
C TYR A 118 7.54 8.23 -29.10
N LYS A 119 7.42 7.02 -28.57
CA LYS A 119 6.14 6.51 -28.07
C LYS A 119 5.59 7.34 -26.92
N ARG A 120 6.46 7.73 -26.01
CA ARG A 120 6.10 8.63 -24.91
C ARG A 120 5.60 9.95 -25.47
N GLY A 121 6.35 10.51 -26.42
CA GLY A 121 5.96 11.75 -27.09
C GLY A 121 4.61 11.69 -27.77
N TYR A 122 4.35 10.58 -28.45
CA TYR A 122 3.09 10.35 -29.17
C TYR A 122 1.91 10.19 -28.21
N ALA A 123 2.08 9.33 -27.20
CA ALA A 123 1.06 9.12 -26.17
C ALA A 123 0.67 10.42 -25.46
N LEU A 124 1.69 11.21 -25.09
CA LEU A 124 1.47 12.55 -24.50
C LEU A 124 0.63 13.45 -25.39
N GLY A 125 0.97 13.44 -26.68
CA GLY A 125 0.27 14.21 -27.70
C GLY A 125 -1.16 13.76 -27.85
N GLN A 126 -1.39 12.45 -27.81
CA GLN A 126 -2.74 11.89 -27.84
C GLN A 126 -3.58 12.37 -26.67
N GLU A 127 -3.00 12.42 -25.48
CA GLU A 127 -3.71 12.89 -24.30
C GLU A 127 -3.97 14.39 -24.41
N ALA A 128 -2.96 15.14 -24.85
CA ALA A 128 -3.10 16.57 -25.08
C ALA A 128 -4.22 16.87 -26.09
N LYS A 129 -4.17 16.19 -27.24
CA LYS A 129 -5.17 16.33 -28.30
C LYS A 129 -6.57 16.07 -27.79
N GLY A 130 -6.75 14.96 -27.06
CA GLY A 130 -8.05 14.59 -26.47
C GLY A 130 -8.67 15.57 -25.46
N LYS A 131 -7.83 16.40 -24.83
CA LYS A 131 -8.30 17.42 -23.89
C LYS A 131 -8.66 18.75 -24.56
N GLY A 132 -8.26 18.93 -25.82
CA GLY A 132 -8.44 20.20 -26.53
C GLY A 132 -7.21 21.09 -26.47
N VAL A 133 -6.06 20.53 -26.06
CA VAL A 133 -4.82 21.30 -26.00
C VAL A 133 -4.35 21.58 -27.43
N THR A 134 -3.90 22.81 -27.68
CA THR A 134 -3.29 23.17 -28.96
C THR A 134 -1.78 22.98 -28.93
N VAL A 135 -1.15 23.52 -27.88
CA VAL A 135 0.30 23.43 -27.71
C VAL A 135 0.65 22.81 -26.37
N LEU A 136 1.40 21.71 -26.42
CA LEU A 136 1.92 21.06 -25.20
C LEU A 136 3.29 21.66 -24.90
N LEU A 137 3.45 22.10 -23.65
CA LEU A 137 4.63 22.85 -23.21
C LEU A 137 5.77 21.93 -22.77
N GLY A 138 6.36 21.29 -23.78
CA GLY A 138 7.49 20.38 -23.63
C GLY A 138 7.88 19.87 -25.00
N PRO A 139 9.04 19.23 -25.17
CA PRO A 139 9.95 18.80 -24.12
C PRO A 139 10.99 19.85 -23.72
N VAL A 140 11.90 19.45 -22.82
CA VAL A 140 12.82 20.37 -22.14
C VAL A 140 14.29 20.05 -22.46
N ALA A 141 14.97 20.95 -23.18
CA ALA A 141 16.43 20.91 -23.36
C ALA A 141 17.16 22.00 -22.56
N GLY A 142 16.43 22.77 -21.76
CA GLY A 142 16.98 23.80 -20.91
C GLY A 142 16.12 23.87 -19.65
N PRO A 143 16.61 23.44 -18.48
CA PRO A 143 18.00 23.12 -18.21
C PRO A 143 18.53 21.84 -18.90
N LEU A 144 19.77 21.93 -19.37
CA LEU A 144 20.56 20.79 -19.78
C LEU A 144 21.09 20.00 -18.61
N GLY A 145 21.48 20.71 -17.53
CA GLY A 145 22.09 20.10 -16.36
C GLY A 145 23.51 20.57 -16.06
N ARG A 146 23.73 21.88 -16.13
CA ARG A 146 25.02 22.49 -15.79
C ARG A 146 25.59 22.02 -14.43
N ALA A 147 24.70 21.94 -13.44
CA ALA A 147 25.04 21.52 -12.08
C ALA A 147 23.94 20.57 -11.58
N PRO A 148 24.32 19.52 -10.86
CA PRO A 148 23.34 18.49 -10.45
C PRO A 148 22.28 18.93 -9.43
N GLU A 149 22.54 20.02 -8.72
CA GLU A 149 21.59 20.58 -7.76
C GLU A 149 20.43 21.31 -8.45
N GLY A 150 20.54 21.56 -9.76
CA GLY A 150 19.48 22.24 -10.53
C GLY A 150 18.11 21.67 -10.27
N GLY A 151 17.18 22.50 -9.82
CA GLY A 151 15.89 22.03 -9.32
C GLY A 151 15.03 21.36 -10.37
N ARG A 152 15.17 21.80 -11.61
CA ARG A 152 14.34 21.31 -12.69
C ARG A 152 15.05 20.39 -13.69
N ASN A 153 16.26 19.91 -13.38
CA ASN A 153 17.04 19.09 -14.32
C ASN A 153 16.29 17.83 -14.76
N TRP A 154 15.58 17.24 -13.80
CA TRP A 154 14.76 16.05 -14.04
C TRP A 154 13.68 16.19 -15.13
N GLU A 155 13.21 17.42 -15.37
CA GLU A 155 12.26 17.67 -16.46
C GLU A 155 12.90 17.46 -17.83
N GLY A 156 14.19 17.78 -17.93
CA GLY A 156 14.97 17.62 -19.15
C GLY A 156 15.42 16.18 -19.31
N PHE A 157 16.51 15.99 -20.03
CA PHE A 157 16.92 14.63 -20.38
C PHE A 157 18.25 14.31 -19.74
N SER A 158 19.33 14.86 -20.30
CA SER A 158 20.68 14.52 -19.88
C SER A 158 21.57 15.73 -19.96
N THR A 159 22.65 15.66 -19.18
CA THR A 159 23.74 16.65 -19.23
C THR A 159 24.42 16.62 -20.62
N ASP A 160 24.35 15.50 -21.29
CA ASP A 160 24.94 15.35 -22.60
C ASP A 160 24.07 15.98 -23.72
N PRO A 161 24.66 16.84 -24.57
CA PRO A 161 23.89 17.49 -25.65
C PRO A 161 23.38 16.55 -26.76
N VAL A 162 24.11 15.48 -27.05
CA VAL A 162 23.70 14.53 -28.08
C VAL A 162 22.51 13.70 -27.61
N LEU A 163 22.60 13.12 -26.42
CA LEU A 163 21.50 12.29 -25.88
C LEU A 163 20.24 13.14 -25.75
N THR A 164 20.41 14.32 -25.18
CA THR A 164 19.32 15.25 -25.01
C THR A 164 18.75 15.68 -26.36
N GLY A 165 19.61 16.05 -27.30
CA GLY A 165 19.16 16.42 -28.63
C GLY A 165 18.33 15.33 -29.30
N ILE A 166 18.78 14.09 -29.22
CA ILE A 166 18.06 12.96 -29.79
C ILE A 166 16.71 12.75 -29.09
N ALA A 167 16.73 12.78 -27.76
CA ALA A 167 15.49 12.71 -26.97
C ALA A 167 14.51 13.86 -27.26
N MET A 168 15.00 15.05 -27.54
CA MET A 168 14.12 16.16 -27.90
C MET A 168 13.44 15.85 -29.21
N ALA A 169 14.23 15.44 -30.19
CA ALA A 169 13.74 15.17 -31.54
C ALA A 169 12.72 14.05 -31.56
N GLU A 170 13.01 12.94 -30.90
CA GLU A 170 12.08 11.81 -30.86
C GLU A 170 10.77 12.16 -30.16
N THR A 171 10.87 12.85 -29.03
CA THR A 171 9.70 13.26 -28.27
C THR A 171 8.82 14.21 -29.10
N ILE A 172 9.45 15.19 -29.75
CA ILE A 172 8.75 16.17 -30.59
C ILE A 172 8.04 15.49 -31.77
N LYS A 173 8.73 14.61 -32.48
N LYS A 173 8.73 14.61 -32.48
CA LYS A 173 8.15 13.89 -33.62
CA LYS A 173 8.14 13.89 -33.62
C LYS A 173 6.88 13.16 -33.20
C LYS A 173 6.88 13.16 -33.19
N GLY A 174 6.95 12.46 -32.07
CA GLY A 174 5.77 11.81 -31.47
C GLY A 174 4.62 12.76 -31.15
N THR A 175 4.87 13.78 -30.34
CA THR A 175 3.82 14.73 -29.96
C THR A 175 3.11 15.36 -31.17
N GLN A 176 3.89 15.75 -32.20
CA GLN A 176 3.38 16.47 -33.38
C GLN A 176 2.73 15.52 -34.38
N ASP A 177 3.20 14.28 -34.45
CA ASP A 177 2.48 13.19 -35.15
C ASP A 177 1.10 12.91 -34.54
N ALA A 178 0.95 13.12 -33.23
CA ALA A 178 -0.36 12.98 -32.57
C ALA A 178 -1.30 14.16 -32.80
N GLY A 179 -0.83 15.22 -33.47
CA GLY A 179 -1.68 16.37 -33.85
C GLY A 179 -1.62 17.59 -32.93
N VAL A 180 -0.57 17.72 -32.13
CA VAL A 180 -0.42 18.82 -31.15
C VAL A 180 0.94 19.50 -31.34
N VAL A 181 0.99 20.81 -31.16
CA VAL A 181 2.26 21.55 -31.29
C VAL A 181 3.10 21.28 -30.02
N ALA A 182 4.38 20.99 -30.22
CA ALA A 182 5.31 20.85 -29.11
C ALA A 182 6.04 22.18 -28.94
N CYS A 183 6.69 22.33 -27.78
CA CYS A 183 7.35 23.58 -27.42
C CYS A 183 8.68 23.28 -26.75
N ALA A 184 9.78 23.63 -27.42
CA ALA A 184 11.09 23.39 -26.85
C ALA A 184 11.37 24.51 -25.85
N LYS A 185 11.62 24.14 -24.60
CA LYS A 185 11.88 25.10 -23.53
C LYS A 185 13.04 24.64 -22.67
N HIS A 186 13.65 25.50 -21.85
CA HIS A 186 13.47 26.95 -21.81
C HIS A 186 14.70 27.56 -22.47
N PHE A 187 14.49 28.51 -23.38
CA PHE A 187 15.54 28.99 -24.27
C PHE A 187 15.93 30.41 -23.82
N ILE A 188 17.06 30.60 -23.14
CA ILE A 188 18.04 29.55 -22.80
C ILE A 188 18.84 30.02 -21.59
N GLY A 189 19.43 29.08 -20.87
CA GLY A 189 20.30 29.39 -19.73
C GLY A 189 19.61 29.44 -18.38
N ASN A 190 18.39 28.92 -18.30
CA ASN A 190 17.65 28.73 -17.06
C ASN A 190 18.07 27.41 -16.41
N GLU A 191 19.36 27.30 -16.10
CA GLU A 191 19.95 26.11 -15.50
C GLU A 191 19.65 25.91 -14.01
N GLN A 192 19.25 26.97 -13.32
CA GLN A 192 18.87 26.85 -11.91
C GLN A 192 17.64 27.67 -11.61
N GLU A 193 17.02 27.37 -10.48
CA GLU A 193 15.84 28.09 -10.02
C GLU A 193 16.15 29.33 -9.21
N HIS A 194 17.26 29.34 -8.47
CA HIS A 194 17.62 30.53 -7.69
C HIS A 194 17.77 31.76 -8.60
N PHE A 195 17.06 32.83 -8.23
CA PHE A 195 17.11 34.12 -8.90
C PHE A 195 16.52 34.10 -10.31
N ARG A 196 15.61 33.17 -10.58
CA ARG A 196 14.97 33.09 -11.91
C ARG A 196 13.94 34.21 -12.14
N GLN A 197 13.29 34.67 -11.06
CA GLN A 197 12.23 35.69 -11.11
C GLN A 197 12.42 36.71 -9.98
N VAL A 198 12.12 37.97 -10.26
CA VAL A 198 12.34 39.08 -9.30
C VAL A 198 11.41 38.98 -8.09
N GLY A 199 10.10 38.95 -8.33
CA GLY A 199 9.09 38.87 -7.27
C GLY A 199 9.27 37.66 -6.37
N GLU A 200 9.47 36.50 -7.00
CA GLU A 200 9.72 35.25 -6.30
C GLU A 200 11.01 35.28 -5.47
N SER A 201 12.09 35.82 -6.05
CA SER A 201 13.33 36.05 -5.29
C SER A 201 13.11 36.99 -4.09
N GLN A 202 12.45 38.12 -4.33
CA GLN A 202 12.16 39.10 -3.27
C GLN A 202 11.36 38.47 -2.13
N ASP A 203 10.32 37.69 -2.44
CA ASP A 203 9.55 36.97 -1.39
C ASP A 203 10.35 35.89 -0.64
N TYR A 204 11.46 35.42 -1.21
CA TYR A 204 12.40 34.54 -0.51
C TYR A 204 13.50 35.27 0.27
N GLY A 205 13.46 36.60 0.34
CA GLY A 205 14.49 37.38 1.02
C GLY A 205 15.74 37.71 0.22
N TYR A 206 15.66 37.64 -1.11
CA TYR A 206 16.75 38.05 -1.99
C TYR A 206 16.32 39.32 -2.69
N ASN A 207 16.93 40.44 -2.33
CA ASN A 207 16.59 41.73 -2.93
C ASN A 207 17.41 41.95 -4.20
N ILE A 208 16.89 41.45 -5.31
CA ILE A 208 17.48 41.67 -6.63
C ILE A 208 16.50 42.42 -7.50
N SER A 209 17.01 43.27 -8.39
CA SER A 209 16.14 44.08 -9.24
C SER A 209 15.89 43.46 -10.62
N GLU A 210 16.75 42.52 -11.05
CA GLU A 210 16.56 41.77 -12.30
C GLU A 210 17.02 40.30 -12.10
N THR A 211 16.60 39.43 -13.00
CA THR A 211 16.82 37.99 -12.85
C THR A 211 18.26 37.65 -13.17
N LEU A 212 18.65 36.42 -12.79
CA LEU A 212 19.99 35.93 -13.04
C LEU A 212 20.35 36.00 -14.52
N SER A 213 21.60 36.36 -14.81
CA SER A 213 22.11 36.41 -16.16
C SER A 213 23.11 35.30 -16.41
N SER A 214 22.80 34.44 -17.37
CA SER A 214 23.69 33.35 -17.76
C SER A 214 24.60 33.90 -18.84
N ASN A 215 25.90 33.84 -18.57
CA ASN A 215 26.90 34.44 -19.43
C ASN A 215 27.69 33.30 -20.04
N ILE A 216 27.37 33.00 -21.30
CA ILE A 216 27.86 31.80 -21.96
C ILE A 216 28.71 32.22 -23.15
N ASP A 217 29.95 31.73 -23.22
CA ASP A 217 30.80 31.98 -24.40
C ASP A 217 30.19 31.31 -25.67
N ASP A 218 30.60 31.81 -26.82
CA ASP A 218 29.98 31.45 -28.10
C ASP A 218 30.20 29.98 -28.47
N LYS A 219 31.39 29.47 -28.21
CA LYS A 219 31.74 28.08 -28.47
C LYS A 219 30.93 27.11 -27.60
N THR A 220 30.92 27.39 -26.31
CA THR A 220 30.14 26.62 -25.36
C THR A 220 28.66 26.63 -25.73
N MET A 221 28.16 27.78 -26.18
CA MET A 221 26.75 27.89 -26.62
C MET A 221 26.48 26.92 -27.78
N HIS A 222 27.32 26.98 -28.81
CA HIS A 222 27.14 26.15 -29.99
C HIS A 222 27.31 24.65 -29.77
N GLU A 223 28.30 24.28 -28.96
CA GLU A 223 28.67 22.87 -28.80
C GLU A 223 27.93 22.13 -27.69
N MET A 224 27.27 22.88 -26.79
CA MET A 224 26.57 22.28 -25.64
CA MET A 224 26.57 22.27 -25.66
C MET A 224 25.11 22.72 -25.53
N TYR A 225 24.88 23.98 -25.12
CA TYR A 225 23.53 24.43 -24.76
C TYR A 225 22.57 24.60 -25.94
N LEU A 226 23.06 25.12 -27.05
CA LEU A 226 22.24 25.32 -28.24
C LEU A 226 21.98 24.01 -28.96
N TRP A 227 22.97 23.12 -28.96
CA TRP A 227 22.94 21.87 -29.76
C TRP A 227 21.61 21.11 -29.71
N PRO A 228 21.09 20.79 -28.50
CA PRO A 228 19.84 20.01 -28.48
C PRO A 228 18.60 20.73 -29.01
N PHE A 229 18.55 22.04 -28.88
CA PHE A 229 17.49 22.86 -29.48
C PHE A 229 17.57 22.86 -31.00
N VAL A 230 18.78 22.79 -31.55
CA VAL A 230 18.92 22.63 -32.99
C VAL A 230 18.30 21.31 -33.44
N ASP A 231 18.53 20.22 -32.72
CA ASP A 231 17.87 18.94 -33.02
C ASP A 231 16.35 19.08 -32.97
N ALA A 232 15.83 19.83 -31.99
CA ALA A 232 14.40 20.13 -31.92
C ALA A 232 13.89 20.90 -33.15
N ILE A 233 14.68 21.86 -33.63
CA ILE A 233 14.35 22.62 -34.83
C ILE A 233 14.28 21.69 -36.06
N ARG A 234 15.29 20.85 -36.24
N ARG A 234 15.31 20.86 -36.24
CA ARG A 234 15.36 19.96 -37.40
CA ARG A 234 15.40 19.93 -37.36
C ARG A 234 14.27 18.89 -37.39
C ARG A 234 14.25 18.92 -37.38
N ALA A 235 13.83 18.49 -36.20
CA ALA A 235 12.68 17.60 -36.04
C ALA A 235 11.33 18.26 -36.33
N GLY A 236 11.31 19.58 -36.51
CA GLY A 236 10.11 20.30 -36.94
C GLY A 236 9.29 20.91 -35.81
N VAL A 237 9.89 21.11 -34.64
CA VAL A 237 9.13 21.64 -33.49
C VAL A 237 8.42 22.94 -33.87
N GLY A 238 7.16 23.06 -33.46
CA GLY A 238 6.32 24.18 -33.87
C GLY A 238 6.58 25.46 -33.08
N SER A 239 7.01 25.32 -31.82
CA SER A 239 7.30 26.49 -30.98
C SER A 239 8.50 26.34 -30.06
N PHE A 240 8.99 27.50 -29.61
CA PHE A 240 10.03 27.61 -28.59
C PHE A 240 9.48 28.46 -27.43
N MET A 241 9.92 28.20 -26.20
CA MET A 241 9.63 29.09 -25.07
C MET A 241 10.92 29.77 -24.62
N CYS A 242 10.99 31.09 -24.68
CA CYS A 242 12.12 31.82 -24.12
C CYS A 242 12.07 31.85 -22.59
N ALA A 243 13.26 31.88 -21.99
CA ALA A 243 13.44 31.72 -20.56
C ALA A 243 13.21 32.98 -19.70
N TYR A 244 12.89 32.73 -18.43
CA TYR A 244 12.85 33.76 -17.39
C TYR A 244 14.13 34.57 -17.22
N THR A 245 15.24 33.88 -17.35
CA THR A 245 16.55 34.44 -17.03
C THR A 245 17.12 35.22 -18.22
N GLN A 246 18.15 36.00 -17.92
CA GLN A 246 18.84 36.78 -18.93
C GLN A 246 19.99 35.98 -19.53
N ALA A 247 20.45 36.43 -20.69
CA ALA A 247 21.64 35.91 -21.31
C ALA A 247 22.51 37.11 -21.64
N ASN A 248 23.67 37.18 -20.99
CA ASN A 248 24.52 38.39 -21.03
C ASN A 248 23.75 39.68 -20.73
N ASN A 249 22.89 39.64 -19.71
CA ASN A 249 22.17 40.83 -19.24
C ASN A 249 21.20 41.46 -20.25
N SER A 250 20.65 40.62 -21.14
CA SER A 250 19.45 40.90 -21.89
C SER A 250 18.50 39.70 -21.70
N TYR A 251 17.28 39.95 -21.22
CA TYR A 251 16.28 38.91 -20.95
C TYR A 251 16.02 38.09 -22.18
N SER A 252 15.90 36.77 -22.01
CA SER A 252 15.79 35.85 -23.17
C SER A 252 14.64 36.21 -24.11
N CYS A 253 13.51 36.62 -23.55
CA CYS A 253 12.35 37.00 -24.37
C CYS A 253 12.46 38.37 -25.05
N GLN A 254 13.55 39.10 -24.84
CA GLN A 254 13.89 40.29 -25.65
C GLN A 254 15.37 40.28 -26.06
N ASN A 255 15.91 39.08 -26.23
CA ASN A 255 17.32 38.89 -26.52
C ASN A 255 17.44 38.58 -27.99
N SER A 256 17.93 39.56 -28.75
CA SER A 256 17.99 39.45 -30.20
C SER A 256 19.11 38.50 -30.63
N LYS A 257 20.21 38.46 -29.87
CA LYS A 257 21.24 37.45 -30.16
C LYS A 257 20.64 36.05 -30.12
N LEU A 258 19.83 35.78 -29.11
CA LEU A 258 19.19 34.45 -28.97
C LEU A 258 18.13 34.19 -30.01
N LEU A 259 17.13 35.05 -30.08
CA LEU A 259 15.92 34.77 -30.84
C LEU A 259 16.09 35.07 -32.32
N ASN A 260 16.67 36.23 -32.65
CA ASN A 260 16.84 36.63 -34.05
C ASN A 260 18.02 35.90 -34.69
N ASN A 261 19.19 35.95 -34.04
CA ASN A 261 20.41 35.41 -34.64
C ASN A 261 20.53 33.88 -34.54
N LEU A 262 20.75 33.35 -33.34
CA LEU A 262 21.01 31.92 -33.16
C LEU A 262 19.83 31.06 -33.55
N LEU A 263 18.63 31.43 -33.11
CA LEU A 263 17.43 30.64 -33.39
C LEU A 263 16.90 30.82 -34.81
N LYS A 264 16.55 32.07 -35.17
CA LYS A 264 15.84 32.35 -36.43
C LYS A 264 16.71 32.62 -37.67
N GLN A 265 17.97 33.00 -37.46
CA GLN A 265 18.90 33.31 -38.56
C GLN A 265 19.78 32.08 -38.82
N GLU A 266 20.71 31.79 -37.89
CA GLU A 266 21.65 30.70 -38.06
C GLU A 266 20.93 29.37 -38.26
N ASN A 267 19.96 29.09 -37.40
CA ASN A 267 19.23 27.82 -37.45
C ASN A 267 17.84 27.89 -38.10
N GLY A 268 17.53 28.98 -38.78
CA GLY A 268 16.35 29.12 -39.67
C GLY A 268 15.01 28.67 -39.13
N PHE A 269 14.81 28.83 -37.82
CA PHE A 269 13.59 28.39 -37.16
C PHE A 269 12.39 29.09 -37.78
N GLN A 270 11.36 28.30 -38.10
CA GLN A 270 10.18 28.80 -38.81
C GLN A 270 8.96 28.95 -37.91
N GLY A 271 9.01 28.33 -36.72
CA GLY A 271 7.91 28.39 -35.77
C GLY A 271 7.89 29.66 -34.94
N PHE A 272 7.05 29.66 -33.91
CA PHE A 272 6.86 30.83 -33.06
C PHE A 272 7.55 30.69 -31.71
N VAL A 273 8.00 31.82 -31.16
CA VAL A 273 8.56 31.90 -29.82
C VAL A 273 7.51 32.48 -28.89
N MET A 274 7.12 31.72 -27.85
CA MET A 274 6.28 32.25 -26.78
C MET A 274 7.13 32.55 -25.54
N SER A 275 6.66 33.49 -24.72
CA SER A 275 7.30 33.79 -23.44
C SER A 275 6.97 32.72 -22.41
N ASP A 276 7.90 32.47 -21.48
CA ASP A 276 7.54 31.79 -20.24
C ASP A 276 6.60 32.74 -19.46
N TRP A 277 5.94 32.23 -18.44
CA TRP A 277 4.82 32.93 -17.82
C TRP A 277 5.36 34.02 -16.89
N GLN A 278 5.20 35.28 -17.29
CA GLN A 278 5.84 36.48 -16.67
C GLN A 278 7.31 36.67 -17.08
N ALA A 279 7.71 36.08 -18.22
CA ALA A 279 9.07 36.25 -18.75
C ALA A 279 9.16 37.36 -19.82
N HIS A 280 8.01 37.92 -20.19
CA HIS A 280 7.92 39.00 -21.15
C HIS A 280 7.81 40.32 -20.37
N HIS A 281 8.79 41.22 -20.56
CA HIS A 281 8.92 42.46 -19.77
C HIS A 281 8.85 43.78 -20.56
N SER A 282 8.60 43.72 -21.85
CA SER A 282 8.51 44.90 -22.70
C SER A 282 7.88 44.57 -24.05
N GLY A 283 7.09 45.50 -24.57
CA GLY A 283 6.23 45.26 -25.72
C GLY A 283 6.99 45.35 -27.03
N VAL A 284 7.31 46.56 -27.44
CA VAL A 284 7.90 46.80 -28.74
C VAL A 284 9.30 46.16 -28.81
N ALA A 285 10.08 46.33 -27.76
CA ALA A 285 11.44 45.79 -27.69
C ALA A 285 11.52 44.27 -27.86
N SER A 286 10.62 43.54 -27.20
CA SER A 286 10.55 42.08 -27.34
C SER A 286 10.16 41.61 -28.74
N ALA A 287 9.13 42.23 -29.31
CA ALA A 287 8.65 41.91 -30.65
C ALA A 287 9.74 42.11 -31.71
N ALA A 288 10.42 43.24 -31.63
CA ALA A 288 11.53 43.53 -32.53
C ALA A 288 12.71 42.56 -32.31
N ALA A 289 12.89 42.08 -31.08
CA ALA A 289 13.95 41.12 -30.75
C ALA A 289 13.63 39.63 -31.03
N GLY A 290 12.42 39.33 -31.51
CA GLY A 290 12.06 37.96 -31.94
C GLY A 290 10.93 37.26 -31.23
N LEU A 291 10.34 37.90 -30.23
CA LEU A 291 9.22 37.29 -29.51
C LEU A 291 7.98 37.30 -30.42
N ASP A 292 7.19 36.21 -30.39
CA ASP A 292 6.00 36.09 -31.22
C ASP A 292 4.68 35.92 -30.45
N MET A 293 4.72 35.46 -29.19
CA MET A 293 3.52 35.26 -28.38
C MET A 293 3.78 35.57 -26.92
N SER A 294 2.90 36.37 -26.31
CA SER A 294 3.03 36.79 -24.93
C SER A 294 2.12 35.93 -24.07
N MET A 295 2.74 35.10 -23.22
CA MET A 295 2.01 34.21 -22.33
C MET A 295 2.34 34.55 -20.88
N PRO A 296 1.33 34.58 -19.99
CA PRO A 296 -0.08 34.32 -20.32
C PRO A 296 -0.84 35.52 -20.91
N GLY A 297 -0.14 36.63 -21.16
CA GLY A 297 -0.72 37.78 -21.86
C GLY A 297 -0.67 39.08 -21.06
N ASP A 298 -0.75 38.96 -19.74
CA ASP A 298 -0.70 40.14 -18.89
C ASP A 298 0.74 40.46 -18.48
N THR A 299 0.98 41.70 -18.07
CA THR A 299 2.32 42.16 -17.66
C THR A 299 2.90 41.29 -16.55
N MET A 300 2.07 41.07 -15.52
CA MET A 300 2.29 40.14 -14.43
C MET A 300 0.94 39.49 -14.18
N PHE A 301 0.89 38.38 -13.44
CA PHE A 301 -0.37 37.65 -13.24
C PHE A 301 -1.42 38.59 -12.66
N ASN A 302 -2.59 38.62 -13.30
CA ASN A 302 -3.76 39.35 -12.84
C ASN A 302 -3.66 40.88 -12.84
N SER A 303 -2.70 41.44 -13.60
CA SER A 303 -2.51 42.89 -13.67
C SER A 303 -3.62 43.62 -14.44
N GLY A 304 -4.29 42.92 -15.37
CA GLY A 304 -5.31 43.52 -16.22
C GLY A 304 -4.77 44.32 -17.41
N ARG A 305 -3.45 44.33 -17.57
CA ARG A 305 -2.74 45.07 -18.59
C ARG A 305 -1.74 44.16 -19.29
N SER A 306 -1.22 44.62 -20.42
CA SER A 306 -0.37 43.80 -21.29
C SER A 306 0.68 44.65 -22.00
N TYR A 307 1.88 44.11 -22.13
CA TYR A 307 2.90 44.74 -22.96
C TYR A 307 2.50 44.66 -24.44
N TRP A 308 1.72 43.65 -24.81
CA TRP A 308 1.08 43.62 -26.13
C TRP A 308 -0.42 43.92 -25.97
N GLY A 309 -1.31 43.15 -26.58
CA GLY A 309 -2.72 43.49 -26.59
C GLY A 309 -2.91 44.87 -27.18
N THR A 310 -3.64 45.72 -26.44
CA THR A 310 -3.82 47.12 -26.77
C THR A 310 -2.53 47.80 -27.21
N ASN A 311 -1.47 47.61 -26.43
CA ASN A 311 -0.18 48.23 -26.72
C ASN A 311 0.40 47.77 -28.05
N LEU A 312 0.21 46.50 -28.42
CA LEU A 312 0.66 46.01 -29.72
C LEU A 312 -0.16 46.63 -30.86
N THR A 313 -1.48 46.70 -30.68
CA THR A 313 -2.35 47.36 -31.64
C THR A 313 -1.86 48.80 -31.89
N LEU A 314 -1.60 49.53 -30.81
CA LEU A 314 -1.11 50.91 -30.88
C LEU A 314 0.26 51.04 -31.55
N ALA A 315 1.15 50.11 -31.24
CA ALA A 315 2.50 50.10 -31.83
C ALA A 315 2.48 49.86 -33.37
N VAL A 316 1.53 49.06 -33.84
CA VAL A 316 1.35 48.89 -35.28
C VAL A 316 0.73 50.16 -35.86
N LEU A 317 -0.28 50.69 -35.20
CA LEU A 317 -0.95 51.92 -35.63
C LEU A 317 -0.04 53.14 -35.65
N ASN A 318 0.92 53.21 -34.71
CA ASN A 318 1.80 54.38 -34.62
C ASN A 318 3.16 54.22 -35.32
N GLY A 319 3.41 53.04 -35.89
CA GLY A 319 4.60 52.78 -36.69
C GLY A 319 5.79 52.15 -35.99
N THR A 320 5.81 52.09 -34.65
CA THR A 320 6.95 51.48 -33.95
C THR A 320 7.14 49.98 -34.27
N VAL A 321 6.04 49.26 -34.48
CA VAL A 321 6.10 47.88 -34.95
C VAL A 321 5.63 47.79 -36.40
N PRO A 322 6.53 47.40 -37.33
CA PRO A 322 6.07 47.31 -38.73
C PRO A 322 4.99 46.26 -38.95
N GLN A 323 4.17 46.47 -39.97
CA GLN A 323 3.16 45.47 -40.34
C GLN A 323 3.80 44.13 -40.68
N TRP A 324 4.94 44.15 -41.37
CA TRP A 324 5.62 42.90 -41.71
C TRP A 324 5.99 42.07 -40.48
N ARG A 325 6.27 42.75 -39.36
CA ARG A 325 6.67 42.07 -38.15
C ARG A 325 5.48 41.39 -37.48
N ILE A 326 4.39 42.12 -37.22
CA ILE A 326 3.19 41.47 -36.65
C ILE A 326 2.60 40.39 -37.58
N ASP A 327 2.62 40.65 -38.88
CA ASP A 327 2.18 39.65 -39.85
C ASP A 327 3.01 38.36 -39.74
N ASP A 328 4.33 38.48 -39.56
CA ASP A 328 5.20 37.33 -39.37
C ASP A 328 4.94 36.55 -38.08
N MET A 329 4.61 37.25 -36.99
CA MET A 329 4.25 36.62 -35.71
C MET A 329 3.04 35.71 -35.86
N ALA A 330 2.00 36.25 -36.50
CA ALA A 330 0.78 35.52 -36.78
C ALA A 330 1.05 34.39 -37.78
N MET A 331 1.93 34.62 -38.74
CA MET A 331 2.33 33.56 -39.69
C MET A 331 3.00 32.38 -39.00
N ARG A 332 3.89 32.66 -38.06
CA ARG A 332 4.61 31.62 -37.33
C ARG A 332 3.69 30.83 -36.43
N ILE A 333 2.81 31.53 -35.71
CA ILE A 333 1.83 30.88 -34.84
C ILE A 333 0.89 29.98 -35.65
N MET A 334 0.34 30.51 -36.74
CA MET A 334 -0.59 29.73 -37.58
C MET A 334 0.09 28.61 -38.34
N ALA A 335 1.31 28.84 -38.83
CA ALA A 335 2.06 27.79 -39.53
C ALA A 335 2.41 26.60 -38.61
N ALA A 336 2.80 26.87 -37.38
CA ALA A 336 2.98 25.77 -36.39
C ALA A 336 1.69 24.95 -36.20
N PHE A 337 0.57 25.66 -36.00
CA PHE A 337 -0.76 25.08 -35.86
C PHE A 337 -1.09 24.15 -37.05
N PHE A 338 -0.96 24.68 -38.27
CA PHE A 338 -1.22 23.89 -39.47
C PHE A 338 -0.18 22.76 -39.72
N LYS A 339 1.08 22.96 -39.36
CA LYS A 339 2.11 21.93 -39.55
C LYS A 339 1.80 20.60 -38.87
N VAL A 340 1.24 20.66 -37.67
CA VAL A 340 0.92 19.44 -36.93
C VAL A 340 -0.46 18.85 -37.24
N GLY A 341 -1.23 19.53 -38.10
CA GLY A 341 -2.48 18.97 -38.63
C GLY A 341 -3.74 19.52 -37.99
N GLN A 342 -3.62 20.55 -37.16
CA GLN A 342 -4.79 21.24 -36.65
C GLN A 342 -5.43 22.01 -37.82
N THR A 343 -6.76 22.10 -37.79
CA THR A 343 -7.54 22.83 -38.79
C THR A 343 -8.42 23.84 -38.09
N VAL A 344 -8.78 24.90 -38.81
CA VAL A 344 -9.65 25.95 -38.27
C VAL A 344 -11.11 25.46 -38.16
N GLU A 345 -11.47 24.44 -38.94
CA GLU A 345 -12.84 23.90 -38.98
C GLU A 345 -13.08 22.96 -37.81
N ASP A 346 -12.17 22.00 -37.65
CA ASP A 346 -12.35 20.84 -36.76
C ASP A 346 -11.45 20.87 -35.51
N GLN A 347 -11.46 22.01 -34.80
CA GLN A 347 -10.72 22.14 -33.53
C GLN A 347 -11.43 21.32 -32.46
N GLU A 348 -10.65 20.52 -31.73
CA GLU A 348 -11.17 19.78 -30.58
C GLU A 348 -11.47 20.81 -29.48
N PRO A 349 -12.73 20.88 -28.99
CA PRO A 349 -13.03 21.87 -27.94
C PRO A 349 -12.28 21.61 -26.63
N ILE A 350 -11.90 22.71 -25.98
CA ILE A 350 -11.23 22.63 -24.69
C ILE A 350 -12.23 22.05 -23.69
N ASN A 351 -11.97 20.83 -23.21
CA ASN A 351 -12.95 20.08 -22.41
C ASN A 351 -12.58 19.93 -20.93
N PHE A 352 -11.69 20.79 -20.44
CA PHE A 352 -11.33 20.84 -19.04
C PHE A 352 -11.10 22.28 -18.61
N SER A 353 -10.95 22.47 -17.30
CA SER A 353 -10.49 23.72 -16.72
C SER A 353 -9.32 23.45 -15.79
N PHE A 354 -8.22 24.17 -16.00
CA PHE A 354 -7.02 24.07 -15.18
C PHE A 354 -7.23 24.52 -13.72
N TRP A 355 -8.20 25.40 -13.50
CA TRP A 355 -8.31 26.12 -12.24
C TRP A 355 -9.16 25.40 -11.21
N THR A 356 -9.88 24.37 -11.63
CA THR A 356 -10.69 23.56 -10.72
C THR A 356 -11.09 22.24 -11.37
N LEU A 357 -11.30 21.23 -10.53
CA LEU A 357 -11.80 19.95 -11.01
C LEU A 357 -13.35 19.88 -11.03
N ASP A 358 -14.01 20.90 -10.51
CA ASP A 358 -15.48 20.98 -10.52
C ASP A 358 -16.01 20.87 -11.94
N THR A 359 -17.06 20.08 -12.11
CA THR A 359 -17.78 19.99 -13.38
C THR A 359 -18.30 21.35 -13.81
N TYR A 360 -18.86 22.11 -12.86
CA TYR A 360 -19.46 23.41 -13.13
C TYR A 360 -18.70 24.50 -12.40
N GLY A 361 -18.51 25.63 -13.09
CA GLY A 361 -17.82 26.78 -12.52
C GLY A 361 -17.73 27.90 -13.53
N PRO A 362 -17.07 29.02 -13.17
CA PRO A 362 -16.93 30.12 -14.12
C PRO A 362 -15.99 29.79 -15.27
N LEU A 363 -16.46 29.93 -16.52
CA LEU A 363 -15.58 29.86 -17.69
C LEU A 363 -14.45 30.87 -17.53
N HIS A 364 -14.77 32.08 -17.06
CA HIS A 364 -13.76 33.12 -16.84
C HIS A 364 -13.38 33.15 -15.39
N TRP A 365 -12.34 32.39 -15.06
CA TRP A 365 -12.05 32.02 -13.68
C TRP A 365 -11.66 33.20 -12.80
N ALA A 366 -10.68 34.00 -13.25
CA ALA A 366 -10.21 35.16 -12.47
C ALA A 366 -11.33 36.17 -12.21
N ALA A 367 -12.14 36.42 -13.24
CA ALA A 367 -13.28 37.33 -13.16
C ALA A 367 -14.49 36.75 -12.39
N ARG A 368 -14.57 35.43 -12.25
CA ARG A 368 -15.70 34.76 -11.60
C ARG A 368 -17.00 35.02 -12.37
N LYS A 369 -16.99 34.75 -13.67
CA LYS A 369 -18.16 34.98 -14.52
C LYS A 369 -18.35 33.88 -15.55
N ASP A 370 -19.59 33.81 -16.04
CA ASP A 370 -20.01 32.90 -17.09
C ASP A 370 -19.98 31.46 -16.58
N TYR A 371 -20.78 31.22 -15.55
N TYR A 371 -20.78 31.22 -15.56
CA TYR A 371 -20.98 29.90 -14.96
CA TYR A 371 -20.94 29.89 -14.98
C TYR A 371 -21.58 28.94 -15.99
C TYR A 371 -21.58 28.93 -15.97
N GLN A 372 -20.94 27.77 -16.16
CA GLN A 372 -21.38 26.75 -17.11
C GLN A 372 -20.56 25.48 -16.86
N GLN A 373 -20.82 24.42 -17.64
CA GLN A 373 -19.96 23.23 -17.59
C GLN A 373 -18.58 23.58 -18.13
N ILE A 374 -17.55 23.40 -17.30
CA ILE A 374 -16.14 23.66 -17.67
C ILE A 374 -15.22 22.43 -17.61
N ASN A 375 -15.69 21.31 -17.05
CA ASN A 375 -14.98 20.04 -17.03
C ASN A 375 -15.89 18.93 -17.56
N TRP A 376 -15.45 18.25 -18.61
CA TRP A 376 -16.16 17.12 -19.20
C TRP A 376 -15.62 15.78 -18.68
N HIS A 377 -14.47 15.82 -17.99
CA HIS A 377 -13.87 14.64 -17.37
C HIS A 377 -13.58 13.57 -18.39
N VAL A 378 -12.94 13.98 -19.48
CA VAL A 378 -12.73 13.10 -20.61
C VAL A 378 -11.54 12.19 -20.33
N ASN A 379 -11.75 10.89 -20.53
CA ASN A 379 -10.71 9.89 -20.36
C ASN A 379 -9.82 9.78 -21.58
N VAL A 380 -8.58 10.26 -21.46
CA VAL A 380 -7.61 10.21 -22.54
C VAL A 380 -6.47 9.24 -22.22
N GLN A 381 -6.65 8.41 -21.19
CA GLN A 381 -5.58 7.52 -20.76
C GLN A 381 -5.28 6.41 -21.75
N GLY A 382 -6.31 5.91 -22.45
CA GLY A 382 -6.17 4.73 -23.32
C GLY A 382 -5.42 3.61 -22.62
N ASP A 383 -4.45 3.02 -23.33
CA ASP A 383 -3.60 1.95 -22.77
C ASP A 383 -2.19 2.43 -22.43
N HIS A 384 -2.05 3.72 -22.10
CA HIS A 384 -0.74 4.32 -21.83
C HIS A 384 -0.10 3.86 -20.52
N GLY A 385 -0.89 3.28 -19.64
CA GLY A 385 -0.38 2.65 -18.44
C GLY A 385 0.75 1.67 -18.68
N SER A 386 0.54 0.72 -19.59
CA SER A 386 1.55 -0.32 -19.84
C SER A 386 2.79 0.24 -20.53
N LEU A 387 2.61 1.26 -21.37
CA LEU A 387 3.75 1.97 -21.95
C LEU A 387 4.59 2.67 -20.86
N ILE A 388 3.92 3.27 -19.88
CA ILE A 388 4.59 3.94 -18.79
C ILE A 388 5.38 2.93 -17.97
N ARG A 389 4.74 1.81 -17.63
CA ARG A 389 5.40 0.74 -16.92
C ARG A 389 6.67 0.26 -17.62
N GLU A 390 6.58 0.14 -18.95
CA GLU A 390 7.70 -0.31 -19.75
C GLU A 390 8.84 0.71 -19.78
N ILE A 391 8.52 1.97 -20.06
CA ILE A 391 9.55 3.00 -20.15
C ILE A 391 10.34 3.13 -18.84
N ALA A 392 9.63 3.12 -17.71
CA ALA A 392 10.26 3.30 -16.41
C ALA A 392 11.21 2.14 -16.09
N ALA A 393 10.77 0.92 -16.38
CA ALA A 393 11.60 -0.26 -16.21
C ALA A 393 12.86 -0.23 -17.08
N ARG A 394 12.71 0.15 -18.35
N ARG A 394 12.72 0.16 -18.34
CA ARG A 394 13.84 0.26 -19.29
CA ARG A 394 13.87 0.25 -19.26
C ARG A 394 14.79 1.43 -18.97
C ARG A 394 14.76 1.46 -19.03
N GLY A 395 14.30 2.41 -18.22
CA GLY A 395 15.11 3.55 -17.76
C GLY A 395 15.60 3.41 -16.32
N THR A 396 15.43 2.21 -15.74
CA THR A 396 15.98 1.89 -14.45
C THR A 396 17.42 1.43 -14.62
N VAL A 397 18.32 2.02 -13.84
CA VAL A 397 19.75 1.74 -13.99
C VAL A 397 20.22 0.86 -12.85
N LEU A 398 20.67 -0.35 -13.18
CA LEU A 398 21.31 -1.23 -12.22
C LEU A 398 22.78 -0.80 -12.05
N LEU A 399 23.07 -0.21 -10.91
CA LEU A 399 24.39 0.35 -10.62
C LEU A 399 25.31 -0.69 -9.98
N LYS A 400 24.73 -1.61 -9.20
CA LYS A 400 25.49 -2.63 -8.48
C LYS A 400 24.65 -3.90 -8.34
N ASN A 401 25.32 -5.04 -8.47
CA ASN A 401 24.70 -6.35 -8.30
C ASN A 401 25.80 -7.39 -8.08
N THR A 402 25.97 -7.83 -6.85
CA THR A 402 26.94 -8.89 -6.55
C THR A 402 26.36 -10.31 -6.66
N GLY A 403 25.13 -10.45 -7.18
CA GLY A 403 24.50 -11.78 -7.34
C GLY A 403 23.10 -11.93 -6.77
N SER A 404 22.64 -10.98 -5.97
CA SER A 404 21.32 -11.05 -5.33
C SER A 404 20.15 -10.80 -6.28
N LEU A 405 20.40 -10.17 -7.44
CA LEU A 405 19.34 -9.92 -8.43
C LEU A 405 19.60 -10.67 -9.74
N PRO A 406 18.56 -11.18 -10.42
CA PRO A 406 17.15 -10.98 -10.06
C PRO A 406 16.68 -11.86 -8.89
N LEU A 407 15.59 -11.44 -8.29
CA LEU A 407 14.95 -12.21 -7.24
C LEU A 407 14.16 -13.35 -7.87
N LYS A 408 14.18 -14.50 -7.20
CA LYS A 408 13.43 -15.68 -7.61
CA LYS A 408 13.38 -15.66 -7.61
C LYS A 408 12.88 -16.40 -6.38
N LYS A 409 11.57 -16.37 -6.16
CA LYS A 409 10.96 -17.04 -5.00
C LYS A 409 11.72 -16.83 -3.67
N PRO A 410 12.04 -15.57 -3.33
CA PRO A 410 12.73 -15.35 -2.06
C PRO A 410 11.89 -15.79 -0.86
N LYS A 411 12.55 -16.26 0.19
CA LYS A 411 11.86 -16.77 1.37
C LYS A 411 11.17 -15.63 2.12
N PHE A 412 11.79 -14.44 2.13
CA PHE A 412 11.40 -13.36 3.03
C PHE A 412 11.86 -11.99 2.51
N LEU A 413 10.89 -11.21 2.02
CA LEU A 413 11.12 -9.82 1.62
C LEU A 413 10.78 -8.91 2.79
N ALA A 414 11.71 -8.03 3.15
CA ALA A 414 11.46 -6.93 4.08
C ALA A 414 11.66 -5.62 3.33
N VAL A 415 10.56 -4.93 3.01
CA VAL A 415 10.60 -3.70 2.23
C VAL A 415 10.58 -2.53 3.20
N ILE A 416 11.56 -1.64 3.07
CA ILE A 416 11.83 -0.61 4.07
C ILE A 416 11.83 0.76 3.40
N GLY A 417 11.22 1.73 4.09
CA GLY A 417 11.32 3.12 3.72
C GLY A 417 10.00 3.76 3.34
N GLU A 418 9.86 5.04 3.64
CA GLU A 418 8.66 5.80 3.28
C GLU A 418 8.44 5.88 1.77
N ASP A 419 9.54 5.95 1.01
CA ASP A 419 9.48 5.95 -0.45
C ASP A 419 8.91 4.65 -1.06
N ALA A 420 8.88 3.56 -0.29
CA ALA A 420 8.21 2.34 -0.72
C ALA A 420 6.70 2.45 -0.67
N GLY A 421 6.18 3.34 0.17
CA GLY A 421 4.76 3.42 0.47
C GLY A 421 3.98 4.57 -0.15
N PRO A 422 2.68 4.64 0.16
CA PRO A 422 1.82 5.70 -0.37
C PRO A 422 1.97 7.01 0.40
N ASN A 423 1.64 8.11 -0.27
CA ASN A 423 1.41 9.36 0.43
C ASN A 423 0.11 9.18 1.22
N PRO A 424 0.14 9.29 2.57
CA PRO A 424 -1.10 9.04 3.33
C PRO A 424 -2.25 10.01 3.01
N LEU A 425 -1.93 11.17 2.43
CA LEU A 425 -2.95 12.12 1.98
C LEU A 425 -3.29 11.96 0.50
N GLY A 426 -2.81 10.88 -0.11
CA GLY A 426 -3.11 10.54 -1.49
C GLY A 426 -2.09 11.09 -2.46
N PRO A 427 -1.96 10.47 -3.64
CA PRO A 427 -0.92 10.89 -4.57
C PRO A 427 -1.09 12.31 -5.14
N ASN A 428 -2.30 12.85 -5.12
CA ASN A 428 -2.57 14.24 -5.53
C ASN A 428 -3.06 15.10 -4.37
N GLY A 429 -2.74 14.70 -3.14
CA GLY A 429 -3.13 15.45 -1.94
C GLY A 429 -2.56 16.87 -1.87
N CYS A 430 -1.36 17.07 -2.45
CA CYS A 430 -0.64 18.36 -2.43
C CYS A 430 -0.65 19.01 -3.82
N ALA A 431 -0.99 20.29 -3.87
CA ALA A 431 -0.98 21.06 -5.11
C ALA A 431 0.41 21.05 -5.79
N ASP A 432 0.42 20.77 -7.10
CA ASP A 432 1.66 20.73 -7.90
C ASP A 432 2.70 19.71 -7.37
N ASN A 433 2.20 18.63 -6.76
CA ASN A 433 3.02 17.57 -6.19
C ASN A 433 4.11 18.05 -5.19
N ARG A 434 3.75 19.01 -4.33
CA ARG A 434 4.71 19.73 -3.46
C ARG A 434 5.07 19.07 -2.12
N CYS A 435 4.87 17.75 -2.01
CA CYS A 435 5.23 17.01 -0.80
C CYS A 435 6.22 15.92 -1.16
N ASN A 436 7.12 15.61 -0.23
CA ASN A 436 7.95 14.42 -0.33
C ASN A 436 7.48 13.37 0.65
N ASN A 437 6.18 13.09 0.56
CA ASN A 437 5.52 12.10 1.38
C ASN A 437 5.21 10.90 0.45
N GLY A 438 5.51 9.71 0.90
CA GLY A 438 5.30 8.52 0.07
C GLY A 438 6.32 8.38 -1.04
N THR A 439 6.00 7.51 -2.00
CA THR A 439 6.90 7.21 -3.11
C THR A 439 7.04 8.41 -4.04
N LEU A 440 8.24 8.59 -4.59
CA LEU A 440 8.54 9.68 -5.51
C LEU A 440 8.21 9.25 -6.93
N GLY A 441 7.03 9.62 -7.41
CA GLY A 441 6.63 9.36 -8.79
C GLY A 441 7.26 10.37 -9.75
N ILE A 442 7.08 11.66 -9.45
CA ILE A 442 7.72 12.77 -10.15
C ILE A 442 8.06 13.84 -9.12
N GLY A 443 8.77 14.87 -9.57
CA GLY A 443 9.14 15.99 -8.72
C GLY A 443 7.99 16.97 -8.63
N TRP A 444 8.30 18.18 -8.17
CA TRP A 444 7.30 19.23 -7.97
C TRP A 444 7.38 20.37 -8.99
N GLY A 445 6.28 21.09 -9.15
CA GLY A 445 6.22 22.30 -9.96
C GLY A 445 5.22 22.19 -11.08
N SER A 446 5.47 22.95 -12.15
CA SER A 446 4.60 22.95 -13.33
C SER A 446 4.84 21.74 -14.21
N GLY A 447 5.97 21.06 -14.04
CA GLY A 447 6.31 19.89 -14.87
C GLY A 447 5.67 18.59 -14.43
N THR A 448 4.39 18.65 -14.06
CA THR A 448 3.69 17.58 -13.39
C THR A 448 2.26 17.49 -13.88
N GLY A 449 1.59 16.44 -13.47
CA GLY A 449 0.16 16.32 -13.61
C GLY A 449 -0.43 15.46 -12.50
N ASN A 450 -1.74 15.37 -12.49
CA ASN A 450 -2.44 14.56 -11.51
C ASN A 450 -2.40 13.09 -11.89
N PHE A 451 -2.02 12.26 -10.94
CA PHE A 451 -2.02 10.82 -11.12
C PHE A 451 -3.43 10.27 -11.23
N PRO A 452 -3.67 9.36 -12.20
CA PRO A 452 -4.90 8.56 -12.18
C PRO A 452 -4.84 7.47 -11.09
N TYR A 453 -3.61 7.09 -10.74
CA TYR A 453 -3.27 6.21 -9.64
C TYR A 453 -1.74 6.29 -9.49
N LEU A 454 -1.20 5.79 -8.39
CA LEU A 454 0.25 5.70 -8.22
C LEU A 454 0.58 4.38 -7.55
N VAL A 455 1.08 3.43 -8.34
CA VAL A 455 1.39 2.11 -7.82
C VAL A 455 2.69 2.20 -7.04
N THR A 456 2.61 1.98 -5.74
CA THR A 456 3.78 2.04 -4.87
C THR A 456 4.55 0.73 -4.94
N PRO A 457 5.87 0.78 -4.71
CA PRO A 457 6.63 -0.46 -4.58
C PRO A 457 6.01 -1.47 -3.61
N ASP A 458 5.52 -0.98 -2.49
CA ASP A 458 4.96 -1.83 -1.48
C ASP A 458 3.75 -2.65 -1.96
N GLN A 459 2.85 -2.03 -2.74
N GLN A 459 2.88 -2.01 -2.74
CA GLN A 459 1.70 -2.73 -3.31
CA GLN A 459 1.69 -2.65 -3.29
C GLN A 459 2.12 -3.81 -4.29
C GLN A 459 2.05 -3.74 -4.33
N ALA A 460 2.99 -3.43 -5.22
CA ALA A 460 3.43 -4.37 -6.28
C ALA A 460 4.31 -5.49 -5.74
N LEU A 461 5.19 -5.18 -4.79
CA LEU A 461 6.07 -6.19 -4.23
C LEU A 461 5.33 -7.15 -3.30
N GLN A 462 4.36 -6.65 -2.52
CA GLN A 462 3.50 -7.54 -1.73
C GLN A 462 2.74 -8.55 -2.60
N ALA A 463 2.11 -8.06 -3.65
CA ALA A 463 1.28 -8.90 -4.52
C ALA A 463 2.15 -9.97 -5.17
N ARG A 464 3.35 -9.58 -5.61
CA ARG A 464 4.28 -10.53 -6.16
C ARG A 464 4.70 -11.56 -5.13
N ALA A 465 4.99 -11.11 -3.91
CA ALA A 465 5.40 -12.02 -2.83
C ALA A 465 4.29 -13.03 -2.48
N VAL A 466 3.06 -12.54 -2.37
CA VAL A 466 1.92 -13.39 -2.02
C VAL A 466 1.71 -14.45 -3.13
N GLN A 467 1.76 -14.02 -4.39
CA GLN A 467 1.68 -14.94 -5.53
C GLN A 467 2.71 -16.07 -5.48
N ASP A 468 3.93 -15.74 -5.03
CA ASP A 468 5.04 -16.70 -4.97
C ASP A 468 5.10 -17.53 -3.69
N GLY A 469 4.28 -17.21 -2.70
CA GLY A 469 4.41 -17.81 -1.37
C GLY A 469 5.58 -17.28 -0.55
N SER A 470 6.08 -16.10 -0.92
CA SER A 470 7.14 -15.44 -0.16
C SER A 470 6.54 -14.73 1.04
N ARG A 471 7.24 -14.75 2.15
CA ARG A 471 6.88 -13.91 3.29
C ARG A 471 7.15 -12.46 2.92
N TYR A 472 6.27 -11.55 3.38
CA TYR A 472 6.37 -10.12 3.07
C TYR A 472 5.95 -9.23 4.25
N GLU A 473 6.88 -8.40 4.69
CA GLU A 473 6.62 -7.40 5.71
C GLU A 473 7.27 -6.10 5.26
N SER A 474 6.63 -4.98 5.54
CA SER A 474 7.18 -3.68 5.18
C SER A 474 7.08 -2.70 6.32
N VAL A 475 8.10 -1.85 6.45
CA VAL A 475 8.07 -0.75 7.42
C VAL A 475 8.21 0.50 6.57
N LEU A 476 7.13 1.27 6.48
CA LEU A 476 7.01 2.39 5.52
C LEU A 476 7.33 3.76 6.16
N ARG A 477 8.42 3.78 6.94
CA ARG A 477 8.93 4.96 7.63
C ARG A 477 10.44 4.91 7.52
N ASN A 478 11.11 6.05 7.41
CA ASN A 478 12.59 6.05 7.42
C ASN A 478 13.22 5.99 8.82
N HIS A 479 12.49 6.47 9.84
CA HIS A 479 12.98 6.48 11.22
C HIS A 479 12.18 5.55 12.13
N ALA A 480 12.60 4.29 12.16
CA ALA A 480 12.00 3.28 13.02
C ALA A 480 13.05 2.19 13.24
N PRO A 481 14.20 2.56 13.84
CA PRO A 481 15.30 1.60 13.93
C PRO A 481 14.97 0.34 14.74
N THR A 482 14.20 0.48 15.82
CA THR A 482 13.82 -0.68 16.65
C THR A 482 13.08 -1.74 15.80
N GLU A 483 12.05 -1.29 15.09
CA GLU A 483 11.21 -2.19 14.31
C GLU A 483 11.95 -2.73 13.07
N ILE A 484 12.70 -1.85 12.41
CA ILE A 484 13.45 -2.19 11.21
C ILE A 484 14.56 -3.20 11.54
N LYS A 485 15.30 -2.95 12.61
CA LYS A 485 16.36 -3.88 13.04
C LYS A 485 15.79 -5.26 13.38
N ALA A 486 14.67 -5.29 14.09
CA ALA A 486 14.03 -6.56 14.48
C ALA A 486 13.56 -7.36 13.25
N LEU A 487 13.14 -6.65 12.20
CA LEU A 487 12.67 -7.26 10.97
C LEU A 487 13.82 -7.77 10.10
N VAL A 488 14.72 -6.86 9.72
CA VAL A 488 15.73 -7.17 8.72
C VAL A 488 16.89 -8.03 9.24
N SER A 489 17.09 -8.07 10.56
CA SER A 489 18.15 -8.91 11.13
C SER A 489 17.75 -10.40 11.26
N GLN A 490 16.49 -10.74 10.97
CA GLN A 490 16.04 -12.16 10.98
C GLN A 490 16.67 -12.92 9.81
N GLN A 491 16.83 -14.24 10.01
CA GLN A 491 17.35 -15.18 8.99
C GLN A 491 16.75 -15.02 7.62
N ASP A 492 17.62 -14.97 6.61
CA ASP A 492 17.25 -15.03 5.19
C ASP A 492 16.48 -13.82 4.69
N ALA A 493 16.52 -12.71 5.42
CA ALA A 493 15.80 -11.53 5.00
C ALA A 493 16.48 -10.94 3.76
N THR A 494 15.68 -10.61 2.77
CA THR A 494 16.09 -9.79 1.64
C THR A 494 15.48 -8.43 1.91
N ALA A 495 16.31 -7.48 2.35
CA ALA A 495 15.84 -6.15 2.70
C ALA A 495 15.92 -5.26 1.48
N ILE A 496 14.80 -4.65 1.10
CA ILE A 496 14.79 -3.76 -0.04
C ILE A 496 14.42 -2.40 0.52
N VAL A 497 15.39 -1.48 0.45
CA VAL A 497 15.30 -0.17 1.04
C VAL A 497 15.07 0.83 -0.09
N PHE A 498 13.91 1.49 -0.05
CA PHE A 498 13.56 2.54 -0.97
C PHE A 498 13.83 3.90 -0.32
N VAL A 499 14.61 4.74 -0.98
CA VAL A 499 14.98 6.06 -0.49
C VAL A 499 14.94 7.04 -1.64
N ASN A 500 14.79 8.32 -1.31
CA ASN A 500 14.66 9.36 -2.31
C ASN A 500 15.34 10.69 -1.98
N ALA A 501 15.37 11.53 -3.01
CA ALA A 501 15.66 12.93 -2.92
C ALA A 501 14.68 13.57 -3.89
N ASN A 502 14.44 14.86 -3.74
CA ASN A 502 13.40 15.52 -4.52
C ASN A 502 13.87 16.92 -4.90
N SER A 503 13.25 17.48 -5.93
CA SER A 503 13.49 18.87 -6.32
C SER A 503 12.42 19.30 -7.30
N GLY A 504 12.44 20.57 -7.67
CA GLY A 504 11.48 21.06 -8.63
C GLY A 504 11.56 22.54 -8.91
N GLU A 505 10.41 23.08 -9.31
CA GLU A 505 10.32 24.45 -9.76
C GLU A 505 10.38 25.41 -8.56
N GLY A 506 10.93 26.60 -8.80
CA GLY A 506 11.29 27.57 -7.76
C GLY A 506 10.16 28.19 -6.95
N PHE A 507 8.93 28.14 -7.45
CA PHE A 507 7.77 28.66 -6.71
C PHE A 507 7.39 27.82 -5.49
N ILE A 508 7.92 26.58 -5.40
CA ILE A 508 7.71 25.70 -4.24
C ILE A 508 9.02 25.46 -3.50
N GLU A 509 8.90 25.39 -2.18
CA GLU A 509 10.01 25.17 -1.28
C GLU A 509 9.66 24.10 -0.26
N ILE A 510 10.56 23.13 -0.09
CA ILE A 510 10.42 22.09 0.95
C ILE A 510 11.69 22.10 1.81
N ASP A 511 11.55 22.45 3.10
CA ASP A 511 12.66 22.37 4.08
C ASP A 511 13.94 23.10 3.61
N GLY A 512 13.76 24.33 3.15
CA GLY A 512 14.89 25.17 2.67
C GLY A 512 15.33 24.92 1.24
N ASN A 513 14.76 23.92 0.57
CA ASN A 513 15.07 23.63 -0.84
C ASN A 513 14.12 24.42 -1.72
N LYS A 514 14.58 25.59 -2.16
CA LYS A 514 13.82 26.53 -2.98
C LYS A 514 13.96 26.17 -4.45
N GLY A 515 13.14 25.23 -4.91
CA GLY A 515 13.32 24.63 -6.25
C GLY A 515 14.57 23.77 -6.32
N ASP A 516 15.73 24.41 -6.43
CA ASP A 516 17.03 23.72 -6.43
C ASP A 516 17.25 22.94 -5.14
N ARG A 517 18.06 21.88 -5.23
CA ARG A 517 18.46 21.14 -4.05
C ARG A 517 19.56 21.91 -3.31
N LEU A 518 19.47 21.95 -1.99
CA LEU A 518 20.53 22.50 -1.16
C LEU A 518 21.77 21.62 -1.19
N ASN A 519 21.59 20.31 -1.28
CA ASN A 519 22.71 19.36 -1.23
C ASN A 519 22.47 18.15 -2.16
N LEU A 520 23.43 17.22 -2.18
CA LEU A 520 23.34 16.02 -3.00
C LEU A 520 23.23 14.78 -2.13
N THR A 521 22.59 14.90 -0.97
CA THR A 521 22.35 13.76 -0.08
C THR A 521 20.93 13.24 -0.32
N LEU A 522 20.62 12.08 0.25
CA LEU A 522 19.25 11.61 0.29
C LEU A 522 18.46 12.43 1.30
N TRP A 523 17.16 12.50 1.06
CA TRP A 523 16.23 13.17 1.94
C TRP A 523 15.71 12.20 2.99
N ASN A 524 15.08 12.76 4.02
CA ASN A 524 14.32 11.99 5.02
C ASN A 524 15.21 10.99 5.78
N GLU A 525 16.45 11.42 6.08
CA GLU A 525 17.49 10.56 6.67
C GLU A 525 17.77 9.26 5.87
N GLY A 526 17.63 9.31 4.56
CA GLY A 526 17.86 8.17 3.69
C GLY A 526 19.22 7.51 3.86
N ASP A 527 20.26 8.33 3.99
CA ASP A 527 21.61 7.78 4.07
C ASP A 527 21.80 6.96 5.34
N ALA A 528 21.38 7.53 6.48
CA ALA A 528 21.42 6.83 7.77
C ALA A 528 20.53 5.58 7.80
N LEU A 529 19.39 5.62 7.10
CA LEU A 529 18.57 4.41 6.93
C LEU A 529 19.33 3.28 6.21
N VAL A 530 19.96 3.62 5.10
CA VAL A 530 20.70 2.64 4.31
C VAL A 530 21.92 2.09 5.08
N LYS A 531 22.61 2.94 5.85
CA LYS A 531 23.73 2.46 6.70
C LYS A 531 23.26 1.53 7.81
N ASN A 532 22.14 1.87 8.43
CA ASN A 532 21.55 1.04 9.48
C ASN A 532 21.09 -0.33 8.94
N VAL A 533 20.32 -0.34 7.86
CA VAL A 533 19.82 -1.60 7.30
C VAL A 533 20.97 -2.51 6.83
N SER A 534 21.92 -1.95 6.10
CA SER A 534 23.09 -2.71 5.65
C SER A 534 23.99 -3.20 6.80
N SER A 535 23.99 -2.52 7.93
CA SER A 535 24.70 -2.99 9.11
C SER A 535 23.99 -4.18 9.79
N TRP A 536 22.66 -4.24 9.64
CA TRP A 536 21.81 -5.29 10.19
C TRP A 536 21.49 -6.47 9.26
N CYS A 537 21.66 -6.30 7.96
CA CYS A 537 21.22 -7.31 6.99
C CYS A 537 22.22 -7.45 5.83
N ASN A 538 22.74 -8.66 5.65
CA ASN A 538 23.74 -8.90 4.60
C ASN A 538 23.16 -9.13 3.20
N ASN A 539 21.86 -8.97 3.03
CA ASN A 539 21.28 -8.93 1.70
C ASN A 539 20.38 -7.71 1.57
N THR A 540 21.03 -6.55 1.54
CA THR A 540 20.36 -5.27 1.38
C THR A 540 20.39 -4.78 -0.08
N ILE A 541 19.22 -4.49 -0.60
CA ILE A 541 19.05 -3.97 -1.93
C ILE A 541 18.51 -2.54 -1.82
N VAL A 542 19.20 -1.58 -2.42
CA VAL A 542 18.80 -0.18 -2.34
C VAL A 542 18.23 0.28 -3.69
N VAL A 543 17.03 0.84 -3.66
CA VAL A 543 16.43 1.51 -4.81
C VAL A 543 16.34 3.02 -4.52
N LEU A 544 16.87 3.80 -5.45
CA LEU A 544 16.93 5.24 -5.36
C LEU A 544 15.93 5.87 -6.32
N HIS A 545 15.03 6.70 -5.79
CA HIS A 545 14.19 7.56 -6.62
C HIS A 545 14.69 8.97 -6.45
N THR A 546 15.46 9.47 -7.41
CA THR A 546 16.02 10.81 -7.33
C THR A 546 15.88 11.53 -8.69
N PRO A 547 15.84 12.87 -8.68
CA PRO A 547 15.82 13.67 -9.92
C PRO A 547 17.19 13.75 -10.61
N GLY A 548 18.24 13.37 -9.90
CA GLY A 548 19.60 13.47 -10.39
C GLY A 548 20.49 12.73 -9.38
N PRO A 549 21.80 12.92 -9.46
CA PRO A 549 22.66 12.12 -8.60
C PRO A 549 22.57 12.52 -7.13
N VAL A 550 22.81 11.53 -6.27
CA VAL A 550 23.15 11.75 -4.88
C VAL A 550 24.49 11.08 -4.61
N LEU A 551 25.10 11.41 -3.48
CA LEU A 551 26.43 10.91 -3.14
C LEU A 551 26.28 9.59 -2.42
N LEU A 552 26.74 8.52 -3.08
CA LEU A 552 26.64 7.18 -2.55
C LEU A 552 27.90 6.76 -1.79
N THR A 553 28.91 7.65 -1.80
CA THR A 553 30.27 7.39 -1.34
C THR A 553 30.41 6.68 0.01
N GLU A 554 29.64 7.08 1.01
CA GLU A 554 29.85 6.53 2.36
C GLU A 554 29.31 5.10 2.56
N TRP A 555 28.41 4.62 1.70
CA TRP A 555 27.80 3.30 1.91
C TRP A 555 27.74 2.33 0.74
N TYR A 556 28.09 2.76 -0.46
CA TYR A 556 27.86 1.94 -1.65
C TYR A 556 28.78 0.72 -1.72
N ASP A 557 29.98 0.86 -1.16
CA ASP A 557 30.98 -0.20 -1.12
C ASP A 557 30.78 -1.25 -0.02
N ASN A 558 29.76 -1.13 0.84
CA ASN A 558 29.44 -2.19 1.83
C ASN A 558 28.99 -3.47 1.11
N PRO A 559 29.72 -4.60 1.29
CA PRO A 559 29.32 -5.90 0.70
C PRO A 559 27.96 -6.42 1.14
N ASN A 560 27.46 -5.91 2.26
CA ASN A 560 26.07 -6.19 2.67
C ASN A 560 25.02 -5.55 1.77
N ILE A 561 25.41 -4.52 1.02
CA ILE A 561 24.55 -3.95 0.00
C ILE A 561 24.89 -4.70 -1.27
N THR A 562 24.05 -5.68 -1.58
CA THR A 562 24.27 -6.57 -2.71
C THR A 562 23.77 -5.98 -4.02
N ALA A 563 22.88 -4.99 -3.97
CA ALA A 563 22.47 -4.31 -5.20
C ALA A 563 21.97 -2.89 -4.99
N ILE A 564 22.18 -2.06 -6.00
CA ILE A 564 21.73 -0.67 -6.00
C ILE A 564 21.10 -0.36 -7.35
N LEU A 565 19.91 0.24 -7.32
CA LEU A 565 19.22 0.68 -8.53
C LEU A 565 18.79 2.13 -8.42
N TRP A 566 18.98 2.88 -9.50
CA TRP A 566 18.41 4.21 -9.64
C TRP A 566 17.20 4.10 -10.56
N ALA A 567 16.04 4.41 -10.01
CA ALA A 567 14.76 4.34 -10.72
C ALA A 567 14.19 5.72 -11.07
N GLY A 568 14.93 6.78 -10.77
CA GLY A 568 14.57 8.14 -11.18
C GLY A 568 13.18 8.58 -10.72
N MET A 569 12.41 9.10 -11.67
CA MET A 569 11.03 9.49 -11.49
C MET A 569 10.18 8.71 -12.51
N PRO A 570 9.72 7.51 -12.08
CA PRO A 570 9.08 6.56 -12.96
C PRO A 570 7.65 6.90 -13.36
N GLY A 571 7.01 7.84 -12.67
CA GLY A 571 5.61 8.14 -12.94
C GLY A 571 4.66 7.09 -12.37
N GLN A 572 3.49 6.95 -13.01
CA GLN A 572 2.33 6.31 -12.38
C GLN A 572 2.46 4.83 -12.03
N GLU A 573 3.31 4.10 -12.74
CA GLU A 573 3.41 2.65 -12.57
C GLU A 573 4.64 2.22 -11.75
N SER A 574 5.20 3.13 -10.94
CA SER A 574 6.47 2.92 -10.23
C SER A 574 6.67 1.50 -9.69
N GLY A 575 5.72 1.07 -8.88
CA GLY A 575 5.81 -0.22 -8.20
C GLY A 575 5.90 -1.40 -9.14
N ASN A 576 5.12 -1.35 -10.21
CA ASN A 576 5.15 -2.42 -11.21
C ASN A 576 6.45 -2.40 -12.02
N SER A 577 6.93 -1.22 -12.38
CA SER A 577 8.20 -1.07 -13.09
C SER A 577 9.35 -1.67 -12.30
N ILE A 578 9.48 -1.26 -11.04
CA ILE A 578 10.60 -1.74 -10.22
C ILE A 578 10.49 -3.24 -9.92
N THR A 579 9.28 -3.75 -9.73
CA THR A 579 9.07 -5.19 -9.49
C THR A 579 9.47 -5.98 -10.75
N ASP A 580 9.11 -5.49 -11.93
CA ASP A 580 9.55 -6.07 -13.20
C ASP A 580 11.08 -6.23 -13.29
N VAL A 581 11.82 -5.20 -12.89
CA VAL A 581 13.29 -5.27 -12.93
C VAL A 581 13.83 -6.13 -11.81
N LEU A 582 13.31 -5.97 -10.59
CA LEU A 582 13.79 -6.74 -9.43
C LEU A 582 13.69 -8.25 -9.65
N TYR A 583 12.60 -8.69 -10.28
CA TYR A 583 12.36 -10.11 -10.57
C TYR A 583 12.80 -10.54 -11.96
N GLY A 584 13.39 -9.63 -12.74
CA GLY A 584 13.92 -9.98 -14.03
C GLY A 584 12.91 -10.25 -15.15
N ARG A 585 11.68 -9.76 -15.02
CA ARG A 585 10.72 -9.77 -16.14
C ARG A 585 11.18 -8.77 -17.22
N VAL A 586 11.84 -7.71 -16.76
CA VAL A 586 12.65 -6.84 -17.59
C VAL A 586 14.09 -7.08 -17.11
N ASN A 587 14.99 -7.35 -18.04
CA ASN A 587 16.43 -7.45 -17.76
C ASN A 587 16.94 -6.02 -17.93
N PRO A 588 17.49 -5.40 -16.86
CA PRO A 588 17.78 -3.98 -17.00
C PRO A 588 18.83 -3.67 -18.07
N SER A 589 18.59 -2.62 -18.83
CA SER A 589 19.53 -2.08 -19.81
C SER A 589 19.82 -0.58 -19.65
N GLY A 590 19.02 0.10 -18.84
CA GLY A 590 19.09 1.55 -18.75
C GLY A 590 20.43 2.04 -18.24
N ARG A 591 20.82 3.20 -18.72
CA ARG A 591 22.13 3.74 -18.45
C ARG A 591 21.97 5.11 -17.77
N THR A 592 22.84 5.38 -16.79
CA THR A 592 22.80 6.66 -16.10
C THR A 592 23.10 7.80 -17.10
N PRO A 593 22.15 8.77 -17.24
CA PRO A 593 22.34 9.91 -18.13
C PRO A 593 23.12 11.10 -17.50
N PHE A 594 23.78 10.83 -16.37
CA PHE A 594 24.68 11.76 -15.70
C PHE A 594 25.67 10.93 -14.87
N THR A 595 26.69 11.59 -14.35
CA THR A 595 27.75 10.98 -13.55
C THR A 595 27.38 10.96 -12.05
N TRP A 596 27.71 9.86 -11.38
CA TRP A 596 27.59 9.72 -9.95
C TRP A 596 28.97 9.99 -9.36
N GLY A 597 29.17 11.22 -8.92
CA GLY A 597 30.47 11.67 -8.39
C GLY A 597 30.65 11.25 -6.96
N ALA A 598 31.89 11.27 -6.48
CA ALA A 598 32.20 10.96 -5.07
C ALA A 598 31.89 12.09 -4.10
N THR A 599 31.92 13.33 -4.58
CA THR A 599 31.66 14.49 -3.75
C THR A 599 30.90 15.53 -4.56
N ARG A 600 30.38 16.52 -3.85
CA ARG A 600 29.74 17.68 -4.41
C ARG A 600 30.71 18.49 -5.27
N GLU A 601 31.94 18.62 -4.79
CA GLU A 601 32.97 19.41 -5.48
C GLU A 601 33.52 18.70 -6.73
N SER A 602 33.43 17.37 -6.76
CA SER A 602 33.92 16.59 -7.91
C SER A 602 33.21 16.93 -9.20
N TYR A 603 31.97 17.41 -9.09
CA TYR A 603 31.20 17.89 -10.23
C TYR A 603 31.77 19.16 -10.88
N GLY A 604 32.40 20.02 -10.08
CA GLY A 604 33.05 21.21 -10.59
C GLY A 604 32.14 22.39 -10.91
N THR A 605 30.84 22.16 -10.94
CA THR A 605 29.86 23.22 -11.01
C THR A 605 28.95 23.10 -9.79
N ASP A 606 28.23 24.17 -9.52
CA ASP A 606 27.25 24.18 -8.43
C ASP A 606 26.20 25.24 -8.76
N VAL A 607 25.08 25.16 -8.06
CA VAL A 607 24.09 26.21 -8.06
C VAL A 607 24.67 27.46 -7.33
N LEU A 608 24.30 28.65 -7.81
CA LEU A 608 24.59 29.92 -7.13
C LEU A 608 23.42 30.25 -6.21
N TYR A 609 23.64 30.11 -4.90
CA TYR A 609 22.58 30.27 -3.88
C TYR A 609 22.46 31.69 -3.31
N GLU A 610 23.46 32.54 -3.56
CA GLU A 610 23.52 33.87 -2.99
C GLU A 610 23.76 34.91 -4.09
N PRO A 611 23.02 36.04 -4.06
CA PRO A 611 23.27 37.07 -5.08
C PRO A 611 24.74 37.54 -5.02
N ASN A 612 25.37 37.69 -6.19
CA ASN A 612 26.81 37.99 -6.30
C ASN A 612 27.10 39.33 -6.99
N ASN A 613 26.07 40.15 -7.18
CA ASN A 613 26.20 41.43 -7.86
C ASN A 613 25.37 42.50 -7.13
N GLY A 614 25.47 42.55 -5.80
CA GLY A 614 24.73 43.52 -4.99
C GLY A 614 23.24 43.28 -5.07
N ASN A 615 22.47 44.31 -5.37
CA ASN A 615 21.02 44.19 -5.61
C ASN A 615 20.65 44.13 -7.09
N GLU A 616 21.63 44.09 -7.96
CA GLU A 616 21.37 43.95 -9.39
C GLU A 616 21.40 42.46 -9.78
N ALA A 617 21.18 42.21 -11.07
CA ALA A 617 21.16 40.86 -11.64
C ALA A 617 22.36 40.04 -11.20
N PRO A 618 22.13 38.93 -10.47
CA PRO A 618 23.23 37.97 -10.27
C PRO A 618 23.79 37.44 -11.62
N GLN A 619 25.09 37.13 -11.62
CA GLN A 619 25.83 36.78 -12.81
C GLN A 619 26.30 35.32 -12.71
N LEU A 620 25.78 34.47 -13.58
CA LEU A 620 26.19 33.08 -13.64
C LEU A 620 27.15 32.94 -14.80
N ASP A 621 28.44 33.04 -14.49
CA ASP A 621 29.49 32.89 -15.50
C ASP A 621 29.78 31.41 -15.76
N TYR A 622 29.63 30.96 -17.00
CA TYR A 622 29.82 29.55 -17.37
C TYR A 622 31.30 29.30 -17.72
N THR A 623 32.19 29.54 -16.74
CA THR A 623 33.65 29.54 -16.98
C THR A 623 34.17 28.12 -17.25
N GLU A 624 33.47 27.13 -16.70
CA GLU A 624 33.72 25.72 -17.00
C GLU A 624 33.65 25.38 -18.53
N GLY A 625 32.92 26.18 -19.30
CA GLY A 625 32.82 25.97 -20.72
C GLY A 625 31.98 24.72 -20.98
N VAL A 626 32.45 23.87 -21.89
CA VAL A 626 31.78 22.61 -22.17
C VAL A 626 32.03 21.52 -21.13
N PHE A 627 32.92 21.78 -20.17
CA PHE A 627 33.30 20.77 -19.19
C PHE A 627 32.35 20.73 -18.02
N ILE A 628 31.18 20.15 -18.27
CA ILE A 628 30.23 19.77 -17.23
C ILE A 628 30.07 18.26 -17.27
N ASP A 629 29.46 17.72 -16.22
CA ASP A 629 29.30 16.28 -16.02
C ASP A 629 30.53 15.46 -16.47
N TYR A 630 30.35 14.40 -17.27
CA TYR A 630 31.47 13.49 -17.56
C TYR A 630 32.67 14.18 -18.26
N ARG A 631 32.43 15.23 -19.03
CA ARG A 631 33.53 15.97 -19.67
C ARG A 631 34.45 16.56 -18.59
N HIS A 632 33.86 17.13 -17.55
CA HIS A 632 34.66 17.61 -16.41
C HIS A 632 35.36 16.46 -15.69
N PHE A 633 34.61 15.42 -15.31
CA PHE A 633 35.20 14.30 -14.58
C PHE A 633 36.39 13.69 -15.33
N ASP A 634 36.27 13.49 -16.64
CA ASP A 634 37.35 12.91 -17.45
C ASP A 634 38.59 13.84 -17.56
N LYS A 635 38.35 15.12 -17.79
CA LYS A 635 39.44 16.10 -17.95
C LYS A 635 40.20 16.37 -16.66
N ALA A 636 39.46 16.55 -15.57
CA ALA A 636 40.09 16.81 -14.27
C ALA A 636 40.50 15.51 -13.59
N ASN A 637 40.02 14.38 -14.11
CA ASN A 637 40.14 13.08 -13.46
C ASN A 637 39.61 13.10 -12.02
N ALA A 638 38.44 13.72 -11.85
CA ALA A 638 37.78 13.83 -10.54
C ALA A 638 37.12 12.50 -10.17
N SER A 639 36.79 12.32 -8.89
CA SER A 639 36.38 10.98 -8.42
C SER A 639 34.99 10.60 -8.88
N VAL A 640 34.92 9.50 -9.63
CA VAL A 640 33.69 8.97 -10.17
C VAL A 640 33.35 7.70 -9.40
N LEU A 641 32.10 7.56 -8.97
CA LEU A 641 31.64 6.26 -8.50
C LEU A 641 31.09 5.45 -9.67
N TYR A 642 30.15 6.05 -10.41
CA TYR A 642 29.55 5.45 -11.59
C TYR A 642 29.52 6.46 -12.73
N GLU A 643 30.05 6.07 -13.87
CA GLU A 643 30.27 6.98 -14.99
C GLU A 643 29.01 7.17 -15.83
N PHE A 644 28.98 8.26 -16.59
CA PHE A 644 27.92 8.49 -17.59
C PHE A 644 27.85 7.29 -18.52
N GLY A 645 26.64 6.84 -18.82
CA GLY A 645 26.42 5.68 -19.69
C GLY A 645 26.61 4.33 -19.02
N PHE A 646 26.83 4.30 -17.70
CA PHE A 646 27.01 3.04 -16.99
C PHE A 646 25.67 2.43 -16.60
N GLY A 647 25.61 1.11 -16.69
CA GLY A 647 24.48 0.33 -16.25
C GLY A 647 24.75 -1.16 -16.46
N LEU A 648 24.30 -1.97 -15.50
CA LEU A 648 24.48 -3.41 -15.55
C LEU A 648 23.24 -4.10 -16.12
N SER A 649 23.45 -5.37 -16.47
CA SER A 649 22.43 -6.27 -16.95
C SER A 649 22.57 -7.57 -16.16
N TYR A 650 21.55 -8.42 -16.20
CA TYR A 650 21.62 -9.77 -15.62
C TYR A 650 22.28 -10.77 -16.57
N THR A 651 22.74 -10.29 -17.73
CA THR A 651 23.68 -11.02 -18.55
C THR A 651 24.90 -10.16 -18.77
N THR A 652 25.85 -10.68 -19.53
CA THR A 652 27.07 -9.97 -19.89
C THR A 652 27.17 -9.82 -21.40
N PHE A 653 27.96 -8.84 -21.85
CA PHE A 653 28.16 -8.55 -23.27
C PHE A 653 29.62 -8.34 -23.59
N GLU A 654 30.07 -8.86 -24.73
CA GLU A 654 31.46 -8.73 -25.18
C GLU A 654 31.48 -7.89 -26.46
N TYR A 655 32.47 -7.00 -26.61
CA TYR A 655 32.58 -6.11 -27.77
C TYR A 655 33.74 -6.57 -28.65
N SER A 656 33.54 -6.55 -29.96
CA SER A 656 34.59 -6.91 -30.91
C SER A 656 34.38 -6.27 -32.27
N ASN A 657 35.40 -6.37 -33.12
CA ASN A 657 35.29 -6.16 -34.58
C ASN A 657 34.83 -4.74 -34.98
N LEU A 658 35.49 -3.72 -34.39
CA LEU A 658 35.20 -2.32 -34.73
C LEU A 658 35.67 -2.03 -36.13
N LYS A 659 34.79 -1.42 -36.92
CA LYS A 659 35.14 -1.01 -38.29
C LYS A 659 34.60 0.37 -38.55
N ILE A 660 35.32 1.12 -39.38
CA ILE A 660 34.92 2.46 -39.78
C ILE A 660 35.07 2.55 -41.30
N GLU A 661 33.99 2.94 -41.96
CA GLU A 661 33.98 3.16 -43.41
CA GLU A 661 33.96 3.17 -43.41
C GLU A 661 33.92 4.67 -43.70
N LYS A 662 34.93 5.17 -44.41
CA LYS A 662 34.96 6.58 -44.80
C LYS A 662 34.05 6.82 -46.03
N HIS A 663 33.23 7.86 -45.95
CA HIS A 663 32.34 8.27 -47.02
C HIS A 663 33.01 9.41 -47.81
N GLN A 664 32.73 9.47 -49.10
CA GLN A 664 33.11 10.62 -49.93
C GLN A 664 32.05 11.70 -49.73
N VAL A 665 32.47 12.89 -49.29
CA VAL A 665 31.57 14.04 -49.17
C VAL A 665 32.17 15.23 -49.92
N GLY A 666 31.29 16.10 -50.41
CA GLY A 666 31.71 17.40 -50.94
C GLY A 666 32.28 18.32 -49.85
N GLU A 667 32.83 19.46 -50.30
CA GLU A 667 33.42 20.46 -49.39
C GLU A 667 32.29 21.14 -48.58
N TYR A 668 32.61 21.57 -47.36
CA TYR A 668 31.65 22.30 -46.54
C TYR A 668 31.59 23.73 -47.07
N THR A 669 30.54 24.03 -47.83
CA THR A 669 30.44 25.29 -48.57
C THR A 669 29.63 26.31 -47.79
N PRO A 670 30.16 27.54 -47.63
CA PRO A 670 29.37 28.55 -46.93
C PRO A 670 28.07 28.90 -47.67
N THR A 671 26.99 29.05 -46.91
CA THR A 671 25.71 29.45 -47.47
C THR A 671 25.80 30.93 -47.83
N THR A 672 25.29 31.27 -49.01
CA THR A 672 25.40 32.61 -49.58
C THR A 672 24.05 33.03 -50.20
N GLY A 673 23.89 34.33 -50.43
CA GLY A 673 22.67 34.85 -51.02
C GLY A 673 21.87 35.70 -50.05
N GLN A 674 20.64 36.01 -50.43
N GLN A 674 20.63 36.00 -50.42
CA GLN A 674 19.77 36.92 -49.68
CA GLN A 674 19.76 36.90 -49.68
C GLN A 674 18.42 36.26 -49.38
C GLN A 674 18.42 36.26 -49.38
N THR A 675 17.77 36.72 -48.32
CA THR A 675 16.37 36.36 -48.04
C THR A 675 15.50 37.17 -48.99
N GLU A 676 14.20 36.88 -49.01
CA GLU A 676 13.25 37.79 -49.64
C GLU A 676 13.13 39.05 -48.79
N ALA A 677 12.57 40.11 -49.39
CA ALA A 677 12.06 41.23 -48.63
C ALA A 677 10.91 40.74 -47.77
N ALA A 678 10.71 41.37 -46.61
CA ALA A 678 9.66 40.95 -45.68
C ALA A 678 8.29 41.24 -46.29
N PRO A 679 7.42 40.22 -46.43
CA PRO A 679 6.11 40.45 -47.02
C PRO A 679 5.09 40.91 -45.97
N THR A 680 4.01 41.52 -46.45
CA THR A 680 2.87 41.84 -45.63
C THR A 680 1.67 41.05 -46.16
N PHE A 681 0.76 40.71 -45.24
CA PHE A 681 -0.40 39.88 -45.55
C PHE A 681 -1.64 40.63 -45.11
N GLY A 682 -2.41 41.08 -46.07
CA GLY A 682 -3.60 41.88 -45.80
C GLY A 682 -3.26 43.31 -45.45
N ASN A 683 -4.24 44.02 -44.93
CA ASN A 683 -4.13 45.45 -44.66
C ASN A 683 -4.97 45.78 -43.45
N PHE A 684 -4.89 47.02 -42.99
CA PHE A 684 -5.72 47.44 -41.87
C PHE A 684 -6.22 48.87 -42.01
N SER A 685 -7.39 49.11 -41.43
CA SER A 685 -8.05 50.41 -41.47
C SER A 685 -7.21 51.47 -40.77
N GLU A 686 -7.27 52.69 -41.31
CA GLU A 686 -6.55 53.82 -40.78
C GLU A 686 -7.41 54.63 -39.80
N SER A 687 -8.71 54.31 -39.70
CA SER A 687 -9.60 54.97 -38.74
C SER A 687 -9.37 54.43 -37.34
N VAL A 688 -8.84 55.27 -36.47
CA VAL A 688 -8.54 54.88 -35.10
C VAL A 688 -9.82 54.44 -34.33
N GLU A 689 -10.95 55.07 -34.63
CA GLU A 689 -12.28 54.69 -34.07
C GLU A 689 -12.68 53.23 -34.27
N ASP A 690 -12.18 52.59 -35.33
CA ASP A 690 -12.48 51.17 -35.57
C ASP A 690 -11.86 50.20 -34.55
N TYR A 691 -10.88 50.67 -33.76
CA TYR A 691 -10.16 49.83 -32.81
C TYR A 691 -10.65 49.98 -31.37
N VAL A 692 -11.65 50.84 -31.17
CA VAL A 692 -12.23 51.09 -29.84
C VAL A 692 -13.02 49.86 -29.36
N PHE A 693 -12.94 49.59 -28.05
CA PHE A 693 -13.61 48.44 -27.44
C PHE A 693 -15.12 48.42 -27.74
N PRO A 694 -15.62 47.34 -28.37
CA PRO A 694 -17.03 47.27 -28.75
C PRO A 694 -17.96 46.97 -27.56
N ALA A 695 -18.27 48.03 -26.80
CA ALA A 695 -19.00 47.92 -25.52
C ALA A 695 -20.46 47.49 -25.63
N ALA A 696 -21.11 47.82 -26.75
CA ALA A 696 -22.49 47.39 -27.02
C ALA A 696 -22.60 45.98 -27.60
N GLU A 697 -21.48 45.29 -27.75
CA GLU A 697 -21.42 43.93 -28.32
C GLU A 697 -21.22 42.89 -27.21
N PHE A 698 -20.22 43.10 -26.36
CA PHE A 698 -19.99 42.25 -25.17
C PHE A 698 -19.33 43.05 -24.03
N PRO A 699 -19.52 42.60 -22.77
CA PRO A 699 -18.94 43.35 -21.66
C PRO A 699 -17.41 43.18 -21.55
N TYR A 700 -16.75 44.22 -21.06
CA TYR A 700 -15.33 44.14 -20.71
C TYR A 700 -15.21 43.27 -19.45
N VAL A 701 -14.54 42.12 -19.60
CA VAL A 701 -14.36 41.15 -18.50
C VAL A 701 -13.13 41.52 -17.64
N TYR A 702 -13.32 41.51 -16.33
CA TYR A 702 -12.30 41.91 -15.36
C TYR A 702 -10.97 41.12 -15.49
N GLN A 703 -9.87 41.88 -15.55
CA GLN A 703 -8.49 41.37 -15.73
C GLN A 703 -8.20 40.70 -17.09
N PHE A 704 -9.17 40.68 -17.99
CA PHE A 704 -9.03 39.99 -19.28
C PHE A 704 -8.19 40.89 -20.20
N ILE A 705 -7.41 40.28 -21.08
CA ILE A 705 -6.48 41.01 -21.96
C ILE A 705 -7.04 41.03 -23.37
N TYR A 706 -7.27 42.24 -23.87
CA TYR A 706 -7.92 42.50 -25.13
C TYR A 706 -6.99 43.28 -26.06
N PRO A 707 -7.26 43.22 -27.39
CA PRO A 707 -6.52 44.02 -28.36
C PRO A 707 -7.00 45.46 -28.52
N TYR A 708 -8.21 45.76 -28.04
CA TYR A 708 -8.89 47.02 -28.34
C TYR A 708 -8.31 48.21 -27.57
N LEU A 709 -8.49 49.41 -28.11
CA LEU A 709 -8.21 50.66 -27.39
C LEU A 709 -9.45 51.03 -26.61
N ASN A 710 -9.28 51.68 -25.45
CA ASN A 710 -10.41 52.23 -24.68
C ASN A 710 -10.99 53.50 -25.31
N SER A 711 -10.16 54.26 -26.03
CA SER A 711 -10.63 55.45 -26.77
C SER A 711 -9.71 55.75 -27.95
N THR A 712 -10.06 56.79 -28.72
CA THR A 712 -9.27 57.24 -29.85
C THR A 712 -8.02 58.05 -29.47
N ASP A 713 -7.92 58.48 -28.20
CA ASP A 713 -6.67 59.00 -27.66
C ASP A 713 -5.69 57.82 -27.52
N MET A 714 -4.72 57.75 -28.41
CA MET A 714 -3.76 56.62 -28.44
C MET A 714 -2.87 56.63 -27.20
N SER A 715 -2.40 57.82 -26.79
CA SER A 715 -1.51 57.97 -25.63
C SER A 715 -2.19 57.54 -24.32
N ALA A 716 -3.38 58.07 -24.06
CA ALA A 716 -4.19 57.64 -22.92
C ALA A 716 -4.63 56.17 -23.00
N SER A 717 -4.92 55.67 -24.19
CA SER A 717 -5.25 54.23 -24.36
C SER A 717 -4.09 53.28 -24.01
N SER A 718 -2.84 53.71 -24.26
CA SER A 718 -1.67 52.93 -23.86
C SER A 718 -1.58 52.77 -22.35
N GLY A 719 -1.94 53.84 -21.61
CA GLY A 719 -1.73 53.89 -20.17
C GLY A 719 -0.25 53.78 -19.82
N ASP A 720 0.61 54.17 -20.76
CA ASP A 720 2.06 53.99 -20.66
C ASP A 720 2.64 55.37 -20.43
N ALA A 721 3.13 55.61 -19.22
CA ALA A 721 3.68 56.92 -18.84
C ALA A 721 4.85 57.39 -19.72
N GLN A 722 5.54 56.46 -20.38
CA GLN A 722 6.64 56.81 -21.29
C GLN A 722 6.25 56.88 -22.78
N TYR A 723 4.94 56.76 -23.09
CA TYR A 723 4.44 56.73 -24.50
C TYR A 723 4.93 57.92 -25.34
N GLY A 724 5.24 57.67 -26.60
CA GLY A 724 5.52 58.76 -27.56
C GLY A 724 6.77 58.68 -28.40
N GLN A 725 7.70 57.77 -28.10
CA GLN A 725 8.94 57.66 -28.87
C GLN A 725 8.81 56.70 -30.05
N THR A 726 9.67 56.94 -31.04
CA THR A 726 9.71 56.20 -32.28
C THR A 726 10.73 55.07 -32.15
N ALA A 727 10.67 54.10 -33.07
CA ALA A 727 11.63 53.01 -33.16
C ALA A 727 13.09 53.49 -33.14
N GLU A 728 13.36 54.55 -33.91
CA GLU A 728 14.73 55.07 -34.11
C GLU A 728 15.42 55.52 -32.81
N GLU A 729 14.65 56.03 -31.86
CA GLU A 729 15.22 56.56 -30.62
C GLU A 729 15.21 55.60 -29.41
N PHE A 730 14.47 54.48 -29.45
CA PHE A 730 14.59 53.46 -28.38
C PHE A 730 14.93 52.01 -28.75
N LEU A 731 14.84 51.64 -30.02
CA LEU A 731 15.27 50.32 -30.48
C LEU A 731 16.64 50.42 -31.16
N PRO A 732 17.39 49.31 -31.29
CA PRO A 732 18.68 49.40 -31.95
C PRO A 732 18.54 49.51 -33.47
N PRO A 733 19.65 49.81 -34.18
CA PRO A 733 19.59 49.86 -35.65
C PRO A 733 18.97 48.61 -36.32
N LYS A 734 18.27 48.84 -37.43
N LYS A 734 18.29 48.85 -37.44
CA LYS A 734 17.67 47.80 -38.28
CA LYS A 734 17.68 47.80 -38.28
C LYS A 734 16.49 47.03 -37.67
C LYS A 734 16.52 47.01 -37.65
N ALA A 735 15.98 47.47 -36.52
CA ALA A 735 14.86 46.79 -35.86
C ALA A 735 13.58 46.77 -36.71
N ASN A 736 13.39 47.81 -37.52
CA ASN A 736 12.25 47.94 -38.43
C ASN A 736 12.63 47.78 -39.93
N ASP A 737 13.79 47.18 -40.21
CA ASP A 737 14.29 47.03 -41.58
C ASP A 737 13.70 45.79 -42.26
N GLY A 738 12.75 45.99 -43.17
CA GLY A 738 12.08 44.91 -43.89
C GLY A 738 12.66 44.58 -45.26
N SER A 739 13.85 45.08 -45.56
CA SER A 739 14.52 44.77 -46.83
C SER A 739 15.19 43.39 -46.78
N ALA A 740 15.50 42.86 -47.95
CA ALA A 740 16.15 41.54 -48.06
C ALA A 740 17.49 41.53 -47.33
N GLN A 741 17.76 40.42 -46.63
CA GLN A 741 18.91 40.32 -45.73
C GLN A 741 19.88 39.27 -46.22
N PRO A 742 21.19 39.50 -46.07
CA PRO A 742 22.15 38.45 -46.41
C PRO A 742 22.01 37.26 -45.48
N LEU A 743 22.19 36.07 -46.04
CA LEU A 743 22.15 34.83 -45.27
C LEU A 743 23.48 34.60 -44.53
N LEU A 744 23.42 33.95 -43.36
CA LEU A 744 24.64 33.60 -42.63
C LEU A 744 25.25 32.33 -43.21
N ARG A 745 26.58 32.30 -43.30
CA ARG A 745 27.31 31.16 -43.86
C ARG A 745 27.05 29.82 -43.15
N SER A 746 26.72 29.90 -41.86
CA SER A 746 26.40 28.72 -41.04
C SER A 746 24.95 28.26 -41.16
N SER A 747 24.12 29.07 -41.83
CA SER A 747 22.71 28.77 -42.02
C SER A 747 22.55 27.83 -43.19
N GLY A 748 21.38 27.21 -43.27
CA GLY A 748 21.02 26.35 -44.41
C GLY A 748 19.98 27.06 -45.24
N LEU A 749 20.24 27.19 -46.54
CA LEU A 749 19.30 27.84 -47.46
C LEU A 749 18.06 26.97 -47.58
N HIS A 750 16.94 27.48 -47.09
CA HIS A 750 15.68 26.74 -47.00
C HIS A 750 15.73 25.49 -46.09
N HIS A 751 16.73 25.41 -45.23
CA HIS A 751 17.01 24.19 -44.45
C HIS A 751 17.17 24.55 -42.97
N PRO A 752 16.10 24.41 -42.19
CA PRO A 752 16.28 24.73 -40.76
C PRO A 752 17.29 23.80 -40.09
N GLY A 753 17.93 24.30 -39.03
CA GLY A 753 18.95 23.57 -38.29
C GLY A 753 20.39 23.76 -38.75
N GLY A 754 20.64 24.78 -39.57
CA GLY A 754 21.98 25.07 -40.05
C GLY A 754 22.26 24.51 -41.43
N ASN A 755 23.39 24.91 -41.99
CA ASN A 755 23.88 24.45 -43.29
C ASN A 755 23.68 22.93 -43.45
N PRO A 756 22.93 22.48 -44.48
CA PRO A 756 22.62 21.05 -44.59
C PRO A 756 23.83 20.13 -44.75
N ALA A 757 24.95 20.69 -45.21
CA ALA A 757 26.23 19.98 -45.30
C ALA A 757 26.79 19.53 -43.93
N LEU A 758 26.32 20.16 -42.85
CA LEU A 758 26.58 19.67 -41.49
C LEU A 758 26.06 18.26 -41.25
N TYR A 759 24.97 17.89 -41.91
CA TYR A 759 24.34 16.58 -41.69
C TYR A 759 24.73 15.51 -42.74
N ASP A 760 25.74 15.84 -43.57
CA ASP A 760 26.39 14.87 -44.46
C ASP A 760 27.08 13.82 -43.62
N ILE A 761 26.85 12.55 -43.98
CA ILE A 761 27.45 11.43 -43.29
C ILE A 761 28.88 11.25 -43.80
N MET A 762 29.83 11.28 -42.87
CA MET A 762 31.25 11.18 -43.18
C MET A 762 31.82 9.81 -42.86
N TYR A 763 31.24 9.13 -41.86
CA TYR A 763 31.65 7.77 -41.48
C TYR A 763 30.46 6.93 -41.05
N THR A 764 30.51 5.65 -41.40
CA THR A 764 29.61 4.63 -40.85
C THR A 764 30.51 3.77 -39.96
N VAL A 765 30.12 3.60 -38.71
CA VAL A 765 30.89 2.86 -37.70
C VAL A 765 30.10 1.61 -37.35
N THR A 766 30.77 0.47 -37.26
CA THR A 766 30.09 -0.77 -36.88
C THR A 766 30.91 -1.52 -35.89
N ALA A 767 30.23 -2.33 -35.08
CA ALA A 767 30.89 -3.23 -34.14
C ALA A 767 29.98 -4.40 -33.79
N ASP A 768 30.58 -5.49 -33.35
CA ASP A 768 29.82 -6.69 -32.94
C ASP A 768 29.68 -6.76 -31.41
N ILE A 769 28.49 -7.20 -30.98
CA ILE A 769 28.19 -7.38 -29.58
C ILE A 769 27.68 -8.79 -29.38
N THR A 770 28.34 -9.54 -28.51
CA THR A 770 27.98 -10.90 -28.19
C THR A 770 27.46 -11.02 -26.75
N ASN A 771 26.30 -11.65 -26.60
CA ASN A 771 25.73 -11.94 -25.28
C ASN A 771 26.43 -13.19 -24.76
N THR A 772 27.36 -13.00 -23.81
CA THR A 772 28.18 -14.11 -23.26
C THR A 772 27.63 -14.73 -21.97
N GLY A 773 26.42 -14.36 -21.57
CA GLY A 773 25.78 -14.93 -20.41
C GLY A 773 24.64 -15.86 -20.76
N LYS A 774 23.80 -16.11 -19.76
CA LYS A 774 22.82 -17.19 -19.76
C LYS A 774 21.42 -16.77 -20.20
N VAL A 775 21.15 -15.47 -20.21
CA VAL A 775 19.79 -14.96 -20.44
C VAL A 775 19.76 -13.86 -21.48
N ALA A 776 18.62 -13.71 -22.13
CA ALA A 776 18.43 -12.68 -23.13
C ALA A 776 18.40 -11.30 -22.45
N GLY A 777 18.93 -10.30 -23.13
CA GLY A 777 18.93 -8.95 -22.60
C GLY A 777 19.30 -7.90 -23.63
N ASP A 778 18.89 -6.67 -23.34
CA ASP A 778 19.26 -5.54 -24.18
C ASP A 778 20.59 -5.00 -23.75
N GLU A 779 21.34 -4.51 -24.73
CA GLU A 779 22.60 -3.83 -24.51
C GLU A 779 22.51 -2.43 -25.08
N VAL A 780 23.21 -1.49 -24.44
CA VAL A 780 23.27 -0.10 -24.89
C VAL A 780 24.71 0.25 -25.28
N PRO A 781 25.11 -0.13 -26.52
CA PRO A 781 26.42 0.28 -26.99
C PRO A 781 26.44 1.77 -27.27
N GLN A 782 27.59 2.38 -27.03
CA GLN A 782 27.71 3.82 -27.13
C GLN A 782 28.91 4.12 -28.00
N LEU A 783 28.83 5.21 -28.73
CA LEU A 783 29.86 5.65 -29.65
C LEU A 783 30.39 7.00 -29.15
N TYR A 784 31.67 7.04 -28.79
CA TYR A 784 32.33 8.26 -28.36
C TYR A 784 33.39 8.68 -29.36
N VAL A 785 33.66 9.99 -29.38
CA VAL A 785 34.66 10.57 -30.25
C VAL A 785 35.60 11.44 -29.43
N SER A 786 36.88 11.35 -29.77
CA SER A 786 37.89 12.27 -29.26
C SER A 786 38.19 13.24 -30.38
N LEU A 787 37.79 14.50 -30.23
CA LEU A 787 38.00 15.51 -31.29
C LEU A 787 39.47 15.97 -31.41
N GLY A 788 40.25 15.72 -30.36
CA GLY A 788 41.69 15.71 -30.45
C GLY A 788 42.44 16.96 -30.03
N GLY A 789 41.73 18.08 -29.90
CA GLY A 789 42.37 19.34 -29.52
C GLY A 789 42.73 19.38 -28.06
N PRO A 790 43.69 20.23 -27.67
CA PRO A 790 44.03 20.31 -26.25
C PRO A 790 42.90 20.89 -25.37
N GLU A 791 42.03 21.72 -25.92
CA GLU A 791 40.85 22.23 -25.20
C GLU A 791 39.58 21.37 -25.37
N ASP A 792 39.66 20.27 -26.11
CA ASP A 792 38.51 19.39 -26.33
C ASP A 792 38.40 18.39 -25.18
N PRO A 793 37.16 17.98 -24.83
CA PRO A 793 37.01 16.83 -23.93
C PRO A 793 37.69 15.57 -24.45
N LYS A 794 38.15 14.74 -23.52
CA LYS A 794 38.73 13.43 -23.81
C LYS A 794 37.87 12.63 -24.78
N VAL A 795 36.58 12.50 -24.45
CA VAL A 795 35.58 11.86 -25.32
C VAL A 795 34.24 12.59 -25.19
N VAL A 796 33.46 12.54 -26.27
CA VAL A 796 32.10 13.07 -26.28
C VAL A 796 31.19 12.05 -26.94
N LEU A 797 29.99 11.91 -26.39
CA LEU A 797 29.01 10.99 -26.95
C LEU A 797 28.58 11.47 -28.32
N ARG A 798 28.60 10.57 -29.28
CA ARG A 798 28.11 10.86 -30.64
C ARG A 798 27.08 9.88 -31.18
N GLY A 799 26.94 8.72 -30.57
CA GLY A 799 25.87 7.82 -30.92
C GLY A 799 25.63 6.75 -29.89
N PHE A 800 24.57 5.98 -30.13
CA PHE A 800 24.19 4.86 -29.27
C PHE A 800 23.03 4.09 -29.91
N ASP A 801 22.72 2.95 -29.32
CA ASP A 801 21.53 2.20 -29.68
C ASP A 801 21.13 1.31 -28.50
N ARG A 802 19.92 0.76 -28.55
N ARG A 802 19.94 0.73 -28.60
CA ARG A 802 19.48 -0.26 -27.61
CA ARG A 802 19.45 -0.24 -27.62
C ARG A 802 19.10 -1.50 -28.42
C ARG A 802 19.07 -1.51 -28.40
N LEU A 803 19.85 -2.57 -28.22
CA LEU A 803 19.76 -3.80 -29.05
C LEU A 803 19.48 -5.07 -28.24
N ARG A 804 18.49 -5.85 -28.69
CA ARG A 804 18.15 -7.14 -28.10
C ARG A 804 19.15 -8.20 -28.57
N VAL A 805 19.70 -8.96 -27.63
CA VAL A 805 20.61 -10.07 -27.94
C VAL A 805 20.27 -11.32 -27.13
N GLU A 806 20.12 -12.45 -27.83
CA GLU A 806 19.84 -13.73 -27.17
C GLU A 806 21.17 -14.28 -26.59
N PRO A 807 21.08 -15.18 -25.59
CA PRO A 807 22.29 -15.86 -25.10
C PRO A 807 23.12 -16.49 -26.24
N GLY A 808 24.41 -16.16 -26.29
CA GLY A 808 25.30 -16.68 -27.33
C GLY A 808 25.28 -15.96 -28.66
N GLU A 809 24.25 -15.16 -28.94
CA GLU A 809 24.06 -14.48 -30.22
C GLU A 809 25.03 -13.30 -30.38
N LYS A 810 25.35 -13.01 -31.64
CA LYS A 810 26.16 -11.86 -32.02
C LYS A 810 25.26 -10.91 -32.84
N VAL A 811 25.30 -9.62 -32.51
CA VAL A 811 24.48 -8.60 -33.16
C VAL A 811 25.42 -7.46 -33.59
N GLN A 812 25.04 -6.72 -34.62
CA GLN A 812 25.83 -5.59 -35.09
C GLN A 812 25.29 -4.27 -34.53
N PHE A 813 26.18 -3.48 -33.95
CA PHE A 813 25.90 -2.07 -33.65
C PHE A 813 26.36 -1.27 -34.87
N LYS A 814 25.44 -0.49 -35.43
CA LYS A 814 25.74 0.42 -36.55
C LYS A 814 25.34 1.85 -36.18
N ALA A 815 26.28 2.78 -36.33
CA ALA A 815 26.00 4.21 -36.17
C ALA A 815 26.81 5.07 -37.13
N VAL A 816 26.22 6.20 -37.53
CA VAL A 816 26.86 7.17 -38.41
C VAL A 816 27.44 8.37 -37.66
N LEU A 817 28.45 8.99 -38.26
CA LEU A 817 28.98 10.26 -37.80
C LEU A 817 28.79 11.26 -38.93
N THR A 818 28.02 12.31 -38.63
CA THR A 818 27.87 13.46 -39.52
C THR A 818 29.12 14.37 -39.49
N ARG A 819 29.13 15.35 -40.38
CA ARG A 819 30.16 16.38 -40.37
C ARG A 819 30.08 17.18 -39.06
N ARG A 820 28.87 17.52 -38.65
CA ARG A 820 28.66 18.21 -37.39
C ARG A 820 29.28 17.44 -36.22
N ASP A 821 29.14 16.11 -36.23
CA ASP A 821 29.62 15.25 -35.16
C ASP A 821 31.13 15.29 -34.94
N VAL A 822 31.89 15.64 -35.97
CA VAL A 822 33.35 15.73 -35.84
C VAL A 822 33.90 17.16 -35.99
N SER A 823 33.00 18.14 -35.91
CA SER A 823 33.38 19.54 -36.06
C SER A 823 33.49 20.26 -34.71
N SER A 824 34.08 21.44 -34.77
CA SER A 824 34.24 22.36 -33.66
C SER A 824 33.76 23.73 -34.12
N TRP A 825 33.10 24.46 -33.22
CA TRP A 825 32.64 25.81 -33.54
C TRP A 825 33.86 26.72 -33.49
N ASP A 826 34.04 27.50 -34.55
CA ASP A 826 35.17 28.40 -34.69
C ASP A 826 34.54 29.78 -34.58
N THR A 827 34.70 30.42 -33.43
CA THR A 827 34.07 31.72 -33.16
C THR A 827 34.62 32.87 -34.04
N VAL A 828 35.85 32.73 -34.54
CA VAL A 828 36.44 33.71 -35.45
C VAL A 828 35.74 33.66 -36.81
N LYS A 829 35.46 32.45 -37.26
CA LYS A 829 34.85 32.20 -38.55
C LYS A 829 33.33 32.34 -38.48
N GLN A 830 32.76 32.05 -37.29
CA GLN A 830 31.32 31.88 -37.11
C GLN A 830 30.80 30.76 -38.00
N ASP A 831 31.47 29.62 -37.90
CA ASP A 831 31.00 28.41 -38.54
C ASP A 831 31.69 27.18 -37.92
N TRP A 832 31.20 26.01 -38.32
CA TRP A 832 31.74 24.74 -37.89
C TRP A 832 32.92 24.40 -38.77
N VAL A 833 34.02 23.96 -38.14
CA VAL A 833 35.20 23.50 -38.85
C VAL A 833 35.56 22.12 -38.34
N ILE A 834 36.19 21.31 -39.19
CA ILE A 834 36.84 20.09 -38.73
C ILE A 834 38.30 20.44 -38.47
N THR A 835 38.71 20.38 -37.21
CA THR A 835 40.08 20.74 -36.85
C THR A 835 41.06 19.67 -37.35
N GLU A 836 42.31 20.09 -37.49
N GLU A 836 42.32 20.07 -37.54
CA GLU A 836 43.39 19.26 -38.02
CA GLU A 836 43.35 19.18 -38.06
C GLU A 836 43.88 18.16 -37.07
C GLU A 836 43.91 18.17 -37.06
N TYR A 837 43.48 18.22 -35.80
CA TYR A 837 43.90 17.24 -34.79
C TYR A 837 43.35 15.84 -35.11
N ALA A 838 44.16 14.81 -34.83
CA ALA A 838 43.74 13.43 -34.98
C ALA A 838 42.51 13.15 -34.11
N LYS A 839 41.47 12.60 -34.74
CA LYS A 839 40.27 12.17 -34.04
C LYS A 839 40.26 10.66 -33.90
N LYS A 840 39.78 10.18 -32.75
CA LYS A 840 39.64 8.74 -32.49
C LYS A 840 38.19 8.41 -32.14
N VAL A 841 37.80 7.18 -32.43
CA VAL A 841 36.45 6.69 -32.21
C VAL A 841 36.52 5.56 -31.18
N TYR A 842 35.56 5.52 -30.27
CA TYR A 842 35.46 4.50 -29.23
C TYR A 842 34.05 3.98 -29.20
N VAL A 843 33.92 2.70 -28.88
CA VAL A 843 32.63 2.03 -28.78
C VAL A 843 32.71 1.13 -27.56
N GLY A 844 31.65 1.13 -26.76
CA GLY A 844 31.64 0.37 -25.54
C GLY A 844 30.38 0.58 -24.75
N PRO A 845 30.22 -0.20 -23.65
CA PRO A 845 29.01 -0.15 -22.83
C PRO A 845 28.94 1.05 -21.84
N SER A 846 29.95 1.92 -21.82
CA SER A 846 29.90 3.14 -21.01
C SER A 846 30.96 4.16 -21.48
N SER A 847 30.91 5.36 -20.89
CA SER A 847 31.87 6.43 -21.23
C SER A 847 33.31 6.12 -20.80
N ARG A 848 33.49 5.14 -19.91
CA ARG A 848 34.80 4.68 -19.46
C ARG A 848 35.15 3.25 -19.80
N LYS A 849 34.19 2.47 -20.27
CA LYS A 849 34.47 1.13 -20.77
C LYS A 849 34.65 1.24 -22.27
N LEU A 850 35.76 1.87 -22.66
CA LEU A 850 36.02 2.16 -24.06
C LEU A 850 36.78 0.97 -24.65
N ASP A 851 36.03 -0.12 -24.86
CA ASP A 851 36.58 -1.42 -25.24
C ASP A 851 37.28 -1.37 -26.60
N LEU A 852 36.58 -0.90 -27.62
CA LEU A 852 37.10 -0.84 -28.97
C LEU A 852 37.50 0.59 -29.31
N GLU A 853 38.69 0.76 -29.88
CA GLU A 853 39.20 2.04 -30.33
C GLU A 853 39.76 1.97 -31.75
N GLU A 854 39.59 3.04 -32.51
CA GLU A 854 40.18 3.20 -33.83
C GLU A 854 40.24 4.69 -34.23
N VAL A 855 41.37 5.09 -34.82
CA VAL A 855 41.52 6.44 -35.39
C VAL A 855 40.60 6.61 -36.61
N LEU A 856 40.05 7.80 -36.79
CA LEU A 856 39.28 8.12 -37.99
C LEU A 856 40.19 8.11 -39.21
N PRO A 857 39.85 7.35 -40.27
CA PRO A 857 40.64 7.34 -41.49
C PRO A 857 40.30 8.52 -42.42
N LEU B 17 -24.27 -14.04 49.23
CA LEU B 17 -23.01 -14.44 48.52
C LEU B 17 -23.16 -15.84 47.90
N ALA B 18 -22.92 -15.94 46.60
CA ALA B 18 -23.17 -17.16 45.84
C ALA B 18 -22.22 -18.28 46.24
N TYR B 19 -22.70 -19.51 46.18
CA TYR B 19 -22.02 -20.68 46.73
C TYR B 19 -21.90 -21.76 45.67
N SER B 20 -20.74 -22.43 45.63
CA SER B 20 -20.51 -23.55 44.72
C SER B 20 -20.47 -24.86 45.50
N GLU B 21 -21.47 -25.72 45.29
CA GLU B 21 -21.61 -27.01 46.00
C GLU B 21 -20.39 -27.90 45.81
N PRO B 22 -20.04 -28.70 46.83
CA PRO B 22 -18.97 -29.68 46.65
C PRO B 22 -19.46 -30.90 45.87
N HIS B 23 -18.64 -31.39 44.92
CA HIS B 23 -18.93 -32.60 44.15
C HIS B 23 -17.67 -33.46 43.99
N TYR B 24 -17.58 -34.48 44.84
CA TYR B 24 -16.44 -35.40 44.88
C TYR B 24 -16.97 -36.85 44.97
N PRO B 25 -16.20 -37.84 44.50
CA PRO B 25 -14.82 -37.70 44.00
C PRO B 25 -14.75 -37.19 42.57
N SER B 26 -13.53 -36.87 42.13
CA SER B 26 -13.28 -36.50 40.74
C SER B 26 -13.41 -37.74 39.84
N PRO B 27 -14.43 -37.77 38.95
CA PRO B 27 -14.63 -38.97 38.13
C PRO B 27 -13.38 -39.43 37.38
N TRP B 28 -13.25 -40.74 37.25
CA TRP B 28 -12.13 -41.37 36.54
C TRP B 28 -12.60 -41.81 35.16
N MET B 29 -11.63 -42.02 34.28
CA MET B 29 -11.92 -42.34 32.89
C MET B 29 -12.61 -43.69 32.77
N ASP B 30 -13.44 -43.78 31.74
CA ASP B 30 -14.33 -44.89 31.51
C ASP B 30 -13.73 -45.70 30.35
N PRO B 31 -13.21 -46.92 30.63
CA PRO B 31 -12.56 -47.73 29.57
C PRO B 31 -13.43 -48.07 28.33
N LYS B 32 -14.75 -48.10 28.49
CA LYS B 32 -15.65 -48.44 27.36
C LYS B 32 -16.30 -47.21 26.69
N ALA B 33 -15.84 -46.00 27.03
CA ALA B 33 -16.42 -44.77 26.46
C ALA B 33 -16.23 -44.73 24.94
N ILE B 34 -17.31 -44.43 24.22
CA ILE B 34 -17.26 -44.43 22.75
C ILE B 34 -16.31 -43.35 22.26
N GLY B 35 -15.53 -43.67 21.22
CA GLY B 35 -14.52 -42.76 20.67
C GLY B 35 -13.17 -42.79 21.38
N TRP B 36 -13.10 -43.36 22.58
CA TRP B 36 -11.94 -43.29 23.46
C TRP B 36 -11.35 -44.65 23.86
N GLU B 37 -11.88 -45.77 23.37
CA GLU B 37 -11.44 -47.10 23.82
CA GLU B 37 -11.44 -47.11 23.84
C GLU B 37 -10.01 -47.43 23.36
N GLU B 38 -9.74 -47.16 22.08
CA GLU B 38 -8.40 -47.38 21.52
CA GLU B 38 -8.41 -47.33 21.48
C GLU B 38 -7.37 -46.52 22.26
N ALA B 39 -7.73 -45.26 22.53
CA ALA B 39 -6.85 -44.35 23.25
C ALA B 39 -6.67 -44.71 24.73
N TYR B 40 -7.73 -45.19 25.36
CA TYR B 40 -7.65 -45.67 26.75
C TYR B 40 -6.70 -46.86 26.91
N GLU B 41 -6.76 -47.82 25.97
CA GLU B 41 -5.83 -48.98 25.97
C GLU B 41 -4.36 -48.56 25.81
N LYS B 42 -4.09 -47.63 24.91
CA LYS B 42 -2.73 -47.08 24.76
C LYS B 42 -2.29 -46.29 26.01
N ALA B 43 -3.20 -45.52 26.59
CA ALA B 43 -2.93 -44.74 27.81
C ALA B 43 -2.66 -45.64 29.02
N LYS B 44 -3.44 -46.71 29.13
CA LYS B 44 -3.21 -47.76 30.16
C LYS B 44 -1.82 -48.40 30.05
N ALA B 45 -1.46 -48.85 28.84
CA ALA B 45 -0.16 -49.52 28.61
C ALA B 45 1.03 -48.61 28.92
N PHE B 46 0.87 -47.32 28.68
CA PHE B 46 1.92 -46.34 28.94
C PHE B 46 2.00 -45.96 30.42
N VAL B 47 0.87 -45.52 30.98
CA VAL B 47 0.83 -45.01 32.36
C VAL B 47 1.20 -46.10 33.40
N SER B 48 0.82 -47.35 33.13
CA SER B 48 1.16 -48.47 33.99
C SER B 48 2.66 -48.68 34.20
N GLN B 49 3.47 -48.29 33.22
CA GLN B 49 4.94 -48.36 33.34
C GLN B 49 5.57 -47.21 34.15
N LEU B 50 4.80 -46.16 34.44
CA LEU B 50 5.37 -44.92 34.97
C LEU B 50 5.61 -44.93 36.48
N THR B 51 6.71 -44.28 36.88
CA THR B 51 6.95 -43.98 38.29
C THR B 51 6.15 -42.75 38.67
N LEU B 52 6.11 -42.44 39.96
CA LEU B 52 5.40 -41.25 40.44
C LEU B 52 6.02 -39.94 39.91
N LEU B 53 7.35 -39.89 39.82
CA LEU B 53 8.05 -38.72 39.27
C LEU B 53 7.67 -38.47 37.81
N GLU B 54 7.60 -39.54 37.02
CA GLU B 54 7.24 -39.48 35.62
C GLU B 54 5.79 -39.03 35.40
N LYS B 55 4.88 -39.49 36.27
CA LYS B 55 3.48 -39.06 36.24
C LYS B 55 3.31 -37.60 36.63
N VAL B 56 4.06 -37.16 37.65
CA VAL B 56 4.02 -35.76 38.09
C VAL B 56 4.62 -34.84 37.02
N ASN B 57 5.62 -35.34 36.28
CA ASN B 57 6.13 -34.65 35.09
C ASN B 57 5.07 -34.37 34.01
N LEU B 58 4.14 -35.32 33.79
CA LEU B 58 3.06 -35.10 32.83
C LEU B 58 2.11 -34.01 33.29
N THR B 59 1.75 -34.05 34.57
CA THR B 59 0.75 -33.14 35.12
C THR B 59 1.25 -31.70 35.32
N THR B 60 2.56 -31.53 35.50
CA THR B 60 3.10 -30.24 35.92
C THR B 60 3.92 -29.59 34.81
N GLY B 61 3.57 -28.36 34.47
CA GLY B 61 4.33 -27.60 33.50
C GLY B 61 5.72 -27.26 34.03
N ILE B 62 6.65 -27.03 33.12
CA ILE B 62 8.06 -26.78 33.47
C ILE B 62 8.36 -25.34 33.92
N GLY B 63 7.37 -24.45 33.84
CA GLY B 63 7.51 -23.05 34.27
C GLY B 63 7.38 -22.08 33.11
N TRP B 64 7.16 -20.80 33.43
CA TRP B 64 7.04 -19.74 32.41
C TRP B 64 8.44 -19.40 31.91
N GLY B 65 8.62 -19.39 30.59
CA GLY B 65 9.93 -19.14 29.97
C GLY B 65 10.91 -20.30 30.05
N ALA B 66 10.43 -21.49 30.44
CA ALA B 66 11.32 -22.60 30.76
C ALA B 66 12.01 -23.19 29.54
N GLU B 67 11.29 -23.37 28.43
CA GLU B 67 11.91 -23.88 27.19
C GLU B 67 11.43 -23.14 25.93
N GLN B 68 10.62 -23.79 25.11
CA GLN B 68 10.34 -23.32 23.77
C GLN B 68 8.90 -22.83 23.63
N CYS B 69 7.96 -23.67 24.02
CA CYS B 69 6.54 -23.32 23.89
C CYS B 69 6.02 -22.46 25.04
N VAL B 70 4.81 -21.95 24.82
CA VAL B 70 4.10 -21.12 25.79
C VAL B 70 3.88 -21.89 27.10
N GLY B 71 3.60 -23.19 26.97
CA GLY B 71 3.64 -24.12 28.09
C GLY B 71 4.20 -25.46 27.65
N GLN B 72 4.88 -26.16 28.55
CA GLN B 72 5.43 -27.48 28.26
C GLN B 72 5.33 -28.38 29.49
N THR B 73 5.11 -29.67 29.30
CA THR B 73 5.13 -30.62 30.42
C THR B 73 6.55 -31.10 30.60
N GLY B 74 6.79 -31.72 31.75
CA GLY B 74 8.01 -32.49 31.94
C GLY B 74 8.07 -33.61 30.92
N ALA B 75 9.28 -34.08 30.65
CA ALA B 75 9.52 -35.19 29.73
C ALA B 75 9.47 -36.53 30.47
N ILE B 76 9.47 -37.62 29.71
CA ILE B 76 9.64 -38.99 30.25
C ILE B 76 10.70 -39.66 29.36
N PRO B 77 11.97 -39.29 29.55
CA PRO B 77 13.03 -39.79 28.65
C PRO B 77 13.26 -41.30 28.73
N ARG B 78 12.89 -41.92 29.85
CA ARG B 78 13.02 -43.39 29.99
C ARG B 78 12.22 -44.11 28.91
N LEU B 79 11.02 -43.62 28.61
CA LEU B 79 10.19 -44.18 27.56
C LEU B 79 10.23 -43.38 26.25
N GLY B 80 11.19 -42.48 26.11
CA GLY B 80 11.37 -41.69 24.91
C GLY B 80 10.25 -40.73 24.56
N LEU B 81 9.51 -40.25 25.57
CA LEU B 81 8.46 -39.25 25.38
C LEU B 81 9.09 -37.89 25.61
N LYS B 82 8.99 -37.04 24.59
CA LYS B 82 9.46 -35.65 24.66
C LYS B 82 8.39 -34.79 25.32
N SER B 83 8.82 -33.69 25.92
CA SER B 83 7.92 -32.68 26.47
C SER B 83 6.75 -32.33 25.52
N MET B 84 5.53 -32.34 26.05
CA MET B 84 4.33 -31.96 25.30
C MET B 84 4.25 -30.45 25.17
N CYS B 85 4.05 -29.96 23.95
CA CYS B 85 4.08 -28.51 23.68
C CYS B 85 2.67 -27.93 23.61
N MET B 86 2.33 -27.05 24.57
CA MET B 86 1.05 -26.33 24.59
C MET B 86 1.27 -24.97 23.94
N GLN B 87 0.50 -24.64 22.92
CA GLN B 87 0.75 -23.43 22.15
C GLN B 87 -0.53 -22.72 21.71
N ASP B 88 -0.62 -21.42 22.00
CA ASP B 88 -1.60 -20.51 21.39
C ASP B 88 -1.42 -20.51 19.87
N ALA B 89 -2.40 -20.10 19.06
CA ALA B 89 -3.63 -19.44 19.45
C ALA B 89 -4.79 -20.11 18.71
N PRO B 90 -6.04 -19.75 19.04
CA PRO B 90 -7.18 -20.29 18.29
C PRO B 90 -7.17 -20.01 16.77
N LEU B 91 -6.58 -18.91 16.32
CA LEU B 91 -6.63 -18.51 14.91
C LEU B 91 -5.27 -18.49 14.18
N ALA B 92 -4.18 -18.81 14.90
CA ALA B 92 -2.83 -18.80 14.33
C ALA B 92 -1.88 -19.38 15.36
N ILE B 93 -0.77 -19.94 14.89
CA ILE B 93 0.27 -20.41 15.80
C ILE B 93 0.98 -19.15 16.29
N ARG B 94 0.99 -18.97 17.60
CA ARG B 94 1.45 -17.72 18.21
C ARG B 94 2.98 -17.66 18.34
N GLY B 95 3.54 -16.50 18.03
CA GLY B 95 4.91 -16.17 18.38
C GLY B 95 5.96 -16.93 17.62
N THR B 96 5.71 -17.19 16.34
CA THR B 96 6.65 -17.88 15.47
C THR B 96 6.64 -17.28 14.05
N ASP B 97 7.20 -18.02 13.09
CA ASP B 97 7.38 -17.51 11.73
C ASP B 97 6.90 -18.54 10.72
N TYR B 98 6.69 -18.07 9.50
CA TYR B 98 6.23 -18.88 8.36
C TYR B 98 4.98 -19.70 8.69
N ASN B 99 4.05 -19.03 9.37
CA ASN B 99 2.74 -19.57 9.71
C ASN B 99 1.71 -18.65 9.08
N SER B 100 0.46 -19.08 9.12
CA SER B 100 -0.66 -18.30 8.59
C SER B 100 -1.42 -17.63 9.73
N VAL B 101 -2.17 -16.58 9.42
CA VAL B 101 -3.09 -15.99 10.37
C VAL B 101 -4.49 -16.09 9.77
N PHE B 102 -5.29 -16.98 10.34
CA PHE B 102 -6.61 -17.32 9.82
C PHE B 102 -7.57 -16.27 10.35
N PRO B 103 -8.79 -16.21 9.79
CA PRO B 103 -9.76 -15.26 10.32
C PRO B 103 -10.16 -15.65 11.74
N ALA B 104 -10.54 -14.66 12.54
CA ALA B 104 -10.94 -14.92 13.91
C ALA B 104 -12.25 -15.68 13.95
N GLY B 105 -12.57 -16.22 15.12
CA GLY B 105 -13.75 -17.06 15.27
C GLY B 105 -15.05 -16.36 14.97
N VAL B 106 -15.18 -15.09 15.36
CA VAL B 106 -16.39 -14.32 15.04
C VAL B 106 -16.65 -14.21 13.53
N THR B 107 -15.60 -14.06 12.73
CA THR B 107 -15.75 -14.04 11.26
C THR B 107 -16.06 -15.42 10.71
N THR B 108 -15.41 -16.43 11.27
CA THR B 108 -15.63 -17.82 10.92
C THR B 108 -17.08 -18.25 11.20
N ALA B 109 -17.58 -17.84 12.36
CA ALA B 109 -18.97 -18.10 12.75
C ALA B 109 -19.94 -17.49 11.76
N ALA B 110 -19.66 -16.24 11.36
CA ALA B 110 -20.50 -15.53 10.40
C ALA B 110 -20.68 -16.24 9.06
N THR B 111 -19.78 -17.18 8.73
CA THR B 111 -19.92 -17.99 7.53
C THR B 111 -21.12 -18.93 7.58
N PHE B 112 -21.52 -19.35 8.78
CA PHE B 112 -22.55 -20.37 8.98
C PHE B 112 -22.24 -21.65 8.16
N ASP B 113 -20.97 -21.91 7.91
CA ASP B 113 -20.54 -22.93 6.96
C ASP B 113 -19.70 -23.99 7.64
N ARG B 114 -20.34 -25.12 7.95
CA ARG B 114 -19.68 -26.24 8.63
C ARG B 114 -18.41 -26.69 7.91
N GLY B 115 -18.47 -26.73 6.58
CA GLY B 115 -17.32 -27.12 5.75
C GLY B 115 -16.10 -26.26 6.00
N LEU B 116 -16.30 -24.94 5.98
CA LEU B 116 -15.21 -23.98 6.18
C LEU B 116 -14.71 -23.97 7.62
N MET B 117 -15.62 -24.17 8.56
CA MET B 117 -15.26 -24.24 9.97
C MET B 117 -14.31 -25.42 10.19
N TYR B 118 -14.64 -26.57 9.59
CA TYR B 118 -13.79 -27.76 9.64
C TYR B 118 -12.44 -27.49 8.95
N LYS B 119 -12.48 -26.95 7.74
CA LYS B 119 -11.24 -26.69 7.00
C LYS B 119 -10.26 -25.78 7.75
N ARG B 120 -10.77 -24.76 8.43
CA ARG B 120 -9.95 -23.85 9.25
C ARG B 120 -9.26 -24.60 10.40
N GLY B 121 -10.02 -25.44 11.10
CA GLY B 121 -9.49 -26.26 12.19
C GLY B 121 -8.42 -27.24 11.74
N TYR B 122 -8.68 -27.91 10.60
CA TYR B 122 -7.73 -28.84 9.99
C TYR B 122 -6.44 -28.12 9.56
N ALA B 123 -6.60 -27.05 8.78
CA ALA B 123 -5.45 -26.22 8.34
C ALA B 123 -4.60 -25.74 9.52
N LEU B 124 -5.27 -25.28 10.55
CA LEU B 124 -4.61 -24.78 11.74
C LEU B 124 -3.87 -25.91 12.49
N GLY B 125 -4.50 -27.08 12.61
CA GLY B 125 -3.85 -28.26 13.17
C GLY B 125 -2.63 -28.74 12.39
N GLN B 126 -2.68 -28.62 11.06
CA GLN B 126 -1.55 -28.95 10.19
C GLN B 126 -0.36 -28.05 10.50
N GLU B 127 -0.62 -26.77 10.72
CA GLU B 127 0.44 -25.83 11.04
C GLU B 127 0.99 -26.09 12.44
N ALA B 128 0.11 -26.43 13.38
CA ALA B 128 0.53 -26.76 14.74
C ALA B 128 1.39 -28.03 14.74
N LYS B 129 0.88 -29.06 14.08
CA LYS B 129 1.61 -30.32 13.88
C LYS B 129 3.02 -30.05 13.31
N GLY B 130 3.08 -29.27 12.24
CA GLY B 130 4.33 -28.93 11.55
C GLY B 130 5.37 -28.22 12.40
N LYS B 131 4.91 -27.47 13.40
CA LYS B 131 5.79 -26.76 14.34
C LYS B 131 6.25 -27.59 15.54
N GLY B 132 5.66 -28.78 15.71
CA GLY B 132 5.95 -29.64 16.86
C GLY B 132 4.98 -29.45 18.03
N VAL B 133 3.88 -28.73 17.80
CA VAL B 133 2.90 -28.47 18.85
C VAL B 133 2.14 -29.78 19.15
N THR B 134 1.91 -30.04 20.43
CA THR B 134 1.14 -31.20 20.85
C THR B 134 -0.33 -30.82 21.06
N VAL B 135 -0.57 -29.73 21.79
CA VAL B 135 -1.91 -29.22 22.07
C VAL B 135 -1.99 -27.77 21.61
N LEU B 136 -2.97 -27.48 20.74
CA LEU B 136 -3.27 -26.11 20.31
C LEU B 136 -4.34 -25.52 21.25
N LEU B 137 -4.09 -24.32 21.76
CA LEU B 137 -4.98 -23.73 22.77
C LEU B 137 -6.22 -23.02 22.15
N GLY B 138 -7.12 -23.84 21.62
CA GLY B 138 -8.39 -23.37 21.02
C GLY B 138 -9.19 -24.57 20.49
N PRO B 139 -10.47 -24.40 20.14
CA PRO B 139 -11.16 -23.12 19.98
C PRO B 139 -11.85 -22.58 21.24
N VAL B 140 -12.52 -21.43 21.10
CA VAL B 140 -13.09 -20.68 22.21
C VAL B 140 -14.63 -20.69 22.18
N ALA B 141 -15.25 -21.27 23.21
CA ALA B 141 -16.69 -21.16 23.47
C ALA B 141 -16.98 -20.31 24.72
N GLY B 142 -15.93 -19.82 25.38
CA GLY B 142 -16.04 -18.95 26.56
C GLY B 142 -14.90 -17.95 26.52
N PRO B 143 -15.14 -16.65 26.33
CA PRO B 143 -16.45 -16.00 26.29
C PRO B 143 -17.39 -16.50 25.18
N LEU B 144 -18.66 -16.68 25.54
CA LEU B 144 -19.72 -16.92 24.58
C LEU B 144 -20.15 -15.60 23.97
N GLY B 145 -20.14 -14.55 24.78
CA GLY B 145 -20.53 -13.20 24.35
C GLY B 145 -21.73 -12.69 25.12
N ARG B 146 -21.62 -12.68 26.46
CA ARG B 146 -22.67 -12.19 27.34
C ARG B 146 -23.02 -10.73 27.06
N ALA B 147 -21.98 -9.89 26.92
CA ALA B 147 -22.12 -8.46 26.62
C ALA B 147 -21.16 -8.09 25.48
N PRO B 148 -21.62 -7.29 24.50
CA PRO B 148 -20.80 -7.02 23.31
C PRO B 148 -19.49 -6.26 23.56
N GLU B 149 -19.33 -5.65 24.72
CA GLU B 149 -18.08 -4.97 25.08
C GLU B 149 -16.93 -5.92 25.47
N GLY B 150 -17.23 -7.21 25.70
CA GLY B 150 -16.23 -8.21 26.09
C GLY B 150 -15.04 -8.24 25.13
N GLY B 151 -13.84 -8.05 25.67
CA GLY B 151 -12.63 -7.89 24.89
C GLY B 151 -12.23 -9.06 24.02
N ARG B 152 -12.51 -10.28 24.49
CA ARG B 152 -12.11 -11.50 23.78
C ARG B 152 -13.28 -12.23 23.11
N ASN B 153 -14.42 -11.56 22.96
CA ASN B 153 -15.58 -12.17 22.28
C ASN B 153 -15.20 -12.60 20.85
N TRP B 154 -14.43 -11.77 20.15
CA TRP B 154 -13.99 -12.07 18.78
C TRP B 154 -13.25 -13.40 18.63
N GLU B 155 -12.59 -13.87 19.71
CA GLU B 155 -11.95 -15.18 19.70
C GLU B 155 -12.95 -16.32 19.66
N GLY B 156 -14.09 -16.13 20.33
CA GLY B 156 -15.18 -17.09 20.29
C GLY B 156 -15.89 -17.08 18.95
N PHE B 157 -17.09 -17.63 18.92
CA PHE B 157 -17.83 -17.73 17.68
C PHE B 157 -19.03 -16.79 17.67
N SER B 158 -20.01 -17.09 18.53
CA SER B 158 -21.27 -16.36 18.52
C SER B 158 -21.88 -16.27 19.90
N THR B 159 -22.69 -15.24 20.11
CA THR B 159 -23.57 -15.16 21.29
C THR B 159 -24.56 -16.33 21.35
N ASP B 160 -24.90 -16.91 20.21
CA ASP B 160 -25.80 -18.08 20.16
C ASP B 160 -25.07 -19.40 20.52
N PRO B 161 -25.62 -20.17 21.48
CA PRO B 161 -24.97 -21.40 21.93
C PRO B 161 -24.99 -22.54 20.90
N VAL B 162 -26.00 -22.58 20.02
CA VAL B 162 -26.07 -23.62 19.00
C VAL B 162 -25.05 -23.40 17.88
N LEU B 163 -24.92 -22.16 17.42
CA LEU B 163 -23.94 -21.81 16.38
C LEU B 163 -22.52 -22.01 16.91
N THR B 164 -22.26 -21.46 18.10
CA THR B 164 -20.98 -21.61 18.76
C THR B 164 -20.64 -23.08 18.96
N GLY B 165 -21.61 -23.84 19.47
CA GLY B 165 -21.46 -25.28 19.63
C GLY B 165 -21.05 -26.02 18.37
N ILE B 166 -21.73 -25.74 17.26
CA ILE B 166 -21.43 -26.40 15.99
C ILE B 166 -20.05 -25.98 15.47
N ALA B 167 -19.73 -24.69 15.58
CA ALA B 167 -18.42 -24.17 15.19
C ALA B 167 -17.33 -24.79 16.03
N MET B 168 -17.59 -24.85 17.33
CA MET B 168 -16.72 -25.51 18.29
C MET B 168 -16.39 -26.93 17.84
N ALA B 169 -17.43 -27.70 17.54
CA ALA B 169 -17.29 -29.11 17.16
C ALA B 169 -16.54 -29.32 15.85
N GLU B 170 -16.92 -28.57 14.82
CA GLU B 170 -16.30 -28.68 13.50
C GLU B 170 -14.83 -28.30 13.55
N THR B 171 -14.51 -27.23 14.28
CA THR B 171 -13.13 -26.76 14.47
C THR B 171 -12.26 -27.82 15.17
N ILE B 172 -12.82 -28.42 16.22
CA ILE B 172 -12.12 -29.45 16.99
C ILE B 172 -11.90 -30.72 16.15
N LYS B 173 -12.93 -31.17 15.42
CA LYS B 173 -12.76 -32.32 14.51
C LYS B 173 -11.65 -32.04 13.49
N GLY B 174 -11.66 -30.85 12.91
CA GLY B 174 -10.59 -30.41 12.02
C GLY B 174 -9.21 -30.53 12.65
N THR B 175 -9.02 -29.84 13.77
CA THR B 175 -7.71 -29.79 14.43
C THR B 175 -7.23 -31.19 14.79
N GLN B 176 -8.11 -31.99 15.37
CA GLN B 176 -7.73 -33.33 15.83
C GLN B 176 -7.56 -34.35 14.71
N ASP B 177 -8.25 -34.18 13.59
CA ASP B 177 -7.99 -35.00 12.38
C ASP B 177 -6.60 -34.69 11.78
N ALA B 178 -6.06 -33.49 12.03
CA ALA B 178 -4.71 -33.13 11.58
C ALA B 178 -3.59 -33.69 12.47
N GLY B 179 -3.93 -34.27 13.61
CA GLY B 179 -2.96 -34.91 14.49
C GLY B 179 -2.57 -34.15 15.74
N VAL B 180 -3.37 -33.16 16.13
CA VAL B 180 -3.05 -32.28 17.25
C VAL B 180 -4.25 -32.21 18.20
N VAL B 181 -3.99 -32.23 19.49
CA VAL B 181 -5.02 -32.13 20.50
C VAL B 181 -5.55 -30.69 20.53
N ALA B 182 -6.87 -30.55 20.53
CA ALA B 182 -7.52 -29.26 20.69
C ALA B 182 -7.80 -29.01 22.15
N CYS B 183 -8.08 -27.75 22.46
CA CYS B 183 -8.40 -27.33 23.82
C CYS B 183 -9.59 -26.37 23.81
N ALA B 184 -10.73 -26.85 24.29
CA ALA B 184 -11.92 -26.00 24.46
C ALA B 184 -11.75 -25.09 25.69
N LYS B 185 -11.75 -23.77 25.47
CA LYS B 185 -11.54 -22.77 26.54
C LYS B 185 -12.54 -21.63 26.40
N HIS B 186 -12.77 -20.78 27.40
CA HIS B 186 -12.30 -20.87 28.77
C HIS B 186 -13.49 -21.33 29.61
N PHE B 187 -13.29 -22.36 30.42
CA PHE B 187 -14.36 -23.03 31.16
C PHE B 187 -14.29 -22.61 32.64
N ILE B 188 -15.15 -21.71 33.14
CA ILE B 188 -16.20 -21.04 32.38
C ILE B 188 -16.56 -19.74 33.07
N GLY B 189 -17.15 -18.80 32.32
CA GLY B 189 -17.60 -17.52 32.85
C GLY B 189 -16.59 -16.40 32.72
N ASN B 190 -15.54 -16.59 31.91
CA ASN B 190 -14.59 -15.52 31.59
C ASN B 190 -15.18 -14.71 30.44
N GLU B 191 -16.29 -14.02 30.74
CA GLU B 191 -17.07 -13.27 29.76
C GLU B 191 -16.55 -11.86 29.56
N GLN B 192 -15.79 -11.35 30.53
CA GLN B 192 -15.12 -10.06 30.39
C GLN B 192 -13.70 -10.15 30.95
N GLU B 193 -12.92 -9.13 30.63
CA GLU B 193 -11.52 -9.03 31.01
C GLU B 193 -11.30 -8.25 32.30
N HIS B 194 -12.12 -7.25 32.56
CA HIS B 194 -12.04 -6.48 33.80
C HIS B 194 -12.19 -7.44 34.99
N PHE B 195 -11.21 -7.40 35.91
CA PHE B 195 -11.19 -8.16 37.16
C PHE B 195 -10.93 -9.66 36.99
N ARG B 196 -10.30 -10.03 35.88
CA ARG B 196 -9.98 -11.44 35.61
C ARG B 196 -8.78 -11.96 36.41
N GLN B 197 -7.85 -11.06 36.77
CA GLN B 197 -6.61 -11.42 37.47
C GLN B 197 -6.30 -10.36 38.55
N VAL B 198 -5.97 -10.82 39.76
CA VAL B 198 -5.69 -9.93 40.90
C VAL B 198 -4.51 -8.98 40.64
N GLY B 199 -3.37 -9.52 40.20
CA GLY B 199 -2.15 -8.73 39.96
C GLY B 199 -2.29 -7.73 38.83
N GLU B 200 -2.87 -8.18 37.72
CA GLU B 200 -3.22 -7.31 36.60
C GLU B 200 -4.24 -6.21 37.00
N SER B 201 -5.26 -6.58 37.80
CA SER B 201 -6.26 -5.62 38.30
C SER B 201 -5.67 -4.55 39.23
N GLN B 202 -4.82 -4.97 40.15
CA GLN B 202 -4.15 -4.05 41.08
C GLN B 202 -3.17 -3.09 40.40
N ASP B 203 -2.54 -3.53 39.30
CA ASP B 203 -1.69 -2.63 38.49
C ASP B 203 -2.50 -1.59 37.70
N TYR B 204 -3.76 -1.92 37.37
CA TYR B 204 -4.72 -0.94 36.81
C TYR B 204 -5.35 0.02 37.84
N GLY B 205 -5.17 -0.26 39.14
CA GLY B 205 -5.67 0.60 40.22
C GLY B 205 -6.94 0.13 40.91
N TYR B 206 -7.29 -1.15 40.74
CA TYR B 206 -8.42 -1.78 41.41
C TYR B 206 -7.87 -2.67 42.54
N ASN B 207 -8.09 -2.26 43.79
CA ASN B 207 -7.63 -3.03 44.96
C ASN B 207 -8.64 -4.13 45.26
N ILE B 208 -8.45 -5.30 44.64
CA ILE B 208 -9.31 -6.46 44.87
C ILE B 208 -8.49 -7.69 45.29
N SER B 209 -9.04 -8.50 46.20
CA SER B 209 -8.31 -9.64 46.78
C SER B 209 -8.39 -10.93 45.94
N GLU B 210 -9.54 -11.17 45.30
CA GLU B 210 -9.73 -12.32 44.39
C GLU B 210 -10.41 -11.87 43.08
N THR B 211 -10.41 -12.76 42.09
CA THR B 211 -10.89 -12.42 40.75
C THR B 211 -12.41 -12.46 40.68
N LEU B 212 -12.95 -11.91 39.60
CA LEU B 212 -14.40 -11.82 39.40
C LEU B 212 -15.11 -13.18 39.49
N SER B 213 -16.29 -13.18 40.11
CA SER B 213 -17.12 -14.37 40.21
C SER B 213 -18.34 -14.27 39.30
N SER B 214 -18.41 -15.16 38.31
CA SER B 214 -19.58 -15.31 37.46
C SER B 214 -20.58 -16.20 38.18
N ASN B 215 -21.71 -15.61 38.59
CA ASN B 215 -22.73 -16.30 39.37
C ASN B 215 -23.88 -16.62 38.43
N ILE B 216 -23.97 -17.89 38.05
CA ILE B 216 -24.85 -18.35 36.96
C ILE B 216 -25.78 -19.42 37.51
N ASP B 217 -27.09 -19.20 37.36
CA ASP B 217 -28.09 -20.17 37.79
C ASP B 217 -28.01 -21.43 36.92
N ASP B 218 -28.51 -22.53 37.46
CA ASP B 218 -28.33 -23.86 36.86
C ASP B 218 -28.90 -24.00 35.44
N LYS B 219 -30.09 -23.43 35.22
CA LYS B 219 -30.79 -23.50 33.95
C LYS B 219 -30.06 -22.73 32.85
N THR B 220 -29.66 -21.50 33.19
CA THR B 220 -28.86 -20.66 32.29
C THR B 220 -27.56 -21.36 31.88
N MET B 221 -26.85 -21.90 32.86
CA MET B 221 -25.61 -22.67 32.63
C MET B 221 -25.84 -23.76 31.58
N HIS B 222 -26.86 -24.59 31.81
CA HIS B 222 -27.15 -25.75 30.96
C HIS B 222 -27.65 -25.43 29.54
N GLU B 223 -28.41 -24.35 29.39
CA GLU B 223 -29.03 -24.01 28.10
C GLU B 223 -28.23 -22.99 27.26
N MET B 224 -27.31 -22.24 27.89
CA MET B 224 -26.48 -21.25 27.21
C MET B 224 -24.99 -21.60 27.26
N TYR B 225 -24.35 -21.41 28.41
CA TYR B 225 -22.89 -21.37 28.50
C TYR B 225 -22.20 -22.73 28.40
N LEU B 226 -22.80 -23.75 29.01
CA LEU B 226 -22.28 -25.13 28.97
C LEU B 226 -22.55 -25.82 27.63
N TRP B 227 -23.70 -25.51 27.02
CA TRP B 227 -24.15 -26.12 25.75
C TRP B 227 -23.06 -26.32 24.66
N PRO B 228 -22.34 -25.24 24.27
CA PRO B 228 -21.29 -25.43 23.24
C PRO B 228 -20.09 -26.27 23.70
N PHE B 229 -19.73 -26.18 24.98
CA PHE B 229 -18.71 -27.06 25.53
C PHE B 229 -19.15 -28.53 25.47
N VAL B 230 -20.44 -28.80 25.67
CA VAL B 230 -20.94 -30.17 25.51
C VAL B 230 -20.76 -30.63 24.06
N ASP B 231 -21.01 -29.75 23.09
CA ASP B 231 -20.73 -30.05 21.68
C ASP B 231 -19.26 -30.40 21.47
N ALA B 232 -18.35 -29.62 22.09
CA ALA B 232 -16.91 -29.91 22.05
C ALA B 232 -16.58 -31.30 22.59
N ILE B 233 -17.18 -31.65 23.74
CA ILE B 233 -17.01 -32.98 24.34
C ILE B 233 -17.46 -34.08 23.38
N ARG B 234 -18.64 -33.91 22.79
CA ARG B 234 -19.21 -34.90 21.84
C ARG B 234 -18.40 -35.04 20.56
N ALA B 235 -17.78 -33.94 20.13
CA ALA B 235 -16.84 -33.96 19.00
C ALA B 235 -15.48 -34.63 19.31
N GLY B 236 -15.24 -35.01 20.57
CA GLY B 236 -14.03 -35.74 20.95
C GLY B 236 -12.86 -34.88 21.39
N VAL B 237 -13.11 -33.64 21.82
CA VAL B 237 -12.03 -32.72 22.22
C VAL B 237 -11.15 -33.39 23.29
N GLY B 238 -9.84 -33.26 23.13
CA GLY B 238 -8.89 -33.91 24.02
C GLY B 238 -8.70 -33.20 25.35
N SER B 239 -8.87 -31.87 25.36
CA SER B 239 -8.64 -31.09 26.57
C SER B 239 -9.59 -29.91 26.74
N PHE B 240 -9.57 -29.38 27.94
CA PHE B 240 -10.35 -28.23 28.34
C PHE B 240 -9.41 -27.30 29.08
N MET B 241 -9.66 -25.99 29.03
CA MET B 241 -8.94 -25.02 29.87
C MET B 241 -9.88 -24.33 30.84
N CYS B 242 -9.63 -24.50 32.14
CA CYS B 242 -10.42 -23.82 33.16
C CYS B 242 -10.01 -22.36 33.27
N ALA B 243 -10.99 -21.52 33.58
CA ALA B 243 -10.85 -20.07 33.47
C ALA B 243 -10.14 -19.41 34.66
N TYR B 244 -9.58 -18.24 34.38
CA TYR B 244 -9.05 -17.32 35.41
C TYR B 244 -10.07 -16.93 36.48
N THR B 245 -11.34 -16.87 36.10
CA THR B 245 -12.39 -16.36 36.97
C THR B 245 -13.03 -17.43 37.84
N GLN B 246 -13.78 -16.97 38.83
CA GLN B 246 -14.52 -17.82 39.75
C GLN B 246 -15.94 -18.05 39.24
N ALA B 247 -16.50 -19.19 39.63
CA ALA B 247 -17.91 -19.49 39.44
C ALA B 247 -18.51 -19.74 40.82
N ASN B 248 -19.48 -18.88 41.20
CA ASN B 248 -20.02 -18.81 42.56
C ASN B 248 -18.92 -18.78 43.62
N ASN B 249 -17.94 -17.90 43.41
CA ASN B 249 -16.82 -17.67 44.31
C ASN B 249 -16.02 -18.94 44.68
N SER B 250 -15.84 -19.80 43.68
CA SER B 250 -14.84 -20.88 43.71
C SER B 250 -14.13 -20.85 42.35
N TYR B 251 -12.81 -20.66 42.37
CA TYR B 251 -12.00 -20.56 41.14
C TYR B 251 -12.23 -21.74 40.21
N SER B 252 -12.44 -21.47 38.91
CA SER B 252 -12.79 -22.50 37.92
C SER B 252 -11.83 -23.71 37.93
N CYS B 253 -10.54 -23.45 38.11
CA CYS B 253 -9.54 -24.52 38.18
C CYS B 253 -9.49 -25.30 39.51
N GLN B 254 -10.38 -24.98 40.45
CA GLN B 254 -10.61 -25.80 41.65
C GLN B 254 -12.10 -25.92 41.99
N ASN B 255 -12.94 -25.76 40.98
CA ASN B 255 -14.39 -25.75 41.14
C ASN B 255 -14.91 -27.14 40.80
N SER B 256 -15.31 -27.87 41.85
CA SER B 256 -15.74 -29.26 41.71
C SER B 256 -17.08 -29.39 40.98
N LYS B 257 -18.00 -28.46 41.24
CA LYS B 257 -19.26 -28.39 40.50
C LYS B 257 -19.00 -28.31 38.99
N LEU B 258 -18.07 -27.44 38.58
CA LEU B 258 -17.74 -27.28 37.16
C LEU B 258 -17.03 -28.49 36.57
N LEU B 259 -15.92 -28.87 37.18
CA LEU B 259 -15.00 -29.84 36.58
C LEU B 259 -15.41 -31.29 36.87
N ASN B 260 -15.72 -31.60 38.13
CA ASN B 260 -16.12 -32.95 38.51
C ASN B 260 -17.56 -33.25 38.07
N ASN B 261 -18.50 -32.38 38.42
CA ASN B 261 -19.94 -32.65 38.19
C ASN B 261 -20.40 -32.38 36.74
N LEU B 262 -20.37 -31.12 36.30
CA LEU B 262 -20.87 -30.76 34.96
C LEU B 262 -20.02 -31.32 33.83
N LEU B 263 -18.71 -31.16 33.95
CA LEU B 263 -17.80 -31.54 32.90
C LEU B 263 -17.60 -33.05 32.85
N LYS B 264 -17.21 -33.65 33.97
CA LYS B 264 -16.76 -35.06 34.00
C LYS B 264 -17.80 -36.08 34.47
N GLN B 265 -18.78 -35.66 35.29
CA GLN B 265 -19.84 -36.59 35.74
C GLN B 265 -21.00 -36.58 34.76
N GLU B 266 -21.65 -35.42 34.63
CA GLU B 266 -22.83 -35.26 33.78
C GLU B 266 -22.49 -35.51 32.32
N ASN B 267 -21.42 -34.85 31.85
CA ASN B 267 -21.05 -34.93 30.45
C ASN B 267 -19.93 -35.91 30.11
N GLY B 268 -19.39 -36.60 31.10
CA GLY B 268 -18.52 -37.76 30.85
C GLY B 268 -17.27 -37.46 30.06
N PHE B 269 -16.74 -36.25 30.27
CA PHE B 269 -15.51 -35.82 29.60
C PHE B 269 -14.38 -36.75 29.97
N GLN B 270 -13.73 -37.32 28.96
CA GLN B 270 -12.66 -38.31 29.15
C GLN B 270 -11.25 -37.73 29.06
N GLY B 271 -11.12 -36.54 28.49
CA GLY B 271 -9.84 -35.86 28.35
C GLY B 271 -9.37 -35.15 29.61
N PHE B 272 -8.40 -34.26 29.44
CA PHE B 272 -7.75 -33.58 30.56
C PHE B 272 -8.09 -32.10 30.65
N VAL B 273 -8.10 -31.58 31.86
CA VAL B 273 -8.31 -30.18 32.14
C VAL B 273 -6.99 -29.55 32.53
N MET B 274 -6.49 -28.62 31.70
CA MET B 274 -5.36 -27.77 32.07
C MET B 274 -5.88 -26.45 32.60
N SER B 275 -5.08 -25.80 33.44
CA SER B 275 -5.36 -24.44 33.91
C SER B 275 -4.99 -23.42 32.85
N ASP B 276 -5.62 -22.25 32.93
CA ASP B 276 -5.15 -21.07 32.21
C ASP B 276 -3.87 -20.60 32.93
N TRP B 277 -3.10 -19.72 32.29
CA TRP B 277 -1.76 -19.40 32.76
C TRP B 277 -1.81 -18.47 33.99
N GLN B 278 -1.49 -19.02 35.16
CA GLN B 278 -1.71 -18.37 36.49
C GLN B 278 -3.16 -18.44 37.01
N ALA B 279 -3.94 -19.41 36.52
CA ALA B 279 -5.32 -19.64 37.01
C ALA B 279 -5.39 -20.76 38.05
N HIS B 280 -4.27 -21.46 38.24
CA HIS B 280 -4.13 -22.51 39.24
C HIS B 280 -3.65 -21.84 40.53
N HIS B 281 -4.46 -21.91 41.60
CA HIS B 281 -4.16 -21.24 42.88
C HIS B 281 -4.00 -22.16 44.12
N SER B 282 -4.05 -23.47 43.95
CA SER B 282 -3.86 -24.42 45.06
C SER B 282 -3.64 -25.84 44.55
N GLY B 283 -2.70 -26.57 45.17
CA GLY B 283 -2.28 -27.88 44.69
C GLY B 283 -3.30 -29.00 44.89
N VAL B 284 -3.43 -29.46 46.14
CA VAL B 284 -4.26 -30.63 46.45
C VAL B 284 -5.73 -30.36 46.15
N ALA B 285 -6.23 -29.22 46.60
CA ALA B 285 -7.62 -28.83 46.35
C ALA B 285 -8.00 -28.90 44.86
N SER B 286 -7.15 -28.33 44.00
CA SER B 286 -7.41 -28.34 42.54
C SER B 286 -7.37 -29.74 41.95
N ALA B 287 -6.37 -30.53 42.35
CA ALA B 287 -6.29 -31.94 41.96
C ALA B 287 -7.59 -32.68 42.27
N ALA B 288 -8.04 -32.57 43.52
CA ALA B 288 -9.25 -33.25 43.97
C ALA B 288 -10.50 -32.70 43.28
N ALA B 289 -10.50 -31.40 43.00
CA ALA B 289 -11.62 -30.74 42.33
C ALA B 289 -11.72 -31.02 40.81
N GLY B 290 -10.75 -31.71 40.21
CA GLY B 290 -10.83 -32.13 38.79
C GLY B 290 -9.76 -31.64 37.82
N LEU B 291 -8.87 -30.75 38.26
CA LEU B 291 -7.75 -30.27 37.44
C LEU B 291 -6.77 -31.41 37.16
N ASP B 292 -6.29 -31.48 35.92
CA ASP B 292 -5.35 -32.53 35.49
C ASP B 292 -3.96 -32.03 35.07
N MET B 293 -3.84 -30.77 34.65
CA MET B 293 -2.55 -30.21 34.22
C MET B 293 -2.38 -28.77 34.71
N SER B 294 -1.24 -28.48 35.30
CA SER B 294 -0.90 -27.14 35.80
C SER B 294 -0.03 -26.43 34.76
N MET B 295 -0.58 -25.38 34.15
CA MET B 295 0.12 -24.57 33.15
C MET B 295 0.23 -23.10 33.59
N PRO B 296 1.38 -22.45 33.39
CA PRO B 296 2.58 -23.03 32.76
C PRO B 296 3.45 -23.89 33.69
N GLY B 297 3.04 -24.06 34.95
CA GLY B 297 3.73 -24.94 35.88
C GLY B 297 4.08 -24.31 37.21
N ASP B 298 4.38 -23.02 37.18
CA ASP B 298 4.77 -22.30 38.40
C ASP B 298 3.55 -21.67 39.09
N THR B 299 3.73 -21.27 40.35
CA THR B 299 2.68 -20.66 41.17
C THR B 299 2.20 -19.37 40.55
N MET B 300 3.16 -18.50 40.25
CA MET B 300 2.97 -17.36 39.34
C MET B 300 4.21 -17.34 38.43
N PHE B 301 4.20 -16.52 37.38
CA PHE B 301 5.28 -16.51 36.38
C PHE B 301 6.64 -16.26 37.04
N ASN B 302 7.58 -17.17 36.82
CA ASN B 302 8.98 -17.03 37.29
C ASN B 302 9.16 -17.10 38.82
N SER B 303 8.25 -17.81 39.51
CA SER B 303 8.36 -17.97 40.97
C SER B 303 9.43 -18.99 41.34
N GLY B 304 9.64 -19.98 40.47
CA GLY B 304 10.55 -21.10 40.73
C GLY B 304 9.92 -22.20 41.57
N ARG B 305 8.60 -22.13 41.75
CA ARG B 305 7.85 -22.98 42.67
C ARG B 305 6.51 -23.35 42.07
N SER B 306 6.01 -24.55 42.39
CA SER B 306 4.76 -25.07 41.85
C SER B 306 3.80 -25.54 42.94
N TYR B 307 2.50 -25.35 42.72
CA TYR B 307 1.45 -25.97 43.53
C TYR B 307 1.41 -27.48 43.29
N TRP B 308 1.85 -27.93 42.12
CA TRP B 308 2.11 -29.35 41.88
C TRP B 308 3.62 -29.56 41.80
N GLY B 309 4.13 -30.36 40.85
CA GLY B 309 5.55 -30.67 40.79
C GLY B 309 5.97 -31.38 42.07
N THR B 310 6.97 -30.82 42.76
CA THR B 310 7.41 -31.32 44.05
C THR B 310 6.25 -31.53 45.03
N ASN B 311 5.36 -30.54 45.10
CA ASN B 311 4.19 -30.60 45.98
C ASN B 311 3.19 -31.71 45.63
N LEU B 312 3.05 -32.04 44.35
CA LEU B 312 2.18 -33.14 43.95
C LEU B 312 2.82 -34.49 44.28
N THR B 313 4.14 -34.59 44.14
CA THR B 313 4.90 -35.78 44.57
C THR B 313 4.70 -36.02 46.07
N LEU B 314 4.92 -34.97 46.86
CA LEU B 314 4.71 -34.98 48.31
C LEU B 314 3.27 -35.32 48.69
N ALA B 315 2.30 -34.79 47.94
CA ALA B 315 0.89 -35.05 48.23
C ALA B 315 0.53 -36.52 48.02
N VAL B 316 1.08 -37.13 46.97
CA VAL B 316 0.84 -38.54 46.71
C VAL B 316 1.60 -39.41 47.72
N LEU B 317 2.86 -39.03 48.02
CA LEU B 317 3.65 -39.76 49.02
C LEU B 317 3.06 -39.68 50.44
N ASN B 318 2.44 -38.55 50.80
CA ASN B 318 1.88 -38.35 52.14
C ASN B 318 0.38 -38.65 52.28
N GLY B 319 -0.23 -39.21 51.23
CA GLY B 319 -1.62 -39.65 51.26
C GLY B 319 -2.73 -38.60 51.22
N THR B 320 -2.44 -37.38 50.77
CA THR B 320 -3.49 -36.35 50.60
C THR B 320 -4.09 -36.37 49.20
N VAL B 321 -3.30 -36.75 48.19
CA VAL B 321 -3.80 -37.07 46.86
C VAL B 321 -3.61 -38.59 46.66
N PRO B 322 -4.71 -39.36 46.52
CA PRO B 322 -4.55 -40.81 46.36
C PRO B 322 -4.01 -41.21 44.99
N GLN B 323 -3.47 -42.42 44.88
CA GLN B 323 -2.85 -42.88 43.63
C GLN B 323 -3.84 -42.95 42.47
N TRP B 324 -5.10 -43.31 42.75
CA TRP B 324 -6.11 -43.34 41.69
C TRP B 324 -6.32 -41.98 41.02
N ARG B 325 -6.18 -40.90 41.80
CA ARG B 325 -6.37 -39.57 41.26
C ARG B 325 -5.21 -39.17 40.31
N ILE B 326 -3.97 -39.21 40.78
CA ILE B 326 -2.85 -38.88 39.92
C ILE B 326 -2.69 -39.83 38.73
N ASP B 327 -3.05 -41.10 38.92
CA ASP B 327 -3.05 -42.06 37.81
C ASP B 327 -4.07 -41.68 36.75
N ASP B 328 -5.24 -41.24 37.19
CA ASP B 328 -6.28 -40.76 36.28
C ASP B 328 -5.86 -39.48 35.56
N MET B 329 -5.16 -38.59 36.25
CA MET B 329 -4.62 -37.36 35.62
C MET B 329 -3.74 -37.74 34.42
N ALA B 330 -2.75 -38.58 34.67
CA ALA B 330 -1.83 -39.07 33.65
C ALA B 330 -2.55 -39.80 32.50
N MET B 331 -3.55 -40.62 32.84
CA MET B 331 -4.39 -41.31 31.85
C MET B 331 -5.11 -40.34 30.90
N ARG B 332 -5.72 -39.31 31.48
CA ARG B 332 -6.43 -38.28 30.72
C ARG B 332 -5.49 -37.53 29.74
N ILE B 333 -4.29 -37.19 30.22
CA ILE B 333 -3.30 -36.48 29.39
C ILE B 333 -2.84 -37.35 28.23
N MET B 334 -2.43 -38.58 28.54
CA MET B 334 -1.96 -39.54 27.53
C MET B 334 -3.06 -40.02 26.58
N ALA B 335 -4.27 -40.19 27.11
CA ALA B 335 -5.39 -40.61 26.26
C ALA B 335 -5.71 -39.56 25.18
N ALA B 336 -5.66 -38.28 25.55
CA ALA B 336 -5.84 -37.19 24.57
C ALA B 336 -4.76 -37.22 23.47
N PHE B 337 -3.51 -37.37 23.93
CA PHE B 337 -2.33 -37.52 23.09
C PHE B 337 -2.53 -38.66 22.08
N PHE B 338 -2.89 -39.84 22.58
CA PHE B 338 -3.07 -41.02 21.71
C PHE B 338 -4.31 -40.94 20.81
N LYS B 339 -5.40 -40.36 21.32
CA LYS B 339 -6.65 -40.24 20.56
C LYS B 339 -6.49 -39.54 19.21
N VAL B 340 -5.65 -38.50 19.15
CA VAL B 340 -5.47 -37.73 17.90
C VAL B 340 -4.47 -38.34 16.90
N GLY B 341 -3.86 -39.47 17.25
CA GLY B 341 -2.88 -40.13 16.36
C GLY B 341 -1.43 -39.83 16.70
N GLN B 342 -1.21 -39.11 17.80
CA GLN B 342 0.12 -38.75 18.24
C GLN B 342 0.73 -39.98 18.95
N THR B 343 2.02 -40.24 18.72
CA THR B 343 2.69 -41.44 19.24
C THR B 343 3.96 -41.12 20.02
N VAL B 344 4.34 -42.02 20.92
CA VAL B 344 5.55 -41.86 21.74
C VAL B 344 6.82 -41.97 20.88
N GLU B 345 6.78 -42.78 19.83
CA GLU B 345 7.97 -43.05 18.99
C GLU B 345 8.19 -42.05 17.85
N ASP B 346 7.14 -41.39 17.38
CA ASP B 346 7.22 -40.50 16.22
C ASP B 346 6.75 -39.06 16.52
N GLN B 347 7.12 -38.52 17.68
CA GLN B 347 6.79 -37.13 18.02
C GLN B 347 7.55 -36.15 17.10
N GLU B 348 6.82 -35.24 16.48
CA GLU B 348 7.44 -34.16 15.72
C GLU B 348 8.24 -33.26 16.69
N PRO B 349 9.57 -33.12 16.49
CA PRO B 349 10.35 -32.25 17.39
C PRO B 349 9.88 -30.80 17.37
N ILE B 350 9.93 -30.14 18.53
CA ILE B 350 9.60 -28.73 18.64
C ILE B 350 10.68 -27.93 17.92
N ASN B 351 10.28 -27.20 16.87
CA ASN B 351 11.24 -26.57 15.94
C ASN B 351 11.21 -25.03 15.95
N PHE B 352 10.70 -24.46 17.04
CA PHE B 352 10.60 -23.01 17.20
C PHE B 352 10.73 -22.66 18.69
N SER B 353 10.88 -21.37 18.95
CA SER B 353 10.89 -20.83 20.32
C SER B 353 9.96 -19.64 20.32
N PHE B 354 9.02 -19.64 21.26
CA PHE B 354 8.06 -18.54 21.46
C PHE B 354 8.74 -17.24 21.93
N TRP B 355 9.92 -17.36 22.52
CA TRP B 355 10.56 -16.26 23.24
C TRP B 355 11.40 -15.37 22.34
N THR B 356 11.72 -15.86 21.16
CA THR B 356 12.51 -15.09 20.20
C THR B 356 12.44 -15.71 18.81
N LEU B 357 12.58 -14.85 17.81
CA LEU B 357 12.70 -15.29 16.44
C LEU B 357 14.14 -15.63 16.07
N ASP B 358 15.10 -15.31 16.94
CA ASP B 358 16.51 -15.66 16.68
C ASP B 358 16.68 -17.14 16.42
N THR B 359 17.56 -17.47 15.48
CA THR B 359 17.87 -18.86 15.16
C THR B 359 18.57 -19.55 16.30
N TYR B 360 19.56 -18.89 16.87
CA TYR B 360 20.29 -19.40 18.02
C TYR B 360 19.93 -18.62 19.28
N GLY B 361 19.97 -19.32 20.41
CA GLY B 361 19.70 -18.71 21.70
C GLY B 361 19.56 -19.77 22.75
N PRO B 362 19.27 -19.36 23.99
CA PRO B 362 19.10 -20.33 25.07
C PRO B 362 17.81 -21.15 24.94
N LEU B 363 17.97 -22.48 24.89
CA LEU B 363 16.84 -23.40 25.00
C LEU B 363 16.07 -23.13 26.29
N HIS B 364 16.79 -22.93 27.39
CA HIS B 364 16.17 -22.53 28.65
C HIS B 364 16.19 -21.02 28.78
N TRP B 365 15.16 -20.40 28.19
CA TRP B 365 15.10 -18.96 28.01
C TRP B 365 15.16 -18.20 29.32
N ALA B 366 14.28 -18.55 30.25
CA ALA B 366 14.21 -17.86 31.54
C ALA B 366 15.52 -17.91 32.32
N ALA B 367 16.23 -19.04 32.26
CA ALA B 367 17.53 -19.21 32.95
C ALA B 367 18.76 -18.76 32.16
N ARG B 368 18.56 -18.35 30.90
CA ARG B 368 19.63 -17.98 29.95
C ARG B 368 20.71 -19.06 29.85
N LYS B 369 20.26 -20.30 29.67
CA LYS B 369 21.11 -21.49 29.66
C LYS B 369 20.89 -22.31 28.39
N ASP B 370 21.91 -23.08 28.04
CA ASP B 370 21.88 -24.08 26.96
C ASP B 370 21.66 -23.45 25.59
N TYR B 371 22.70 -22.73 25.15
N TYR B 371 22.68 -22.72 25.15
CA TYR B 371 22.71 -22.03 23.86
CA TYR B 371 22.65 -22.01 23.88
C TYR B 371 22.82 -23.03 22.71
C TYR B 371 22.84 -22.97 22.70
N GLN B 372 21.88 -22.96 21.78
CA GLN B 372 21.80 -23.91 20.66
C GLN B 372 20.85 -23.33 19.62
N GLN B 373 20.67 -24.05 18.50
CA GLN B 373 19.60 -23.73 17.57
C GLN B 373 18.23 -24.01 18.23
N ILE B 374 17.37 -22.99 18.22
CA ILE B 374 16.04 -23.05 18.83
C ILE B 374 14.90 -22.69 17.87
N ASN B 375 15.21 -22.09 16.71
CA ASN B 375 14.27 -21.84 15.63
C ASN B 375 14.80 -22.41 14.31
N TRP B 376 14.03 -23.31 13.71
CA TRP B 376 14.35 -23.85 12.38
C TRP B 376 13.63 -23.10 11.27
N HIS B 377 12.71 -22.20 11.63
CA HIS B 377 11.96 -21.42 10.65
C HIS B 377 11.23 -22.34 9.65
N VAL B 378 10.54 -23.35 10.18
CA VAL B 378 9.83 -24.32 9.34
C VAL B 378 8.59 -23.64 8.72
N ASN B 379 8.52 -23.64 7.39
CA ASN B 379 7.36 -23.12 6.64
C ASN B 379 6.20 -24.10 6.70
N VAL B 380 5.16 -23.75 7.46
CA VAL B 380 3.97 -24.59 7.59
C VAL B 380 2.73 -24.00 6.90
N GLN B 381 2.91 -22.96 6.07
CA GLN B 381 1.77 -22.23 5.47
C GLN B 381 0.99 -23.02 4.42
N GLY B 382 1.69 -23.91 3.69
CA GLY B 382 1.08 -24.62 2.57
C GLY B 382 0.31 -23.69 1.63
N ASP B 383 -0.91 -24.11 1.28
CA ASP B 383 -1.81 -23.29 0.44
C ASP B 383 -2.96 -22.66 1.27
N HIS B 384 -2.74 -22.47 2.57
CA HIS B 384 -3.79 -22.00 3.47
C HIS B 384 -4.22 -20.54 3.25
N GLY B 385 -3.36 -19.75 2.60
CA GLY B 385 -3.71 -18.38 2.21
C GLY B 385 -5.01 -18.28 1.43
N SER B 386 -5.13 -19.11 0.39
CA SER B 386 -6.36 -19.17 -0.41
C SER B 386 -7.59 -19.59 0.43
N LEU B 387 -7.40 -20.49 1.39
CA LEU B 387 -8.51 -20.88 2.29
C LEU B 387 -8.94 -19.71 3.19
N ILE B 388 -7.97 -18.96 3.70
CA ILE B 388 -8.23 -17.80 4.56
C ILE B 388 -8.95 -16.68 3.82
N ARG B 389 -8.52 -16.43 2.60
CA ARG B 389 -9.16 -15.47 1.70
C ARG B 389 -10.63 -15.86 1.48
N GLU B 390 -10.85 -17.14 1.18
CA GLU B 390 -12.19 -17.69 1.03
C GLU B 390 -13.03 -17.52 2.30
N ILE B 391 -12.53 -17.97 3.45
CA ILE B 391 -13.33 -17.94 4.69
C ILE B 391 -13.76 -16.52 5.05
N ALA B 392 -12.82 -15.59 5.04
CA ALA B 392 -13.10 -14.20 5.37
C ALA B 392 -14.11 -13.56 4.41
N ALA B 393 -14.03 -13.90 3.12
CA ALA B 393 -14.97 -13.41 2.12
C ALA B 393 -16.40 -13.92 2.39
N ARG B 394 -16.52 -15.20 2.76
CA ARG B 394 -17.81 -15.82 3.01
C ARG B 394 -18.35 -15.52 4.42
N GLY B 395 -17.48 -14.98 5.28
CA GLY B 395 -17.88 -14.47 6.59
C GLY B 395 -18.10 -12.96 6.61
N THR B 396 -17.96 -12.31 5.46
CA THR B 396 -18.29 -10.90 5.31
C THR B 396 -19.81 -10.76 5.19
N VAL B 397 -20.37 -9.89 6.04
CA VAL B 397 -21.82 -9.69 6.12
C VAL B 397 -22.23 -8.41 5.39
N LEU B 398 -22.98 -8.56 4.30
CA LEU B 398 -23.52 -7.41 3.59
C LEU B 398 -24.75 -6.94 4.37
N LEU B 399 -24.63 -5.80 5.04
CA LEU B 399 -25.72 -5.26 5.88
C LEU B 399 -26.68 -4.32 5.14
N LYS B 400 -26.16 -3.62 4.13
CA LYS B 400 -26.95 -2.69 3.32
C LYS B 400 -26.44 -2.67 1.88
N ASN B 401 -27.36 -2.55 0.94
CA ASN B 401 -27.04 -2.42 -0.47
C ASN B 401 -28.26 -1.86 -1.21
N THR B 402 -28.22 -0.58 -1.55
CA THR B 402 -29.29 0.04 -2.33
C THR B 402 -29.07 -0.05 -3.85
N GLY B 403 -28.03 -0.77 -4.29
CA GLY B 403 -27.78 -1.00 -5.71
C GLY B 403 -26.36 -0.72 -6.18
N SER B 404 -25.54 -0.07 -5.34
CA SER B 404 -24.15 0.26 -5.71
C SER B 404 -23.22 -0.96 -5.82
N LEU B 405 -23.52 -2.04 -5.09
CA LEU B 405 -22.74 -3.27 -5.17
C LEU B 405 -23.51 -4.40 -5.89
N PRO B 406 -22.83 -5.26 -6.65
CA PRO B 406 -21.36 -5.30 -6.78
C PRO B 406 -20.80 -4.17 -7.63
N LEU B 407 -19.51 -3.90 -7.43
CA LEU B 407 -18.80 -2.94 -8.27
C LEU B 407 -18.42 -3.63 -9.58
N LYS B 408 -18.48 -2.88 -10.67
CA LYS B 408 -18.11 -3.35 -11.99
C LYS B 408 -17.58 -2.17 -12.81
N LYS B 409 -16.27 -2.19 -13.10
CA LYS B 409 -15.63 -1.12 -13.86
C LYS B 409 -16.03 0.29 -13.39
N PRO B 410 -15.91 0.58 -12.07
CA PRO B 410 -16.19 1.94 -11.62
C PRO B 410 -15.21 2.93 -12.27
N LYS B 411 -15.69 4.12 -12.58
CA LYS B 411 -14.85 5.15 -13.21
C LYS B 411 -13.79 5.68 -12.22
N PHE B 412 -14.15 5.81 -10.94
CA PHE B 412 -13.32 6.49 -9.95
C PHE B 412 -13.53 5.88 -8.56
N LEU B 413 -12.48 5.27 -8.02
CA LEU B 413 -12.48 4.78 -6.64
C LEU B 413 -11.70 5.72 -5.73
N ALA B 414 -12.34 6.20 -4.67
CA ALA B 414 -11.70 6.94 -3.62
C ALA B 414 -11.77 6.09 -2.36
N VAL B 415 -10.64 5.50 -1.96
CA VAL B 415 -10.59 4.65 -0.77
C VAL B 415 -10.13 5.51 0.42
N ILE B 416 -10.90 5.47 1.52
CA ILE B 416 -10.72 6.40 2.63
C ILE B 416 -10.60 5.66 3.97
N GLY B 417 -9.68 6.13 4.80
CA GLY B 417 -9.54 5.64 6.16
C GLY B 417 -8.21 4.99 6.44
N GLU B 418 -7.73 5.17 7.66
CA GLU B 418 -6.53 4.50 8.15
C GLU B 418 -6.69 2.97 8.10
N ASP B 419 -7.88 2.48 8.37
CA ASP B 419 -8.14 1.02 8.36
C ASP B 419 -8.02 0.39 6.95
N ALA B 420 -8.04 1.20 5.90
CA ALA B 420 -7.76 0.72 4.54
C ALA B 420 -6.29 0.44 4.29
N GLY B 421 -5.41 1.05 5.08
CA GLY B 421 -3.98 1.04 4.79
C GLY B 421 -3.18 0.18 5.74
N PRO B 422 -1.85 0.18 5.56
CA PRO B 422 -0.99 -0.66 6.40
C PRO B 422 -0.63 0.00 7.72
N ASN B 423 -0.25 -0.82 8.70
CA ASN B 423 0.46 -0.35 9.88
C ASN B 423 1.80 0.16 9.36
N PRO B 424 2.10 1.46 9.53
CA PRO B 424 3.38 1.97 8.99
C PRO B 424 4.64 1.37 9.64
N LEU B 425 4.53 0.81 10.84
CA LEU B 425 5.62 0.11 11.51
C LEU B 425 5.61 -1.40 11.26
N GLY B 426 4.80 -1.85 10.31
CA GLY B 426 4.74 -3.23 9.89
C GLY B 426 3.66 -4.03 10.59
N PRO B 427 3.19 -5.12 9.95
CA PRO B 427 2.06 -5.88 10.49
C PRO B 427 2.33 -6.57 11.82
N ASN B 428 3.59 -6.87 12.11
CA ASN B 428 4.00 -7.47 13.39
C ASN B 428 4.89 -6.54 14.23
N GLY B 429 4.91 -5.24 13.91
CA GLY B 429 5.75 -4.27 14.63
C GLY B 429 5.51 -4.16 16.13
N CYS B 430 4.25 -4.36 16.55
CA CYS B 430 3.85 -4.26 17.95
C CYS B 430 3.70 -5.67 18.56
N ALA B 431 4.21 -5.87 19.78
CA ALA B 431 4.09 -7.17 20.47
C ALA B 431 2.62 -7.54 20.75
N ASP B 432 2.25 -8.78 20.40
CA ASP B 432 0.88 -9.31 20.61
C ASP B 432 -0.20 -8.46 19.91
N ASN B 433 0.17 -7.94 18.74
CA ASN B 433 -0.71 -7.09 17.91
C ASN B 433 -1.45 -6.01 18.72
N ARG B 434 -0.71 -5.37 19.64
CA ARG B 434 -1.28 -4.39 20.59
C ARG B 434 -1.55 -2.96 20.03
N CYS B 435 -1.42 -2.77 18.72
CA CYS B 435 -1.71 -1.48 18.08
C CYS B 435 -3.03 -1.55 17.30
N ASN B 436 -3.65 -0.39 17.11
CA ASN B 436 -4.76 -0.23 16.17
C ASN B 436 -4.34 0.77 15.11
N ASN B 437 -3.13 0.57 14.59
CA ASN B 437 -2.57 1.40 13.52
C ASN B 437 -2.74 0.62 12.23
N GLY B 438 -3.31 1.25 11.23
CA GLY B 438 -3.59 0.60 9.95
C GLY B 438 -4.74 -0.39 10.02
N THR B 439 -4.76 -1.33 9.08
CA THR B 439 -5.90 -2.22 8.91
C THR B 439 -5.96 -3.25 10.06
N LEU B 440 -7.18 -3.55 10.48
CA LEU B 440 -7.43 -4.51 11.54
C LEU B 440 -7.49 -5.92 10.95
N GLY B 441 -6.42 -6.68 11.10
CA GLY B 441 -6.39 -8.09 10.68
C GLY B 441 -7.05 -8.95 11.75
N ILE B 442 -6.55 -8.80 12.98
CA ILE B 442 -7.09 -9.45 14.18
C ILE B 442 -6.97 -8.51 15.37
N GLY B 443 -7.65 -8.84 16.47
CA GLY B 443 -7.51 -8.10 17.74
C GLY B 443 -6.16 -8.32 18.40
N TRP B 444 -6.08 -8.03 19.70
CA TRP B 444 -4.81 -8.10 20.42
C TRP B 444 -4.81 -9.17 21.51
N GLY B 445 -3.62 -9.46 22.07
CA GLY B 445 -3.46 -10.42 23.18
C GLY B 445 -2.93 -11.78 22.76
N SER B 446 -3.29 -12.82 23.53
CA SER B 446 -2.80 -14.19 23.27
C SER B 446 -3.46 -14.87 22.07
N GLY B 447 -4.59 -14.35 21.62
CA GLY B 447 -5.36 -14.94 20.53
C GLY B 447 -4.90 -14.54 19.16
N THR B 448 -3.59 -14.39 18.98
CA THR B 448 -3.02 -13.82 17.78
C THR B 448 -1.85 -14.66 17.29
N GLY B 449 -1.39 -14.29 16.10
CA GLY B 449 -0.14 -14.81 15.54
C GLY B 449 0.54 -13.75 14.70
N ASN B 450 1.81 -13.99 14.41
CA ASN B 450 2.57 -13.14 13.52
C ASN B 450 2.13 -13.42 12.09
N PHE B 451 1.82 -12.34 11.37
CA PHE B 451 1.40 -12.42 9.99
C PHE B 451 2.57 -12.81 9.08
N PRO B 452 2.35 -13.73 8.13
CA PRO B 452 3.34 -13.89 7.08
C PRO B 452 3.31 -12.70 6.09
N TYR B 453 2.14 -12.09 5.95
CA TYR B 453 1.91 -10.86 5.24
C TYR B 453 0.53 -10.39 5.68
N LEU B 454 0.16 -9.17 5.32
CA LEU B 454 -1.18 -8.67 5.58
C LEU B 454 -1.60 -7.79 4.41
N VAL B 455 -2.49 -8.31 3.57
CA VAL B 455 -2.92 -7.62 2.38
C VAL B 455 -3.95 -6.58 2.81
N THR B 456 -3.61 -5.31 2.64
CA THR B 456 -4.52 -4.24 3.01
C THR B 456 -5.56 -4.06 1.90
N PRO B 457 -6.77 -3.57 2.25
CA PRO B 457 -7.75 -3.20 1.23
C PRO B 457 -7.18 -2.26 0.16
N ASP B 458 -6.35 -1.32 0.58
CA ASP B 458 -5.74 -0.37 -0.34
C ASP B 458 -4.82 -1.08 -1.36
N GLN B 459 -4.01 -2.02 -0.91
CA GLN B 459 -3.14 -2.77 -1.83
C GLN B 459 -4.00 -3.57 -2.85
N ALA B 460 -5.01 -4.31 -2.36
CA ALA B 460 -5.84 -5.17 -3.22
C ALA B 460 -6.76 -4.41 -4.16
N LEU B 461 -7.38 -3.33 -3.66
CA LEU B 461 -8.30 -2.52 -4.46
C LEU B 461 -7.57 -1.72 -5.55
N GLN B 462 -6.40 -1.18 -5.23
CA GLN B 462 -5.61 -0.48 -6.25
C GLN B 462 -5.26 -1.41 -7.41
N ALA B 463 -4.81 -2.62 -7.09
CA ALA B 463 -4.42 -3.59 -8.11
C ALA B 463 -5.59 -3.89 -9.06
N ARG B 464 -6.77 -4.07 -8.48
CA ARG B 464 -7.97 -4.37 -9.26
C ARG B 464 -8.41 -3.17 -10.10
N ALA B 465 -8.41 -1.97 -9.51
CA ALA B 465 -8.69 -0.73 -10.24
C ALA B 465 -7.76 -0.51 -11.42
N VAL B 466 -6.48 -0.80 -11.23
CA VAL B 466 -5.50 -0.66 -12.31
C VAL B 466 -5.69 -1.71 -13.41
N GLN B 467 -6.09 -2.94 -13.07
CA GLN B 467 -6.47 -3.97 -14.07
C GLN B 467 -7.66 -3.50 -14.95
N ASP B 468 -8.68 -2.94 -14.30
CA ASP B 468 -9.91 -2.48 -14.97
C ASP B 468 -9.82 -1.14 -15.69
N GLY B 469 -8.75 -0.39 -15.46
CA GLY B 469 -8.62 0.97 -16.01
C GLY B 469 -9.42 1.98 -15.19
N SER B 470 -9.74 1.63 -13.94
CA SER B 470 -10.42 2.55 -13.03
C SER B 470 -9.41 3.53 -12.45
N ARG B 471 -9.85 4.77 -12.25
CA ARG B 471 -9.10 5.76 -11.49
C ARG B 471 -9.11 5.32 -10.03
N TYR B 472 -7.96 5.45 -9.37
CA TYR B 472 -7.82 5.07 -7.96
C TYR B 472 -6.94 6.05 -7.18
N GLU B 473 -7.51 6.61 -6.13
CA GLU B 473 -6.80 7.47 -5.18
C GLU B 473 -7.25 7.09 -3.77
N SER B 474 -6.32 7.09 -2.83
CA SER B 474 -6.63 6.70 -1.47
C SER B 474 -6.01 7.65 -0.45
N VAL B 475 -6.80 7.96 0.58
CA VAL B 475 -6.38 8.80 1.71
C VAL B 475 -6.46 7.91 2.94
N LEU B 476 -5.29 7.52 3.43
CA LEU B 476 -5.17 6.49 4.46
C LEU B 476 -5.03 7.11 5.85
N ARG B 477 -5.91 8.07 6.14
CA ARG B 477 -5.96 8.78 7.41
C ARG B 477 -7.45 9.00 7.74
N ASN B 478 -7.79 8.99 9.03
CA ASN B 478 -9.19 9.25 9.44
C ASN B 478 -9.49 10.76 9.60
N HIS B 479 -8.49 11.55 9.98
CA HIS B 479 -8.66 13.00 10.15
C HIS B 479 -7.90 13.78 9.07
N ALA B 480 -8.56 13.97 7.94
CA ALA B 480 -8.00 14.71 6.81
C ALA B 480 -9.13 15.32 5.97
N PRO B 481 -10.02 16.10 6.64
CA PRO B 481 -11.25 16.58 6.00
C PRO B 481 -11.04 17.43 4.74
N THR B 482 -9.96 18.21 4.69
CA THR B 482 -9.68 19.03 3.50
C THR B 482 -9.43 18.14 2.28
N GLU B 483 -8.51 17.20 2.44
CA GLU B 483 -8.08 16.36 1.31
C GLU B 483 -9.17 15.36 0.94
N ILE B 484 -9.85 14.81 1.94
CA ILE B 484 -10.91 13.86 1.72
C ILE B 484 -12.09 14.52 1.00
N LYS B 485 -12.47 15.72 1.42
CA LYS B 485 -13.54 16.47 0.74
C LYS B 485 -13.22 16.79 -0.73
N ALA B 486 -12.00 17.25 -0.99
CA ALA B 486 -11.58 17.58 -2.36
C ALA B 486 -11.57 16.34 -3.27
N LEU B 487 -11.29 15.17 -2.69
CA LEU B 487 -11.28 13.91 -3.44
C LEU B 487 -12.69 13.37 -3.70
N VAL B 488 -13.41 13.03 -2.63
CA VAL B 488 -14.64 12.25 -2.76
C VAL B 488 -15.85 13.05 -3.27
N SER B 489 -15.78 14.38 -3.23
CA SER B 489 -16.87 15.21 -3.79
C SER B 489 -16.73 15.48 -5.30
N GLN B 490 -15.63 15.05 -5.93
CA GLN B 490 -15.50 15.10 -7.40
C GLN B 490 -16.52 14.18 -8.07
N GLN B 491 -16.83 14.47 -9.32
CA GLN B 491 -17.92 13.79 -10.02
C GLN B 491 -17.67 12.30 -10.15
N ASP B 492 -18.73 11.51 -9.94
CA ASP B 492 -18.71 10.04 -10.09
C ASP B 492 -17.78 9.30 -9.14
N ALA B 493 -17.44 9.90 -8.01
CA ALA B 493 -16.58 9.24 -7.03
C ALA B 493 -17.36 8.13 -6.33
N THR B 494 -16.74 6.96 -6.24
CA THR B 494 -17.21 5.86 -5.42
C THR B 494 -16.32 5.80 -4.19
N ALA B 495 -16.82 6.32 -3.06
CA ALA B 495 -16.07 6.40 -1.82
C ALA B 495 -16.24 5.12 -1.03
N ILE B 496 -15.13 4.44 -0.76
CA ILE B 496 -15.16 3.24 0.06
C ILE B 496 -14.40 3.60 1.33
N VAL B 497 -15.13 3.74 2.43
CA VAL B 497 -14.58 4.16 3.71
C VAL B 497 -14.37 2.93 4.55
N PHE B 498 -13.16 2.75 5.06
CA PHE B 498 -12.82 1.63 5.96
C PHE B 498 -12.62 2.18 7.37
N VAL B 499 -13.39 1.65 8.32
CA VAL B 499 -13.31 2.05 9.74
C VAL B 499 -13.26 0.83 10.63
N ASN B 500 -12.81 1.03 11.86
CA ASN B 500 -12.69 -0.08 12.80
C ASN B 500 -12.98 0.30 14.25
N ALA B 501 -13.15 -0.76 15.04
CA ALA B 501 -13.02 -0.72 16.48
C ALA B 501 -12.13 -1.91 16.81
N ASN B 502 -11.63 -1.98 18.04
CA ASN B 502 -10.65 -3.01 18.41
C ASN B 502 -10.82 -3.41 19.86
N SER B 503 -10.42 -4.65 20.16
CA SER B 503 -10.43 -5.16 21.53
C SER B 503 -9.55 -6.42 21.62
N GLY B 504 -9.34 -6.89 22.84
CA GLY B 504 -8.53 -8.07 23.06
C GLY B 504 -8.39 -8.44 24.51
N GLU B 505 -7.29 -9.12 24.83
CA GLU B 505 -7.04 -9.65 26.16
C GLU B 505 -6.59 -8.55 27.13
N GLY B 506 -7.02 -8.70 28.38
CA GLY B 506 -6.87 -7.67 29.41
C GLY B 506 -5.48 -7.23 29.85
N PHE B 507 -4.43 -7.96 29.45
CA PHE B 507 -3.03 -7.52 29.74
C PHE B 507 -2.54 -6.38 28.82
N ILE B 508 -3.38 -5.97 27.87
CA ILE B 508 -3.11 -4.85 26.98
C ILE B 508 -4.22 -3.81 27.12
N GLU B 509 -3.82 -2.54 27.09
CA GLU B 509 -4.74 -1.41 27.21
C GLU B 509 -4.41 -0.38 26.14
N ILE B 510 -5.41 0.04 25.36
CA ILE B 510 -5.29 1.14 24.40
C ILE B 510 -6.36 2.19 24.70
N ASP B 511 -5.94 3.41 25.04
CA ASP B 511 -6.84 4.56 25.24
C ASP B 511 -7.93 4.33 26.31
N GLY B 512 -7.56 3.65 27.39
CA GLY B 512 -8.50 3.28 28.46
C GLY B 512 -9.36 2.03 28.22
N ASN B 513 -9.18 1.38 27.06
CA ASN B 513 -9.85 0.12 26.75
C ASN B 513 -9.00 -1.03 27.28
N LYS B 514 -9.27 -1.43 28.53
CA LYS B 514 -8.50 -2.45 29.23
C LYS B 514 -9.00 -3.85 28.85
N GLY B 515 -8.62 -4.27 27.65
CA GLY B 515 -9.10 -5.52 27.05
C GLY B 515 -10.48 -5.31 26.45
N ASP B 516 -11.46 -5.22 27.35
CA ASP B 516 -12.83 -4.87 26.99
C ASP B 516 -12.90 -3.47 26.37
N ARG B 517 -13.92 -3.26 25.54
CA ARG B 517 -14.15 -1.95 24.95
C ARG B 517 -14.87 -1.08 25.96
N LEU B 518 -14.46 0.19 26.05
CA LEU B 518 -15.19 1.18 26.87
C LEU B 518 -16.59 1.41 26.32
N ASN B 519 -16.71 1.46 25.00
CA ASN B 519 -17.98 1.79 24.34
C ASN B 519 -18.21 0.94 23.08
N LEU B 520 -19.34 1.18 22.41
CA LEU B 520 -19.70 0.46 21.18
C LEU B 520 -19.66 1.37 19.95
N THR B 521 -18.77 2.36 19.95
CA THR B 521 -18.62 3.24 18.79
C THR B 521 -17.34 2.88 18.05
N LEU B 522 -17.22 3.41 16.84
CA LEU B 522 -16.00 3.24 16.06
C LEU B 522 -14.83 3.98 16.70
N TRP B 523 -13.63 3.48 16.43
CA TRP B 523 -12.40 4.05 16.96
C TRP B 523 -11.88 5.07 15.97
N ASN B 524 -10.93 5.88 16.43
CA ASN B 524 -10.19 6.80 15.59
C ASN B 524 -11.09 7.79 14.80
N GLU B 525 -12.18 8.22 15.44
CA GLU B 525 -13.20 9.09 14.83
C GLU B 525 -13.87 8.52 13.56
N GLY B 526 -14.00 7.20 13.51
CA GLY B 526 -14.62 6.51 12.39
C GLY B 526 -16.01 7.00 12.06
N ASP B 527 -16.82 7.27 13.09
CA ASP B 527 -18.21 7.74 12.89
C ASP B 527 -18.26 9.11 12.23
N ALA B 528 -17.48 10.05 12.76
CA ALA B 528 -17.37 11.39 12.20
C ALA B 528 -16.80 11.37 10.77
N LEU B 529 -15.87 10.45 10.50
CA LEU B 529 -15.38 10.23 9.14
C LEU B 529 -16.51 9.77 8.22
N VAL B 530 -17.28 8.78 8.66
CA VAL B 530 -18.37 8.25 7.82
C VAL B 530 -19.42 9.34 7.52
N LYS B 531 -19.77 10.13 8.54
CA LYS B 531 -20.73 11.24 8.38
C LYS B 531 -20.20 12.25 7.39
N ASN B 532 -18.96 12.68 7.60
CA ASN B 532 -18.30 13.62 6.69
C ASN B 532 -18.29 13.13 5.25
N VAL B 533 -17.78 11.93 5.00
CA VAL B 533 -17.68 11.40 3.62
C VAL B 533 -19.05 11.25 2.96
N SER B 534 -20.02 10.72 3.71
CA SER B 534 -21.39 10.56 3.21
C SER B 534 -22.03 11.92 2.88
N SER B 535 -21.73 12.95 3.69
CA SER B 535 -22.18 14.32 3.41
C SER B 535 -21.60 14.90 2.12
N TRP B 536 -20.39 14.48 1.73
CA TRP B 536 -19.70 14.98 0.54
C TRP B 536 -19.87 14.12 -0.72
N CYS B 537 -20.29 12.86 -0.55
CA CYS B 537 -20.35 11.90 -1.65
C CYS B 537 -21.63 11.07 -1.56
N ASN B 538 -22.41 11.05 -2.64
CA ASN B 538 -23.67 10.31 -2.67
C ASN B 538 -23.54 8.80 -2.97
N ASN B 539 -22.32 8.29 -3.15
CA ASN B 539 -22.08 6.86 -3.36
C ASN B 539 -20.97 6.36 -2.41
N THR B 540 -21.29 6.43 -1.12
CA THR B 540 -20.37 6.08 -0.05
C THR B 540 -20.67 4.67 0.39
N ILE B 541 -19.62 3.83 0.38
CA ILE B 541 -19.68 2.44 0.80
C ILE B 541 -18.81 2.31 2.03
N VAL B 542 -19.35 1.71 3.09
CA VAL B 542 -18.68 1.63 4.38
C VAL B 542 -18.33 0.20 4.70
N VAL B 543 -17.05 -0.07 4.96
CA VAL B 543 -16.60 -1.39 5.44
C VAL B 543 -16.13 -1.27 6.89
N LEU B 544 -16.69 -2.14 7.74
CA LEU B 544 -16.42 -2.16 9.17
C LEU B 544 -15.56 -3.37 9.51
N HIS B 545 -14.40 -3.14 10.13
CA HIS B 545 -13.64 -4.22 10.78
C HIS B 545 -13.77 -4.01 12.27
N THR B 546 -14.58 -4.85 12.91
CA THR B 546 -14.83 -4.74 14.34
C THR B 546 -14.84 -6.13 14.96
N PRO B 547 -14.48 -6.23 16.27
CA PRO B 547 -14.54 -7.50 16.99
C PRO B 547 -15.98 -7.98 17.27
N GLY B 548 -16.91 -7.02 17.30
CA GLY B 548 -18.32 -7.29 17.54
C GLY B 548 -19.11 -6.06 17.06
N PRO B 549 -20.34 -5.87 17.57
CA PRO B 549 -21.14 -4.77 17.03
C PRO B 549 -20.63 -3.39 17.42
N VAL B 550 -20.93 -2.41 16.56
CA VAL B 550 -20.83 -1.00 16.88
C VAL B 550 -22.17 -0.35 16.54
N LEU B 551 -22.40 0.84 17.09
CA LEU B 551 -23.66 1.57 16.90
C LEU B 551 -23.68 2.31 15.57
N LEU B 552 -24.51 1.82 14.65
CA LEU B 552 -24.64 2.40 13.30
C LEU B 552 -25.79 3.39 13.18
N THR B 553 -26.51 3.62 14.29
CA THR B 553 -27.77 4.39 14.36
C THR B 553 -27.78 5.73 13.60
N GLU B 554 -26.77 6.55 13.85
CA GLU B 554 -26.72 7.92 13.32
C GLU B 554 -26.49 8.05 11.81
N TRP B 555 -26.06 6.98 11.14
CA TRP B 555 -25.78 7.05 9.69
C TRP B 555 -26.19 5.87 8.79
N TYR B 556 -26.58 4.72 9.34
CA TYR B 556 -26.95 3.55 8.53
C TYR B 556 -28.06 3.81 7.50
N ASP B 557 -28.97 4.72 7.85
CA ASP B 557 -30.09 5.11 6.98
C ASP B 557 -29.83 6.36 6.14
N ASN B 558 -28.59 6.89 6.19
CA ASN B 558 -28.19 7.97 5.30
C ASN B 558 -28.32 7.43 3.86
N PRO B 559 -29.11 8.10 3.00
CA PRO B 559 -29.28 7.60 1.62
C PRO B 559 -28.00 7.68 0.76
N ASN B 560 -27.09 8.58 1.12
CA ASN B 560 -25.77 8.66 0.49
C ASN B 560 -24.85 7.48 0.84
N ILE B 561 -25.16 6.75 1.91
CA ILE B 561 -24.47 5.51 2.24
C ILE B 561 -25.20 4.39 1.52
N THR B 562 -24.66 3.98 0.37
CA THR B 562 -25.29 3.03 -0.53
C THR B 562 -25.04 1.55 -0.16
N ALA B 563 -23.99 1.29 0.61
CA ALA B 563 -23.74 -0.05 1.13
C ALA B 563 -22.92 -0.05 2.42
N ILE B 564 -23.16 -1.05 3.25
CA ILE B 564 -22.46 -1.26 4.50
C ILE B 564 -22.09 -2.74 4.59
N LEU B 565 -20.81 -3.04 4.78
CA LEU B 565 -20.36 -4.41 5.05
C LEU B 565 -19.61 -4.47 6.37
N TRP B 566 -19.84 -5.54 7.11
CA TRP B 566 -19.04 -5.90 8.26
C TRP B 566 -18.12 -7.06 7.85
N ALA B 567 -16.81 -6.81 7.90
CA ALA B 567 -15.78 -7.79 7.51
C ALA B 567 -15.06 -8.40 8.72
N GLY B 568 -15.34 -7.92 9.92
CA GLY B 568 -14.90 -8.57 11.14
C GLY B 568 -13.39 -8.54 11.29
N MET B 569 -12.81 -9.72 11.51
CA MET B 569 -11.35 -9.88 11.64
C MET B 569 -10.92 -10.95 10.63
N PRO B 570 -10.55 -10.50 9.41
CA PRO B 570 -10.37 -11.42 8.28
C PRO B 570 -9.06 -12.18 8.23
N GLY B 571 -8.06 -11.77 9.01
CA GLY B 571 -6.76 -12.41 8.93
C GLY B 571 -5.96 -11.90 7.74
N GLN B 572 -5.02 -12.71 7.28
CA GLN B 572 -3.90 -12.21 6.45
C GLN B 572 -4.27 -11.73 5.05
N GLU B 573 -5.40 -12.21 4.53
CA GLU B 573 -5.80 -11.90 3.15
C GLU B 573 -6.87 -10.80 3.08
N SER B 574 -7.00 -9.99 4.14
CA SER B 574 -8.08 -9.02 4.30
C SER B 574 -8.48 -8.30 3.03
N GLY B 575 -7.52 -7.64 2.40
CA GLY B 575 -7.77 -6.85 1.22
C GLY B 575 -8.30 -7.65 0.04
N ASN B 576 -7.79 -8.87 -0.14
CA ASN B 576 -8.27 -9.73 -1.24
C ASN B 576 -9.67 -10.24 -0.97
N SER B 577 -9.96 -10.58 0.29
CA SER B 577 -11.30 -11.01 0.68
C SER B 577 -12.35 -9.93 0.46
N ILE B 578 -12.07 -8.71 0.92
CA ILE B 578 -13.03 -7.61 0.76
C ILE B 578 -13.20 -7.22 -0.70
N THR B 579 -12.10 -7.26 -1.46
CA THR B 579 -12.15 -6.96 -2.90
C THR B 579 -13.02 -7.99 -3.62
N ASP B 580 -12.87 -9.28 -3.27
CA ASP B 580 -13.72 -10.37 -3.79
C ASP B 580 -15.22 -10.09 -3.59
N VAL B 581 -15.58 -9.62 -2.41
CA VAL B 581 -17.00 -9.38 -2.07
C VAL B 581 -17.48 -8.12 -2.80
N LEU B 582 -16.68 -7.05 -2.76
CA LEU B 582 -17.05 -5.77 -3.40
C LEU B 582 -17.25 -5.89 -4.90
N TYR B 583 -16.49 -6.75 -5.55
CA TYR B 583 -16.61 -6.94 -7.00
C TYR B 583 -17.43 -8.18 -7.41
N GLY B 584 -18.05 -8.84 -6.44
CA GLY B 584 -18.90 -10.01 -6.71
C GLY B 584 -18.21 -11.26 -7.23
N ARG B 585 -16.89 -11.40 -7.00
CA ARG B 585 -16.20 -12.68 -7.23
C ARG B 585 -16.72 -13.69 -6.23
N VAL B 586 -17.01 -13.20 -5.02
CA VAL B 586 -17.79 -13.91 -4.02
C VAL B 586 -19.10 -13.14 -3.90
N ASN B 587 -20.21 -13.84 -4.14
CA ASN B 587 -21.53 -13.28 -3.86
C ASN B 587 -21.73 -13.47 -2.36
N PRO B 588 -21.85 -12.38 -1.59
CA PRO B 588 -21.89 -12.52 -0.12
C PRO B 588 -23.07 -13.36 0.41
N SER B 589 -22.78 -14.23 1.37
CA SER B 589 -23.81 -14.97 2.09
C SER B 589 -23.67 -14.93 3.61
N GLY B 590 -22.57 -14.40 4.14
CA GLY B 590 -22.34 -14.45 5.58
C GLY B 590 -23.40 -13.71 6.35
N ARG B 591 -23.61 -14.12 7.60
CA ARG B 591 -24.65 -13.55 8.45
C ARG B 591 -24.05 -13.08 9.75
N THR B 592 -24.56 -11.97 10.27
CA THR B 592 -24.07 -11.45 11.55
C THR B 592 -24.36 -12.44 12.68
N PRO B 593 -23.32 -12.84 13.45
CA PRO B 593 -23.50 -13.79 14.56
C PRO B 593 -23.89 -13.14 15.91
N PHE B 594 -24.24 -11.87 15.85
CA PHE B 594 -24.70 -11.11 16.99
C PHE B 594 -25.65 -10.05 16.45
N THR B 595 -26.29 -9.32 17.36
CA THR B 595 -27.28 -8.32 16.98
C THR B 595 -26.62 -6.94 16.94
N TRP B 596 -27.06 -6.12 15.99
CA TRP B 596 -26.63 -4.73 15.90
C TRP B 596 -27.77 -3.89 16.45
N GLY B 597 -27.61 -3.42 17.69
CA GLY B 597 -28.62 -2.65 18.40
C GLY B 597 -28.46 -1.16 18.16
N ALA B 598 -29.53 -0.42 18.42
CA ALA B 598 -29.52 1.04 18.24
C ALA B 598 -28.69 1.77 19.30
N THR B 599 -28.63 1.19 20.50
CA THR B 599 -27.94 1.80 21.63
C THR B 599 -27.17 0.77 22.46
N ARG B 600 -26.33 1.30 23.33
CA ARG B 600 -25.54 0.50 24.27
C ARG B 600 -26.42 -0.30 25.24
N GLU B 601 -27.49 0.36 25.68
CA GLU B 601 -28.38 -0.16 26.71
C GLU B 601 -29.42 -1.13 26.13
N SER B 602 -29.64 -1.08 24.82
CA SER B 602 -30.57 -2.00 24.14
C SER B 602 -30.17 -3.48 24.18
N TYR B 603 -28.88 -3.77 24.32
CA TYR B 603 -28.38 -5.14 24.50
C TYR B 603 -28.79 -5.77 25.85
N GLY B 604 -29.03 -4.93 26.86
CA GLY B 604 -29.49 -5.37 28.18
C GLY B 604 -28.32 -5.55 29.13
N THR B 605 -27.39 -6.41 28.73
CA THR B 605 -26.15 -6.64 29.47
C THR B 605 -25.08 -5.60 29.14
N ASP B 606 -24.09 -5.53 30.02
CA ASP B 606 -22.91 -4.67 29.83
C ASP B 606 -21.75 -5.29 30.60
N VAL B 607 -20.53 -4.87 30.28
CA VAL B 607 -19.35 -5.21 31.07
C VAL B 607 -19.45 -4.47 32.42
N LEU B 608 -19.01 -5.15 33.48
CA LEU B 608 -18.82 -4.53 34.78
C LEU B 608 -17.45 -3.84 34.80
N TYR B 609 -17.44 -2.51 34.83
CA TYR B 609 -16.21 -1.71 34.79
C TYR B 609 -15.65 -1.32 36.16
N GLU B 610 -16.49 -1.42 37.19
CA GLU B 610 -16.12 -0.99 38.53
C GLU B 610 -16.36 -2.12 39.51
N PRO B 611 -15.44 -2.30 40.48
CA PRO B 611 -15.70 -3.29 41.54
C PRO B 611 -16.98 -2.95 42.30
N ASN B 612 -17.77 -3.99 42.62
CA ASN B 612 -19.08 -3.82 43.26
C ASN B 612 -19.19 -4.62 44.57
N ASN B 613 -18.04 -4.93 45.18
CA ASN B 613 -17.97 -5.74 46.42
C ASN B 613 -16.78 -5.28 47.30
N GLY B 614 -16.62 -3.96 47.41
CA GLY B 614 -15.53 -3.37 48.18
C GLY B 614 -14.17 -3.73 47.62
N ASN B 615 -13.29 -4.24 48.46
CA ASN B 615 -11.97 -4.72 48.05
C ASN B 615 -11.91 -6.26 47.99
N GLU B 616 -13.08 -6.91 47.90
CA GLU B 616 -13.17 -8.36 47.74
C GLU B 616 -13.54 -8.67 46.28
N ALA B 617 -13.77 -9.94 45.97
CA ALA B 617 -14.13 -10.39 44.62
C ALA B 617 -15.38 -9.72 44.07
N PRO B 618 -15.26 -9.01 42.92
CA PRO B 618 -16.46 -8.50 42.23
C PRO B 618 -17.46 -9.61 41.88
N GLN B 619 -18.74 -9.28 41.93
CA GLN B 619 -19.80 -10.24 41.63
C GLN B 619 -20.52 -9.85 40.36
N LEU B 620 -20.43 -10.71 39.36
CA LEU B 620 -21.13 -10.55 38.09
C LEU B 620 -22.29 -11.52 38.11
N ASP B 621 -23.47 -11.03 38.50
CA ASP B 621 -24.69 -11.84 38.59
C ASP B 621 -25.35 -11.86 37.24
N TYR B 622 -25.67 -13.06 36.74
CA TYR B 622 -26.24 -13.22 35.41
C TYR B 622 -27.76 -13.21 35.55
N THR B 623 -28.29 -12.11 36.09
CA THR B 623 -29.72 -12.00 36.43
C THR B 623 -30.61 -11.92 35.18
N GLU B 624 -30.01 -11.60 34.03
CA GLU B 624 -30.67 -11.71 32.71
C GLU B 624 -30.98 -13.16 32.25
N GLY B 625 -30.39 -14.17 32.88
CA GLY B 625 -30.64 -15.56 32.49
C GLY B 625 -30.18 -15.84 31.07
N VAL B 626 -30.98 -16.59 30.32
CA VAL B 626 -30.70 -16.88 28.91
C VAL B 626 -30.90 -15.71 27.94
N PHE B 627 -31.45 -14.59 28.43
CA PHE B 627 -31.78 -13.45 27.56
C PHE B 627 -30.59 -12.54 27.33
N ILE B 628 -29.72 -12.98 26.42
CA ILE B 628 -28.60 -12.17 25.92
C ILE B 628 -28.71 -12.07 24.40
N ASP B 629 -28.15 -11.00 23.84
CA ASP B 629 -28.23 -10.72 22.41
C ASP B 629 -29.69 -10.85 21.90
N TYR B 630 -29.96 -11.62 20.84
CA TYR B 630 -31.24 -11.55 20.15
C TYR B 630 -32.42 -12.05 21.00
N ARG B 631 -32.15 -12.99 21.90
CA ARG B 631 -33.13 -13.43 22.88
C ARG B 631 -33.70 -12.26 23.67
N HIS B 632 -32.81 -11.37 24.14
CA HIS B 632 -33.21 -10.15 24.85
C HIS B 632 -33.87 -9.11 23.94
N PHE B 633 -33.34 -8.91 22.73
CA PHE B 633 -33.94 -7.97 21.78
C PHE B 633 -35.38 -8.38 21.44
N ASP B 634 -35.59 -9.67 21.20
CA ASP B 634 -36.94 -10.21 20.95
C ASP B 634 -37.86 -10.06 22.18
N LYS B 635 -37.35 -10.45 23.36
CA LYS B 635 -38.11 -10.44 24.62
C LYS B 635 -38.59 -9.05 25.02
N ALA B 636 -37.65 -8.11 25.11
CA ALA B 636 -37.96 -6.73 25.55
C ALA B 636 -38.44 -5.82 24.41
N ASN B 637 -38.38 -6.32 23.17
CA ASN B 637 -38.65 -5.52 21.95
C ASN B 637 -37.76 -4.26 21.82
N ALA B 638 -36.51 -4.36 22.29
CA ALA B 638 -35.51 -3.28 22.15
C ALA B 638 -35.15 -3.10 20.68
N SER B 639 -34.77 -1.88 20.30
CA SER B 639 -34.70 -1.54 18.86
C SER B 639 -33.51 -2.19 18.14
N VAL B 640 -33.82 -3.03 17.15
CA VAL B 640 -32.83 -3.74 16.34
C VAL B 640 -32.58 -2.96 15.06
N LEU B 641 -31.31 -2.69 14.75
CA LEU B 641 -30.93 -2.17 13.44
C LEU B 641 -30.78 -3.34 12.47
N TYR B 642 -29.96 -4.32 12.85
CA TYR B 642 -29.73 -5.51 12.04
C TYR B 642 -29.75 -6.72 12.98
N GLU B 643 -30.57 -7.71 12.64
CA GLU B 643 -30.85 -8.84 13.53
C GLU B 643 -29.86 -10.00 13.40
N PHE B 644 -29.75 -10.81 14.44
CA PHE B 644 -28.97 -12.06 14.37
C PHE B 644 -29.43 -12.90 13.16
N GLY B 645 -28.46 -13.39 12.40
CA GLY B 645 -28.73 -14.14 11.18
C GLY B 645 -29.00 -13.29 9.95
N PHE B 646 -29.00 -11.96 10.09
CA PHE B 646 -29.25 -11.06 8.94
C PHE B 646 -28.03 -10.99 8.03
N GLY B 647 -28.29 -10.90 6.73
CA GLY B 647 -27.25 -10.80 5.73
C GLY B 647 -27.84 -10.81 4.34
N LEU B 648 -27.50 -9.79 3.56
CA LEU B 648 -27.96 -9.68 2.18
C LEU B 648 -27.03 -10.43 1.23
N SER B 649 -27.52 -10.60 0.00
CA SER B 649 -26.79 -11.20 -1.11
C SER B 649 -27.03 -10.32 -2.35
N TYR B 650 -26.23 -10.51 -3.40
CA TYR B 650 -26.45 -9.83 -4.69
C TYR B 650 -27.53 -10.51 -5.54
N THR B 651 -28.10 -11.59 -5.01
CA THR B 651 -29.34 -12.15 -5.53
C THR B 651 -30.35 -12.28 -4.37
N THR B 652 -31.57 -12.70 -4.71
CA THR B 652 -32.69 -12.84 -3.75
C THR B 652 -33.17 -14.29 -3.65
N PHE B 653 -33.74 -14.64 -2.49
CA PHE B 653 -34.17 -16.01 -2.18
C PHE B 653 -35.59 -16.04 -1.60
N GLU B 654 -36.39 -17.00 -2.07
CA GLU B 654 -37.77 -17.19 -1.58
C GLU B 654 -37.92 -18.52 -0.87
N TYR B 655 -38.65 -18.51 0.24
CA TYR B 655 -38.86 -19.68 1.07
C TYR B 655 -40.30 -20.21 0.89
N SER B 656 -40.42 -21.53 0.67
CA SER B 656 -41.73 -22.19 0.50
C SER B 656 -41.70 -23.65 0.97
N ASN B 657 -42.89 -24.26 1.04
CA ASN B 657 -43.07 -25.70 1.21
C ASN B 657 -42.42 -26.25 2.50
N LEU B 658 -42.80 -25.67 3.63
CA LEU B 658 -42.34 -26.17 4.94
C LEU B 658 -42.99 -27.53 5.24
N LYS B 659 -42.16 -28.50 5.65
CA LYS B 659 -42.65 -29.83 6.06
C LYS B 659 -41.84 -30.34 7.26
N ILE B 660 -42.56 -30.90 8.23
CA ILE B 660 -41.96 -31.53 9.39
C ILE B 660 -42.45 -32.97 9.46
N GLU B 661 -41.53 -33.93 9.30
CA GLU B 661 -41.84 -35.33 9.56
C GLU B 661 -41.41 -35.66 10.99
N LYS B 662 -42.22 -36.46 11.68
CA LYS B 662 -41.96 -36.87 13.06
C LYS B 662 -41.43 -38.30 13.06
N HIS B 663 -40.53 -38.60 13.99
CA HIS B 663 -39.89 -39.91 14.10
C HIS B 663 -40.30 -40.63 15.40
N GLN B 664 -40.41 -41.94 15.33
CA GLN B 664 -40.56 -42.77 16.53
C GLN B 664 -39.17 -42.97 17.14
N VAL B 665 -38.98 -42.46 18.35
CA VAL B 665 -37.67 -42.51 19.03
C VAL B 665 -37.68 -43.28 20.36
N GLY B 666 -38.80 -43.28 21.07
CA GLY B 666 -38.93 -43.96 22.35
C GLY B 666 -38.64 -43.07 23.54
N GLU B 667 -38.98 -43.58 24.72
CA GLU B 667 -38.98 -42.80 25.96
C GLU B 667 -37.57 -42.38 26.38
N TYR B 668 -37.50 -41.23 27.06
CA TYR B 668 -36.24 -40.69 27.56
C TYR B 668 -35.90 -41.36 28.89
N THR B 669 -35.21 -42.51 28.80
CA THR B 669 -34.88 -43.34 29.96
C THR B 669 -33.71 -42.74 30.76
N PRO B 670 -33.90 -42.54 32.08
CA PRO B 670 -32.79 -42.01 32.89
C PRO B 670 -31.67 -43.05 33.04
N THR B 671 -30.41 -42.59 32.93
CA THR B 671 -29.27 -43.46 33.15
C THR B 671 -29.28 -43.89 34.62
N THR B 672 -29.05 -45.17 34.85
CA THR B 672 -29.03 -45.73 36.19
C THR B 672 -27.86 -46.71 36.31
N GLY B 673 -27.24 -46.75 37.48
CA GLY B 673 -26.18 -47.70 37.78
C GLY B 673 -25.00 -47.08 38.51
N GLN B 674 -23.85 -47.74 38.41
CA GLN B 674 -22.63 -47.30 39.09
C GLN B 674 -21.43 -47.36 38.16
N THR B 675 -20.43 -46.53 38.47
CA THR B 675 -19.13 -46.58 37.79
C THR B 675 -18.39 -47.81 38.26
N GLU B 676 -17.24 -48.10 37.64
CA GLU B 676 -16.26 -49.00 38.23
C GLU B 676 -15.64 -48.31 39.44
N ALA B 677 -14.92 -49.06 40.26
CA ALA B 677 -14.10 -48.47 41.30
C ALA B 677 -12.89 -47.82 40.64
N ALA B 678 -12.35 -46.79 41.27
CA ALA B 678 -11.19 -46.07 40.72
C ALA B 678 -9.99 -47.03 40.58
N PRO B 679 -9.55 -47.28 39.34
CA PRO B 679 -8.41 -48.19 39.16
C PRO B 679 -7.07 -47.52 39.48
N THR B 680 -6.03 -48.34 39.65
CA THR B 680 -4.67 -47.87 39.79
C THR B 680 -3.82 -48.55 38.73
N PHE B 681 -2.79 -47.83 38.28
CA PHE B 681 -1.94 -48.27 37.19
C PHE B 681 -0.50 -48.17 37.66
N GLY B 682 0.13 -49.34 37.80
CA GLY B 682 1.46 -49.43 38.36
C GLY B 682 1.49 -49.12 39.85
N ASN B 683 2.70 -49.07 40.39
CA ASN B 683 2.95 -48.80 41.80
C ASN B 683 3.96 -47.66 41.90
N PHE B 684 3.97 -46.99 43.06
CA PHE B 684 4.98 -45.95 43.34
C PHE B 684 5.84 -46.36 44.54
N SER B 685 7.11 -45.95 44.50
CA SER B 685 8.06 -46.24 45.57
C SER B 685 7.68 -45.45 46.82
N GLU B 686 7.72 -46.09 47.98
CA GLU B 686 7.47 -45.42 49.26
C GLU B 686 8.75 -45.02 50.00
N SER B 687 9.91 -45.15 49.34
CA SER B 687 11.20 -44.72 49.89
C SER B 687 11.51 -43.28 49.43
N VAL B 688 11.47 -42.35 50.36
CA VAL B 688 11.69 -40.92 50.09
C VAL B 688 13.05 -40.61 49.41
N GLU B 689 14.05 -41.43 49.73
CA GLU B 689 15.36 -41.39 49.06
C GLU B 689 15.26 -41.36 47.53
N ASP B 690 14.38 -42.19 46.97
CA ASP B 690 14.23 -42.33 45.51
C ASP B 690 13.76 -41.08 44.77
N TYR B 691 13.25 -40.07 45.50
CA TYR B 691 12.66 -38.86 44.92
C TYR B 691 13.54 -37.60 44.99
N VAL B 692 14.74 -37.74 45.56
CA VAL B 692 15.69 -36.63 45.69
C VAL B 692 16.17 -36.18 44.31
N PHE B 693 16.42 -34.87 44.18
CA PHE B 693 16.91 -34.29 42.92
C PHE B 693 18.25 -34.93 42.54
N PRO B 694 18.35 -35.53 41.34
CA PRO B 694 19.58 -36.21 40.96
C PRO B 694 20.61 -35.17 40.47
N ALA B 695 21.27 -34.52 41.42
CA ALA B 695 22.20 -33.43 41.12
C ALA B 695 23.33 -33.87 40.20
N ALA B 696 23.82 -35.09 40.42
CA ALA B 696 24.94 -35.65 39.64
C ALA B 696 24.58 -36.17 38.24
N GLU B 697 23.30 -36.12 37.86
CA GLU B 697 22.84 -36.53 36.51
C GLU B 697 22.62 -35.31 35.59
N PHE B 698 22.03 -34.25 36.14
CA PHE B 698 21.93 -32.97 35.46
C PHE B 698 21.74 -31.85 36.49
N PRO B 699 22.16 -30.60 36.14
CA PRO B 699 22.05 -29.50 37.10
C PRO B 699 20.63 -28.91 37.21
N TYR B 700 20.35 -28.30 38.36
CA TYR B 700 19.08 -27.64 38.63
C TYR B 700 19.05 -26.31 37.88
N VAL B 701 18.13 -26.19 36.91
CA VAL B 701 18.00 -24.97 36.09
C VAL B 701 17.15 -23.93 36.82
N TYR B 702 17.67 -22.70 36.85
CA TYR B 702 17.02 -21.59 37.58
C TYR B 702 15.56 -21.39 37.14
N GLN B 703 14.66 -21.28 38.12
CA GLN B 703 13.20 -21.15 37.93
C GLN B 703 12.47 -22.30 37.22
N PHE B 704 13.14 -23.42 36.95
CA PHE B 704 12.54 -24.55 36.24
C PHE B 704 11.79 -25.37 37.29
N ILE B 705 10.65 -25.93 36.90
CA ILE B 705 9.77 -26.65 37.82
C ILE B 705 9.95 -28.15 37.60
N TYR B 706 10.40 -28.81 38.67
CA TYR B 706 10.73 -30.23 38.66
C TYR B 706 9.78 -31.01 39.59
N PRO B 707 9.70 -32.35 39.44
CA PRO B 707 8.94 -33.21 40.36
C PRO B 707 9.72 -33.68 41.61
N TYR B 708 11.02 -33.41 41.65
CA TYR B 708 11.90 -33.98 42.67
C TYR B 708 11.81 -33.20 43.97
N LEU B 709 12.11 -33.89 45.08
CA LEU B 709 12.31 -33.27 46.40
C LEU B 709 13.77 -32.80 46.53
N ASN B 710 14.00 -31.66 47.19
CA ASN B 710 15.37 -31.16 47.45
C ASN B 710 16.11 -32.02 48.49
N SER B 711 15.38 -32.67 49.40
CA SER B 711 15.99 -33.59 50.38
C SER B 711 15.01 -34.68 50.83
N THR B 712 15.48 -35.59 51.68
CA THR B 712 14.63 -36.64 52.26
C THR B 712 13.78 -36.20 53.46
N ASP B 713 13.73 -34.89 53.73
CA ASP B 713 12.77 -34.30 54.66
C ASP B 713 11.60 -33.70 53.86
N MET B 714 10.41 -34.26 54.06
CA MET B 714 9.25 -33.91 53.23
C MET B 714 8.75 -32.49 53.50
N SER B 715 8.51 -32.17 54.77
CA SER B 715 8.08 -30.83 55.18
C SER B 715 9.00 -29.70 54.72
N ALA B 716 10.32 -29.94 54.74
CA ALA B 716 11.30 -28.95 54.25
C ALA B 716 11.28 -28.81 52.73
N SER B 717 11.24 -29.96 52.05
CA SER B 717 11.13 -30.00 50.57
C SER B 717 9.88 -29.28 50.03
N SER B 718 8.79 -29.30 50.80
CA SER B 718 7.57 -28.59 50.42
C SER B 718 7.76 -27.07 50.42
N GLY B 719 8.48 -26.55 51.43
CA GLY B 719 8.63 -25.10 51.61
C GLY B 719 7.29 -24.39 51.80
N ASP B 720 6.36 -25.11 52.44
CA ASP B 720 4.97 -24.68 52.61
C ASP B 720 4.78 -24.45 54.10
N ALA B 721 4.55 -23.20 54.48
CA ALA B 721 4.38 -22.83 55.89
C ALA B 721 3.10 -23.39 56.55
N GLN B 722 2.17 -23.93 55.76
CA GLN B 722 0.95 -24.58 56.27
C GLN B 722 0.95 -26.12 56.07
N TYR B 723 2.11 -26.70 55.75
CA TYR B 723 2.25 -28.16 55.56
C TYR B 723 1.88 -28.95 56.82
N GLY B 724 1.20 -30.09 56.64
CA GLY B 724 0.91 -31.00 57.75
C GLY B 724 -0.49 -31.57 57.93
N GLN B 725 -1.49 -31.05 57.23
CA GLN B 725 -2.87 -31.55 57.37
C GLN B 725 -3.18 -32.67 56.37
N THR B 726 -4.01 -33.63 56.79
CA THR B 726 -4.49 -34.70 55.91
C THR B 726 -5.63 -34.17 55.06
N ALA B 727 -6.02 -34.95 54.05
CA ALA B 727 -7.13 -34.59 53.14
C ALA B 727 -8.48 -34.47 53.88
N GLU B 728 -8.66 -35.26 54.93
CA GLU B 728 -9.93 -35.34 55.66
C GLU B 728 -10.28 -34.04 56.39
N GLU B 729 -9.28 -33.19 56.67
CA GLU B 729 -9.52 -31.93 57.41
C GLU B 729 -9.41 -30.61 56.64
N PHE B 730 -8.87 -30.62 55.42
CA PHE B 730 -8.94 -29.40 54.57
C PHE B 730 -9.68 -29.55 53.23
N LEU B 731 -9.93 -30.79 52.78
CA LEU B 731 -10.80 -31.05 51.63
C LEU B 731 -12.21 -31.41 52.08
N PRO B 732 -13.20 -31.27 51.17
CA PRO B 732 -14.55 -31.67 51.56
C PRO B 732 -14.76 -33.19 51.53
N PRO B 733 -15.94 -33.67 51.98
CA PRO B 733 -16.22 -35.11 52.03
C PRO B 733 -16.09 -35.82 50.68
N LYS B 734 -15.55 -37.03 50.71
CA LYS B 734 -15.35 -37.91 49.54
C LYS B 734 -14.31 -37.45 48.52
N ALA B 735 -13.45 -36.49 48.88
CA ALA B 735 -12.37 -36.05 48.00
C ALA B 735 -11.42 -37.19 47.60
N ASN B 736 -11.11 -38.08 48.56
CA ASN B 736 -10.23 -39.24 48.34
C ASN B 736 -10.99 -40.58 48.27
N ASP B 737 -12.28 -40.56 47.92
CA ASP B 737 -13.08 -41.77 47.87
C ASP B 737 -13.00 -42.41 46.48
N GLY B 738 -12.24 -43.51 46.38
CA GLY B 738 -12.08 -44.25 45.12
C GLY B 738 -13.11 -45.34 44.85
N SER B 739 -14.10 -45.49 45.74
CA SER B 739 -15.15 -46.51 45.59
C SER B 739 -16.10 -46.16 44.44
N ALA B 740 -16.82 -47.16 43.95
CA ALA B 740 -17.80 -47.00 42.87
C ALA B 740 -18.82 -45.93 43.23
N GLN B 741 -19.18 -45.12 42.24
CA GLN B 741 -20.11 -43.99 42.42
C GLN B 741 -21.38 -44.17 41.57
N PRO B 742 -22.54 -43.73 42.10
CA PRO B 742 -23.78 -43.80 41.31
C PRO B 742 -23.79 -42.83 40.11
N LEU B 743 -24.33 -43.27 38.99
CA LEU B 743 -24.37 -42.46 37.77
C LEU B 743 -25.51 -41.45 37.85
N LEU B 744 -25.30 -40.27 37.25
CA LEU B 744 -26.34 -39.26 37.14
C LEU B 744 -27.27 -39.64 36.00
N ARG B 745 -28.57 -39.39 36.18
CA ARG B 745 -29.58 -39.67 35.17
C ARG B 745 -29.38 -38.90 33.86
N SER B 746 -28.89 -37.66 33.96
CA SER B 746 -28.62 -36.83 32.78
C SER B 746 -27.39 -37.27 31.99
N SER B 747 -26.50 -38.05 32.62
CA SER B 747 -25.31 -38.57 31.95
C SER B 747 -25.63 -39.69 30.96
N GLY B 748 -24.62 -40.10 30.21
CA GLY B 748 -24.71 -41.22 29.27
C GLY B 748 -23.82 -42.35 29.73
N LEU B 749 -24.34 -43.57 29.69
CA LEU B 749 -23.54 -44.76 30.01
C LEU B 749 -22.58 -45.02 28.85
N HIS B 750 -21.28 -44.86 29.11
CA HIS B 750 -20.24 -44.97 28.07
C HIS B 750 -20.37 -43.94 26.92
N HIS B 751 -21.12 -42.87 27.15
CA HIS B 751 -21.47 -41.91 26.10
C HIS B 751 -21.23 -40.49 26.60
N PRO B 752 -20.05 -39.92 26.30
CA PRO B 752 -19.79 -38.53 26.68
C PRO B 752 -20.76 -37.55 26.01
N GLY B 753 -21.09 -36.48 26.74
CA GLY B 753 -21.95 -35.40 26.26
C GLY B 753 -23.42 -35.51 26.69
N GLY B 754 -23.68 -36.35 27.68
CA GLY B 754 -25.02 -36.56 28.22
C GLY B 754 -25.67 -37.84 27.73
N ASN B 755 -26.81 -38.15 28.36
CA ASN B 755 -27.67 -39.28 27.98
C ASN B 755 -27.82 -39.35 26.44
N PRO B 756 -27.45 -40.50 25.81
CA PRO B 756 -27.50 -40.59 24.33
C PRO B 756 -28.89 -40.37 23.71
N ALA B 757 -29.94 -40.66 24.46
CA ALA B 757 -31.31 -40.38 24.04
C ALA B 757 -31.59 -38.87 23.80
N LEU B 758 -30.74 -37.99 24.33
CA LEU B 758 -30.77 -36.55 23.96
C LEU B 758 -30.53 -36.29 22.48
N TYR B 759 -29.81 -37.18 21.81
CA TYR B 759 -29.43 -37.03 20.41
C TYR B 759 -30.22 -37.92 19.46
N ASP B 760 -31.35 -38.47 19.92
CA ASP B 760 -32.32 -39.12 19.04
C ASP B 760 -32.96 -38.08 18.14
N ILE B 761 -32.95 -38.34 16.84
CA ILE B 761 -33.54 -37.43 15.86
C ILE B 761 -35.07 -37.57 15.94
N MET B 762 -35.71 -36.57 16.57
CA MET B 762 -37.16 -36.56 16.76
C MET B 762 -37.95 -35.99 15.59
N TYR B 763 -37.44 -34.90 15.00
CA TYR B 763 -38.08 -34.28 13.83
C TYR B 763 -37.06 -34.05 12.74
N THR B 764 -37.54 -34.00 11.49
CA THR B 764 -36.75 -33.61 10.33
C THR B 764 -37.51 -32.49 9.64
N VAL B 765 -36.94 -31.29 9.64
CA VAL B 765 -37.55 -30.12 9.00
C VAL B 765 -36.98 -29.96 7.60
N THR B 766 -37.86 -29.67 6.64
CA THR B 766 -37.46 -29.43 5.25
C THR B 766 -38.19 -28.23 4.68
N ALA B 767 -37.56 -27.59 3.70
CA ALA B 767 -38.11 -26.41 3.03
C ALA B 767 -37.39 -26.18 1.70
N ASP B 768 -38.11 -25.65 0.72
CA ASP B 768 -37.54 -25.34 -0.58
C ASP B 768 -37.12 -23.87 -0.63
N ILE B 769 -35.93 -23.64 -1.19
CA ILE B 769 -35.36 -22.30 -1.34
C ILE B 769 -35.10 -22.09 -2.83
N THR B 770 -35.67 -21.02 -3.37
CA THR B 770 -35.57 -20.70 -4.78
C THR B 770 -34.76 -19.41 -4.94
N ASN B 771 -33.89 -19.39 -5.94
CA ASN B 771 -33.14 -18.19 -6.29
C ASN B 771 -33.98 -17.40 -7.29
N THR B 772 -34.60 -16.33 -6.81
CA THR B 772 -35.50 -15.51 -7.64
C THR B 772 -34.77 -14.39 -8.42
N GLY B 773 -33.48 -14.19 -8.16
CA GLY B 773 -32.69 -13.16 -8.86
C GLY B 773 -31.93 -13.68 -10.06
N LYS B 774 -31.05 -12.83 -10.60
CA LYS B 774 -30.31 -13.10 -11.85
C LYS B 774 -28.96 -13.81 -11.69
N VAL B 775 -28.41 -13.82 -10.47
CA VAL B 775 -27.05 -14.26 -10.23
C VAL B 775 -27.03 -15.48 -9.28
N ALA B 776 -26.09 -16.40 -9.53
CA ALA B 776 -25.87 -17.53 -8.64
C ALA B 776 -25.36 -17.03 -7.30
N GLY B 777 -25.79 -17.69 -6.23
CA GLY B 777 -25.40 -17.28 -4.90
C GLY B 777 -25.68 -18.33 -3.86
N ASP B 778 -25.10 -18.12 -2.69
CA ASP B 778 -25.28 -18.99 -1.55
C ASP B 778 -26.30 -18.38 -0.62
N GLU B 779 -27.11 -19.23 0.01
CA GLU B 779 -28.11 -18.80 0.99
C GLU B 779 -27.86 -19.48 2.31
N VAL B 780 -28.19 -18.77 3.39
CA VAL B 780 -28.06 -19.30 4.76
C VAL B 780 -29.46 -19.43 5.37
N PRO B 781 -30.20 -20.51 5.00
CA PRO B 781 -31.48 -20.74 5.65
C PRO B 781 -31.27 -21.17 7.09
N GLN B 782 -32.07 -20.64 8.00
CA GLN B 782 -31.94 -20.92 9.42
C GLN B 782 -33.21 -21.55 9.96
N LEU B 783 -33.06 -22.39 10.98
CA LEU B 783 -34.16 -23.06 11.65
C LEU B 783 -34.20 -22.52 13.09
N TYR B 784 -35.35 -21.97 13.47
CA TYR B 784 -35.59 -21.48 14.83
C TYR B 784 -36.78 -22.22 15.45
N VAL B 785 -36.76 -22.37 16.78
CA VAL B 785 -37.91 -22.97 17.50
C VAL B 785 -38.42 -22.08 18.63
N SER B 786 -39.75 -22.00 18.74
CA SER B 786 -40.40 -21.46 19.94
C SER B 786 -40.69 -22.64 20.84
N LEU B 787 -40.15 -22.61 22.05
CA LEU B 787 -40.29 -23.73 22.99
C LEU B 787 -41.58 -23.65 23.83
N GLY B 788 -42.30 -22.53 23.73
CA GLY B 788 -43.49 -22.29 24.56
C GLY B 788 -43.04 -21.99 25.98
N GLY B 789 -43.96 -21.52 26.80
CA GLY B 789 -43.68 -21.30 28.22
C GLY B 789 -43.30 -19.87 28.51
N PRO B 790 -43.71 -19.34 29.68
CA PRO B 790 -43.67 -17.91 29.97
C PRO B 790 -42.27 -17.30 30.01
N GLU B 791 -41.27 -18.09 30.37
CA GLU B 791 -39.87 -17.61 30.50
C GLU B 791 -38.89 -18.16 29.44
N ASP B 792 -39.41 -18.77 28.37
CA ASP B 792 -38.58 -19.15 27.21
C ASP B 792 -38.55 -18.01 26.17
N PRO B 793 -37.42 -17.84 25.44
CA PRO B 793 -37.38 -16.79 24.42
C PRO B 793 -38.30 -17.11 23.25
N LYS B 794 -38.76 -16.08 22.55
CA LYS B 794 -39.67 -16.27 21.41
C LYS B 794 -39.10 -17.30 20.43
N VAL B 795 -37.86 -17.09 20.01
CA VAL B 795 -37.15 -18.04 19.15
C VAL B 795 -35.73 -18.30 19.62
N VAL B 796 -35.25 -19.51 19.35
CA VAL B 796 -33.84 -19.88 19.55
C VAL B 796 -33.38 -20.67 18.33
N LEU B 797 -32.17 -20.39 17.85
CA LEU B 797 -31.59 -21.10 16.70
C LEU B 797 -31.34 -22.56 17.03
N ARG B 798 -31.75 -23.45 16.14
CA ARG B 798 -31.50 -24.89 16.28
C ARG B 798 -30.98 -25.58 15.01
N GLY B 799 -30.75 -24.83 13.94
CA GLY B 799 -30.21 -25.40 12.71
C GLY B 799 -29.90 -24.34 11.70
N PHE B 800 -29.09 -24.71 10.72
CA PHE B 800 -28.80 -23.85 9.56
C PHE B 800 -28.06 -24.65 8.50
N ASP B 801 -27.91 -24.06 7.33
CA ASP B 801 -27.03 -24.61 6.32
C ASP B 801 -26.54 -23.49 5.38
N ARG B 802 -25.56 -23.84 4.54
CA ARG B 802 -25.03 -22.96 3.50
CA ARG B 802 -25.05 -22.95 3.50
C ARG B 802 -25.19 -23.68 2.17
N LEU B 803 -26.17 -23.22 1.36
CA LEU B 803 -26.54 -23.91 0.12
C LEU B 803 -26.33 -23.04 -1.12
N ARG B 804 -25.74 -23.63 -2.16
CA ARG B 804 -25.55 -23.00 -3.46
C ARG B 804 -26.82 -23.13 -4.30
N VAL B 805 -27.32 -22.01 -4.82
CA VAL B 805 -28.54 -21.99 -5.64
C VAL B 805 -28.29 -21.18 -6.91
N GLU B 806 -28.44 -21.83 -8.07
CA GLU B 806 -28.34 -21.16 -9.37
C GLU B 806 -29.59 -20.33 -9.64
N PRO B 807 -29.53 -19.36 -10.60
CA PRO B 807 -30.71 -18.54 -10.87
C PRO B 807 -31.88 -19.37 -11.43
N GLY B 808 -33.05 -19.25 -10.80
CA GLY B 808 -34.23 -20.07 -11.16
C GLY B 808 -34.26 -21.49 -10.61
N GLU B 809 -33.20 -21.90 -9.91
CA GLU B 809 -33.09 -23.24 -9.36
C GLU B 809 -33.79 -23.29 -7.99
N LYS B 810 -34.30 -24.47 -7.65
CA LYS B 810 -34.95 -24.76 -6.39
C LYS B 810 -34.13 -25.83 -5.68
N VAL B 811 -33.81 -25.59 -4.41
CA VAL B 811 -32.96 -26.49 -3.61
C VAL B 811 -33.63 -26.72 -2.25
N GLN B 812 -33.48 -27.94 -1.72
CA GLN B 812 -34.07 -28.31 -0.44
C GLN B 812 -33.10 -28.02 0.72
N PHE B 813 -33.63 -27.42 1.79
CA PHE B 813 -32.91 -27.22 3.05
C PHE B 813 -33.40 -28.29 4.04
N LYS B 814 -32.48 -29.16 4.48
CA LYS B 814 -32.81 -30.24 5.44
C LYS B 814 -32.07 -30.05 6.77
N ALA B 815 -32.81 -30.05 7.87
CA ALA B 815 -32.24 -29.92 9.21
C ALA B 815 -33.05 -30.73 10.24
N VAL B 816 -32.34 -31.47 11.09
CA VAL B 816 -32.98 -32.30 12.11
C VAL B 816 -33.07 -31.56 13.45
N LEU B 817 -33.98 -32.03 14.29
CA LEU B 817 -34.16 -31.57 15.66
C LEU B 817 -34.05 -32.79 16.60
N THR B 818 -33.03 -32.79 17.45
CA THR B 818 -32.87 -33.84 18.45
C THR B 818 -33.83 -33.61 19.63
N ARG B 819 -33.84 -34.55 20.57
CA ARG B 819 -34.57 -34.39 21.83
C ARG B 819 -34.04 -33.21 22.62
N ARG B 820 -32.71 -33.12 22.68
CA ARG B 820 -32.03 -31.96 23.30
C ARG B 820 -32.52 -30.63 22.70
N ASP B 821 -32.66 -30.60 21.38
CA ASP B 821 -33.10 -29.39 20.64
C ASP B 821 -34.48 -28.83 21.04
N VAL B 822 -35.37 -29.69 21.54
CA VAL B 822 -36.70 -29.26 21.97
C VAL B 822 -36.92 -29.37 23.49
N SER B 823 -35.84 -29.64 24.24
CA SER B 823 -35.93 -29.83 25.69
C SER B 823 -35.58 -28.55 26.47
N SER B 824 -35.82 -28.61 27.78
CA SER B 824 -35.50 -27.54 28.72
C SER B 824 -34.90 -28.16 29.98
N TRP B 825 -34.00 -27.43 30.65
CA TRP B 825 -33.36 -27.94 31.86
C TRP B 825 -34.26 -27.77 33.08
N ASP B 826 -34.68 -28.89 33.65
CA ASP B 826 -35.43 -28.92 34.90
C ASP B 826 -34.42 -29.05 36.04
N THR B 827 -34.26 -27.96 36.79
CA THR B 827 -33.35 -27.92 37.94
C THR B 827 -33.74 -28.86 39.09
N VAL B 828 -35.05 -29.07 39.28
CA VAL B 828 -35.56 -29.97 40.33
C VAL B 828 -35.18 -31.41 40.00
N LYS B 829 -35.55 -31.83 38.79
CA LYS B 829 -35.28 -33.17 38.28
C LYS B 829 -33.79 -33.44 38.01
N GLN B 830 -33.02 -32.38 37.72
CA GLN B 830 -31.62 -32.48 37.27
C GLN B 830 -31.54 -33.30 35.99
N ASP B 831 -32.41 -32.95 35.04
CA ASP B 831 -32.43 -33.60 33.75
C ASP B 831 -33.19 -32.74 32.75
N TRP B 832 -33.05 -33.08 31.47
CA TRP B 832 -33.74 -32.41 30.40
C TRP B 832 -35.17 -32.96 30.28
N VAL B 833 -36.13 -32.07 29.99
CA VAL B 833 -37.54 -32.46 29.81
C VAL B 833 -38.20 -31.66 28.68
N ILE B 834 -38.95 -32.36 27.83
CA ILE B 834 -39.77 -31.72 26.79
C ILE B 834 -41.01 -31.22 27.52
N THR B 835 -41.16 -29.92 27.65
CA THR B 835 -42.30 -29.35 28.39
C THR B 835 -43.61 -29.50 27.60
N GLU B 836 -44.73 -29.52 28.32
CA GLU B 836 -46.06 -29.72 27.69
C GLU B 836 -46.58 -28.52 26.89
N TYR B 837 -45.91 -27.37 27.01
CA TYR B 837 -46.21 -26.18 26.19
C TYR B 837 -46.06 -26.46 24.70
N ALA B 838 -46.90 -25.81 23.91
CA ALA B 838 -46.88 -25.96 22.45
C ALA B 838 -45.58 -25.39 21.88
N LYS B 839 -45.08 -26.06 20.83
CA LYS B 839 -43.83 -25.70 20.18
C LYS B 839 -44.05 -25.39 18.71
N LYS B 840 -43.32 -24.41 18.21
CA LYS B 840 -43.38 -24.01 16.79
C LYS B 840 -42.01 -24.07 16.15
N VAL B 841 -41.99 -24.39 14.85
CA VAL B 841 -40.79 -24.39 14.01
C VAL B 841 -40.88 -23.22 13.03
N TYR B 842 -39.81 -22.42 12.94
CA TYR B 842 -39.71 -21.34 11.95
C TYR B 842 -38.49 -21.57 11.06
N VAL B 843 -38.64 -21.22 9.79
CA VAL B 843 -37.55 -21.28 8.83
C VAL B 843 -37.53 -19.98 8.05
N GLY B 844 -36.33 -19.39 7.92
CA GLY B 844 -36.17 -18.15 7.15
C GLY B 844 -34.72 -17.71 7.01
N PRO B 845 -34.50 -16.56 6.35
CA PRO B 845 -33.14 -16.03 6.18
C PRO B 845 -32.57 -15.21 7.36
N SER B 846 -33.33 -15.03 8.44
CA SER B 846 -32.80 -14.42 9.67
C SER B 846 -33.68 -14.77 10.86
N SER B 847 -33.28 -14.31 12.06
CA SER B 847 -34.05 -14.53 13.28
C SER B 847 -35.36 -13.75 13.36
N ARG B 848 -35.50 -12.70 12.54
CA ARG B 848 -36.77 -11.95 12.44
C ARG B 848 -37.53 -12.16 11.13
N LYS B 849 -36.83 -12.47 10.05
CA LYS B 849 -37.48 -12.84 8.79
C LYS B 849 -37.94 -14.29 8.84
N LEU B 850 -39.06 -14.53 9.51
CA LEU B 850 -39.57 -15.88 9.71
C LEU B 850 -40.63 -16.17 8.64
N ASP B 851 -40.13 -16.56 7.45
CA ASP B 851 -40.95 -16.67 6.24
C ASP B 851 -41.86 -17.91 6.20
N LEU B 852 -41.51 -18.93 7.00
CA LEU B 852 -42.29 -20.16 7.10
C LEU B 852 -42.49 -20.54 8.57
N GLU B 853 -43.64 -21.12 8.91
CA GLU B 853 -43.95 -21.49 10.29
C GLU B 853 -44.91 -22.69 10.37
N GLU B 854 -44.67 -23.55 11.35
CA GLU B 854 -45.54 -24.70 11.59
C GLU B 854 -45.37 -25.19 13.03
N VAL B 855 -46.51 -25.52 13.66
CA VAL B 855 -46.52 -26.12 14.99
C VAL B 855 -45.87 -27.51 14.91
N LEU B 856 -45.08 -27.88 15.93
CA LEU B 856 -44.49 -29.22 16.03
C LEU B 856 -45.55 -30.27 16.36
N PRO B 857 -45.64 -31.37 15.57
CA PRO B 857 -46.60 -32.47 15.83
C PRO B 857 -46.60 -33.02 17.26
#